data_5BMH
# 
_entry.id   5BMH 
# 
_audit_conform.dict_name       mmcif_pdbx.dic 
_audit_conform.dict_version    5.398 
_audit_conform.dict_location   http://mmcif.pdb.org/dictionaries/ascii/mmcif_pdbx.dic 
# 
loop_
_database_2.database_id 
_database_2.database_code 
_database_2.pdbx_database_accession 
_database_2.pdbx_DOI 
PDB   5BMH         pdb_00005bmh 10.2210/pdb5bmh/pdb 
WWPDB D_1000210165 ?            ?                   
# 
loop_
_pdbx_audit_revision_history.ordinal 
_pdbx_audit_revision_history.data_content_type 
_pdbx_audit_revision_history.major_revision 
_pdbx_audit_revision_history.minor_revision 
_pdbx_audit_revision_history.revision_date 
1 'Structure model' 1 0 2016-04-06 
2 'Structure model' 1 1 2016-05-04 
3 'Structure model' 1 2 2017-09-13 
4 'Structure model' 1 3 2019-11-27 
5 'Structure model' 1 4 2023-09-27 
6 'Structure model' 1 5 2024-05-01 
7 'Structure model' 1 6 2024-11-06 
# 
_pdbx_audit_revision_details.ordinal             1 
_pdbx_audit_revision_details.revision_ordinal    1 
_pdbx_audit_revision_details.data_content_type   'Structure model' 
_pdbx_audit_revision_details.provider            repository 
_pdbx_audit_revision_details.type                'Initial release' 
_pdbx_audit_revision_details.description         ? 
_pdbx_audit_revision_details.details             ? 
# 
loop_
_pdbx_audit_revision_group.ordinal 
_pdbx_audit_revision_group.revision_ordinal 
_pdbx_audit_revision_group.data_content_type 
_pdbx_audit_revision_group.group 
1  2 'Structure model' 'Database references'        
2  3 'Structure model' 'Author supporting evidence' 
3  3 'Structure model' 'Database references'        
4  3 'Structure model' 'Derived calculations'       
5  4 'Structure model' 'Author supporting evidence' 
6  5 'Structure model' 'Data collection'            
7  5 'Structure model' 'Database references'        
8  5 'Structure model' 'Refinement description'     
9  6 'Structure model' Advisory                     
10 6 'Structure model' 'Derived calculations'       
11 7 'Structure model' 'Structure summary'          
# 
loop_
_pdbx_audit_revision_category.ordinal 
_pdbx_audit_revision_category.revision_ordinal 
_pdbx_audit_revision_category.data_content_type 
_pdbx_audit_revision_category.category 
1  3 'Structure model' citation                      
2  3 'Structure model' pdbx_audit_support            
3  3 'Structure model' pdbx_struct_oper_list         
4  4 'Structure model' pdbx_audit_support            
5  5 'Structure model' chem_comp_atom                
6  5 'Structure model' chem_comp_bond                
7  5 'Structure model' database_2                    
8  5 'Structure model' pdbx_initial_refinement_model 
9  6 'Structure model' pdbx_unobs_or_zero_occ_atoms  
10 6 'Structure model' struct_conn                   
11 6 'Structure model' struct_conn_type              
12 7 'Structure model' pdbx_entry_details            
13 7 'Structure model' pdbx_modification_feature     
# 
loop_
_pdbx_audit_revision_item.ordinal 
_pdbx_audit_revision_item.revision_ordinal 
_pdbx_audit_revision_item.data_content_type 
_pdbx_audit_revision_item.item 
1  3 'Structure model' '_citation.journal_id_CSD'                  
2  3 'Structure model' '_pdbx_audit_support.funding_organization'  
3  3 'Structure model' '_pdbx_struct_oper_list.symmetry_operation' 
4  4 'Structure model' '_pdbx_audit_support.funding_organization'  
5  5 'Structure model' '_database_2.pdbx_DOI'                      
6  5 'Structure model' '_database_2.pdbx_database_accession'       
7  6 'Structure model' '_struct_conn.conn_type_id'                 
8  6 'Structure model' '_struct_conn.id'                           
9  6 'Structure model' '_struct_conn.pdbx_leaving_atom_flag'       
10 6 'Structure model' '_struct_conn_type.id'                      
# 
_pdbx_database_status.status_code                     REL 
_pdbx_database_status.status_code_sf                  REL 
_pdbx_database_status.status_code_mr                  ? 
_pdbx_database_status.entry_id                        5BMH 
_pdbx_database_status.recvd_initial_deposition_date   2015-05-22 
_pdbx_database_status.SG_entry                        N 
_pdbx_database_status.deposit_site                    RCSB 
_pdbx_database_status.process_site                    RCSB 
_pdbx_database_status.status_code_cs                  ? 
_pdbx_database_status.methods_development_category    ? 
_pdbx_database_status.pdb_format_compatible           Y 
_pdbx_database_status.status_code_nmr_data            ? 
# 
loop_
_pdbx_database_related.content_type 
_pdbx_database_related.db_id 
_pdbx_database_related.db_name 
_pdbx_database_related.details 
unspecified 5BMG PDB . 
unspecified 5BMI PDB . 
# 
loop_
_audit_author.name 
_audit_author.pdbx_ordinal 
_audit_author.identifier_ORCID 
'Cunningham, T.C.' 1 ? 
'Horne, W.S.'      2 ? 
'Saxena, S.'       3 ? 
# 
_citation.abstract                  ? 
_citation.abstract_id_CAS           ? 
_citation.book_id_ISBN              ? 
_citation.book_publisher            ? 
_citation.book_publisher_city       ? 
_citation.book_title                ? 
_citation.coordinate_linkage        ? 
_citation.country                   US 
_citation.database_id_Medline       ? 
_citation.details                   ? 
_citation.id                        primary 
_citation.journal_abbrev            'Protein Sci.' 
_citation.journal_id_ASTM           PRCIEI 
_citation.journal_id_CSD            0795 
_citation.journal_id_ISSN           1469-896X 
_citation.journal_full              ? 
_citation.journal_issue             ? 
_citation.journal_volume            25 
_citation.language                  ? 
_citation.page_first                1049 
_citation.page_last                 1060 
_citation.title                     'Rotameric preferences of a protein spin label at edge-strand beta-sheet sites.' 
_citation.year                      2016 
_citation.database_id_CSD           ? 
_citation.pdbx_database_id_DOI      10.1002/pro.2918 
_citation.pdbx_database_id_PubMed   26948069 
_citation.unpublished_flag          ? 
# 
loop_
_citation_author.citation_id 
_citation_author.name 
_citation_author.ordinal 
_citation_author.identifier_ORCID 
primary 'Cunningham, T.F.' 1 ? 
primary 'Pornsuwan, S.'    2 ? 
primary 'Horne, W.S.'      3 ? 
primary 'Saxena, S.'       4 ? 
# 
loop_
_entity.id 
_entity.type 
_entity.src_method 
_entity.pdbx_description 
_entity.formula_weight 
_entity.pdbx_number_of_molecules 
_entity.pdbx_ec 
_entity.pdbx_mutation 
_entity.pdbx_fragment 
_entity.details 
1 polymer     man 'Immunoglobulin G-binding protein G'                                                      6230.848 1  ? T44C 
'UNP residues 304-357' ? 
2 non-polymer man 'S-[(1-oxyl-2,2,5,5-tetramethyl-2,5-dihydro-1H-pyrrol-3-yl)methyl] methanesulfonothioate' 264.385  1  ? ?    ? ? 
3 water       nat water                                                                                     18.015   96 ? ?    ? ? 
# 
_entity_name_com.entity_id   1 
_entity_name_com.name        'IgG-binding protein G' 
# 
_entity_poly.entity_id                      1 
_entity_poly.type                           'polypeptide(L)' 
_entity_poly.nstd_linkage                   no 
_entity_poly.nstd_monomer                   no 
_entity_poly.pdbx_seq_one_letter_code       MQYKLILNGKTLKGETTTEAVDAATAEKVFKQYANDNGVDGEWCYDDATKTFTVTE 
_entity_poly.pdbx_seq_one_letter_code_can   MQYKLILNGKTLKGETTTEAVDAATAEKVFKQYANDNGVDGEWCYDDATKTFTVTE 
_entity_poly.pdbx_strand_id                 A 
_entity_poly.pdbx_target_identifier         ? 
# 
loop_
_pdbx_entity_nonpoly.entity_id 
_pdbx_entity_nonpoly.name 
_pdbx_entity_nonpoly.comp_id 
2 'S-[(1-oxyl-2,2,5,5-tetramethyl-2,5-dihydro-1H-pyrrol-3-yl)methyl] methanesulfonothioate' MTN 
3 water                                                                                     HOH 
# 
loop_
_entity_poly_seq.entity_id 
_entity_poly_seq.num 
_entity_poly_seq.mon_id 
_entity_poly_seq.hetero 
1 1  MET n 
1 2  GLN n 
1 3  TYR n 
1 4  LYS n 
1 5  LEU n 
1 6  ILE n 
1 7  LEU n 
1 8  ASN n 
1 9  GLY n 
1 10 LYS n 
1 11 THR n 
1 12 LEU n 
1 13 LYS n 
1 14 GLY n 
1 15 GLU n 
1 16 THR n 
1 17 THR n 
1 18 THR n 
1 19 GLU n 
1 20 ALA n 
1 21 VAL n 
1 22 ASP n 
1 23 ALA n 
1 24 ALA n 
1 25 THR n 
1 26 ALA n 
1 27 GLU n 
1 28 LYS n 
1 29 VAL n 
1 30 PHE n 
1 31 LYS n 
1 32 GLN n 
1 33 TYR n 
1 34 ALA n 
1 35 ASN n 
1 36 ASP n 
1 37 ASN n 
1 38 GLY n 
1 39 VAL n 
1 40 ASP n 
1 41 GLY n 
1 42 GLU n 
1 43 TRP n 
1 44 CYS n 
1 45 TYR n 
1 46 ASP n 
1 47 ASP n 
1 48 ALA n 
1 49 THR n 
1 50 LYS n 
1 51 THR n 
1 52 PHE n 
1 53 THR n 
1 54 VAL n 
1 55 THR n 
1 56 GLU n 
# 
_entity_src_gen.entity_id                          1 
_entity_src_gen.pdbx_src_id                        1 
_entity_src_gen.pdbx_alt_source_flag               sample 
_entity_src_gen.pdbx_seq_type                      'Biological sequence' 
_entity_src_gen.pdbx_beg_seq_num                   1 
_entity_src_gen.pdbx_end_seq_num                   56 
_entity_src_gen.gene_src_common_name               ? 
_entity_src_gen.gene_src_genus                     ? 
_entity_src_gen.pdbx_gene_src_gene                 spg 
_entity_src_gen.gene_src_species                   ? 
_entity_src_gen.gene_src_strain                    ? 
_entity_src_gen.gene_src_tissue                    ? 
_entity_src_gen.gene_src_tissue_fraction           ? 
_entity_src_gen.gene_src_details                   ? 
_entity_src_gen.pdbx_gene_src_fragment             ? 
_entity_src_gen.pdbx_gene_src_scientific_name      'Streptococcus sp. group G' 
_entity_src_gen.pdbx_gene_src_ncbi_taxonomy_id     1320 
_entity_src_gen.pdbx_gene_src_variant              ? 
_entity_src_gen.pdbx_gene_src_cell_line            ? 
_entity_src_gen.pdbx_gene_src_atcc                 ? 
_entity_src_gen.pdbx_gene_src_organ                ? 
_entity_src_gen.pdbx_gene_src_organelle            ? 
_entity_src_gen.pdbx_gene_src_cell                 ? 
_entity_src_gen.pdbx_gene_src_cellular_location    ? 
_entity_src_gen.host_org_common_name               ? 
_entity_src_gen.pdbx_host_org_scientific_name      'Escherichia coli' 
_entity_src_gen.pdbx_host_org_ncbi_taxonomy_id     562 
_entity_src_gen.host_org_genus                     ? 
_entity_src_gen.pdbx_host_org_gene                 ? 
_entity_src_gen.pdbx_host_org_organ                ? 
_entity_src_gen.host_org_species                   ? 
_entity_src_gen.pdbx_host_org_tissue               ? 
_entity_src_gen.pdbx_host_org_tissue_fraction      ? 
_entity_src_gen.pdbx_host_org_strain               ? 
_entity_src_gen.pdbx_host_org_variant              ? 
_entity_src_gen.pdbx_host_org_cell_line            ? 
_entity_src_gen.pdbx_host_org_atcc                 ? 
_entity_src_gen.pdbx_host_org_culture_collection   ? 
_entity_src_gen.pdbx_host_org_cell                 ? 
_entity_src_gen.pdbx_host_org_organelle            ? 
_entity_src_gen.pdbx_host_org_cellular_location    ? 
_entity_src_gen.pdbx_host_org_vector_type          ? 
_entity_src_gen.pdbx_host_org_vector               ? 
_entity_src_gen.host_org_details                   ? 
_entity_src_gen.expression_system_id               ? 
_entity_src_gen.plasmid_name                       ? 
_entity_src_gen.plasmid_details                    ? 
_entity_src_gen.pdbx_description                   ? 
# 
loop_
_chem_comp.id 
_chem_comp.type 
_chem_comp.mon_nstd_flag 
_chem_comp.name 
_chem_comp.pdbx_synonyms 
_chem_comp.formula 
_chem_comp.formula_weight 
ALA 'L-peptide linking' y ALANINE                                                                                   ?    
'C3 H7 N O2'      89.093  
ASN 'L-peptide linking' y ASPARAGINE                                                                                ?    
'C4 H8 N2 O3'     132.118 
ASP 'L-peptide linking' y 'ASPARTIC ACID'                                                                           ?    
'C4 H7 N O4'      133.103 
CYS 'L-peptide linking' y CYSTEINE                                                                                  ?    
'C3 H7 N O2 S'    121.158 
GLN 'L-peptide linking' y GLUTAMINE                                                                                 ?    
'C5 H10 N2 O3'    146.144 
GLU 'L-peptide linking' y 'GLUTAMIC ACID'                                                                           ?    
'C5 H9 N O4'      147.129 
GLY 'peptide linking'   y GLYCINE                                                                                   ?    
'C2 H5 N O2'      75.067  
HOH non-polymer         . WATER                                                                                     ?    'H2 O' 
18.015  
ILE 'L-peptide linking' y ISOLEUCINE                                                                                ?    
'C6 H13 N O2'     131.173 
LEU 'L-peptide linking' y LEUCINE                                                                                   ?    
'C6 H13 N O2'     131.173 
LYS 'L-peptide linking' y LYSINE                                                                                    ?    
'C6 H15 N2 O2 1'  147.195 
MET 'L-peptide linking' y METHIONINE                                                                                ?    
'C5 H11 N O2 S'   149.211 
MTN non-polymer         . 'S-[(1-oxyl-2,2,5,5-tetramethyl-2,5-dihydro-1H-pyrrol-3-yl)methyl] methanesulfonothioate' MTSL 
'C10 H18 N O3 S2' 264.385 
PHE 'L-peptide linking' y PHENYLALANINE                                                                             ?    
'C9 H11 N O2'     165.189 
THR 'L-peptide linking' y THREONINE                                                                                 ?    
'C4 H9 N O3'      119.119 
TRP 'L-peptide linking' y TRYPTOPHAN                                                                                ?    
'C11 H12 N2 O2'   204.225 
TYR 'L-peptide linking' y TYROSINE                                                                                  ?    
'C9 H11 N O3'     181.189 
VAL 'L-peptide linking' y VALINE                                                                                    ?    
'C5 H11 N O2'     117.146 
# 
loop_
_pdbx_poly_seq_scheme.asym_id 
_pdbx_poly_seq_scheme.entity_id 
_pdbx_poly_seq_scheme.seq_id 
_pdbx_poly_seq_scheme.mon_id 
_pdbx_poly_seq_scheme.ndb_seq_num 
_pdbx_poly_seq_scheme.pdb_seq_num 
_pdbx_poly_seq_scheme.auth_seq_num 
_pdbx_poly_seq_scheme.pdb_mon_id 
_pdbx_poly_seq_scheme.auth_mon_id 
_pdbx_poly_seq_scheme.pdb_strand_id 
_pdbx_poly_seq_scheme.pdb_ins_code 
_pdbx_poly_seq_scheme.hetero 
A 1 1  MET 1  1  1  MET MET A . n 
A 1 2  GLN 2  2  2  GLN GLN A . n 
A 1 3  TYR 3  3  3  TYR TYR A . n 
A 1 4  LYS 4  4  4  LYS LYS A . n 
A 1 5  LEU 5  5  5  LEU LEU A . n 
A 1 6  ILE 6  6  6  ILE ILE A . n 
A 1 7  LEU 7  7  7  LEU LEU A . n 
A 1 8  ASN 8  8  8  ASN ASN A . n 
A 1 9  GLY 9  9  9  GLY GLY A . n 
A 1 10 LYS 10 10 10 LYS LYS A . n 
A 1 11 THR 11 11 11 THR THR A . n 
A 1 12 LEU 12 12 12 LEU LEU A . n 
A 1 13 LYS 13 13 13 LYS LYS A . n 
A 1 14 GLY 14 14 14 GLY GLY A . n 
A 1 15 GLU 15 15 15 GLU GLU A . n 
A 1 16 THR 16 16 16 THR THR A . n 
A 1 17 THR 17 17 17 THR THR A . n 
A 1 18 THR 18 18 18 THR THR A . n 
A 1 19 GLU 19 19 19 GLU GLU A . n 
A 1 20 ALA 20 20 20 ALA ALA A . n 
A 1 21 VAL 21 21 21 VAL VAL A . n 
A 1 22 ASP 22 22 22 ASP ASP A . n 
A 1 23 ALA 23 23 23 ALA ALA A . n 
A 1 24 ALA 24 24 24 ALA ALA A . n 
A 1 25 THR 25 25 25 THR THR A . n 
A 1 26 ALA 26 26 26 ALA ALA A . n 
A 1 27 GLU 27 27 27 GLU GLU A . n 
A 1 28 LYS 28 28 28 LYS LYS A . n 
A 1 29 VAL 29 29 29 VAL VAL A . n 
A 1 30 PHE 30 30 30 PHE PHE A . n 
A 1 31 LYS 31 31 31 LYS LYS A . n 
A 1 32 GLN 32 32 32 GLN GLN A . n 
A 1 33 TYR 33 33 33 TYR TYR A . n 
A 1 34 ALA 34 34 34 ALA ALA A . n 
A 1 35 ASN 35 35 35 ASN ASN A . n 
A 1 36 ASP 36 36 36 ASP ASP A . n 
A 1 37 ASN 37 37 37 ASN ASN A . n 
A 1 38 GLY 38 38 38 GLY GLY A . n 
A 1 39 VAL 39 39 39 VAL VAL A . n 
A 1 40 ASP 40 40 40 ASP ASP A . n 
A 1 41 GLY 41 41 41 GLY GLY A . n 
A 1 42 GLU 42 42 42 GLU GLU A . n 
A 1 43 TRP 43 43 43 TRP TRP A . n 
A 1 44 CYS 44 44 44 CYS CYS A . n 
A 1 45 TYR 45 45 45 TYR TYR A . n 
A 1 46 ASP 46 46 46 ASP ASP A . n 
A 1 47 ASP 47 47 47 ASP ASP A . n 
A 1 48 ALA 48 48 48 ALA ALA A . n 
A 1 49 THR 49 49 49 THR THR A . n 
A 1 50 LYS 50 50 50 LYS LYS A . n 
A 1 51 THR 51 51 51 THR THR A . n 
A 1 52 PHE 52 52 52 PHE PHE A . n 
A 1 53 THR 53 53 53 THR THR A . n 
A 1 54 VAL 54 54 54 VAL VAL A . n 
A 1 55 THR 55 55 55 THR THR A . n 
A 1 56 GLU 56 56 56 GLU GLU A . n 
# 
loop_
_pdbx_nonpoly_scheme.asym_id 
_pdbx_nonpoly_scheme.entity_id 
_pdbx_nonpoly_scheme.mon_id 
_pdbx_nonpoly_scheme.ndb_seq_num 
_pdbx_nonpoly_scheme.pdb_seq_num 
_pdbx_nonpoly_scheme.auth_seq_num 
_pdbx_nonpoly_scheme.pdb_mon_id 
_pdbx_nonpoly_scheme.auth_mon_id 
_pdbx_nonpoly_scheme.pdb_strand_id 
_pdbx_nonpoly_scheme.pdb_ins_code 
B 2 MTN 1  101 144 MTN CYX A . 
C 3 HOH 1  201 82  HOH HOH A . 
C 3 HOH 2  202 62  HOH HOH A . 
C 3 HOH 3  203 46  HOH HOH A . 
C 3 HOH 4  204 75  HOH HOH A . 
C 3 HOH 5  205 55  HOH HOH A . 
C 3 HOH 6  206 71  HOH HOH A . 
C 3 HOH 7  207 69  HOH HOH A . 
C 3 HOH 8  208 42  HOH HOH A . 
C 3 HOH 9  209 47  HOH HOH A . 
C 3 HOH 10 210 23  HOH HOH A . 
C 3 HOH 11 211 97  HOH HOH A . 
C 3 HOH 12 212 73  HOH HOH A . 
C 3 HOH 13 213 4   HOH HOH A . 
C 3 HOH 14 214 1   HOH HOH A . 
C 3 HOH 15 215 3   HOH HOH A . 
C 3 HOH 16 216 34  HOH HOH A . 
C 3 HOH 17 217 12  HOH HOH A . 
C 3 HOH 18 218 89  HOH HOH A . 
C 3 HOH 19 219 21  HOH HOH A . 
C 3 HOH 20 220 19  HOH HOH A . 
C 3 HOH 21 221 39  HOH HOH A . 
C 3 HOH 22 222 9   HOH HOH A . 
C 3 HOH 23 223 83  HOH HOH A . 
C 3 HOH 24 224 38  HOH HOH A . 
C 3 HOH 25 225 32  HOH HOH A . 
C 3 HOH 26 226 11  HOH HOH A . 
C 3 HOH 27 227 52  HOH HOH A . 
C 3 HOH 28 228 20  HOH HOH A . 
C 3 HOH 29 229 7   HOH HOH A . 
C 3 HOH 30 230 36  HOH HOH A . 
C 3 HOH 31 231 8   HOH HOH A . 
C 3 HOH 32 232 87  HOH HOH A . 
C 3 HOH 33 233 40  HOH HOH A . 
C 3 HOH 34 234 13  HOH HOH A . 
C 3 HOH 35 235 57  HOH HOH A . 
C 3 HOH 36 236 10  HOH HOH A . 
C 3 HOH 37 237 17  HOH HOH A . 
C 3 HOH 38 238 2   HOH HOH A . 
C 3 HOH 39 239 78  HOH HOH A . 
C 3 HOH 40 240 15  HOH HOH A . 
C 3 HOH 41 241 26  HOH HOH A . 
C 3 HOH 42 242 14  HOH HOH A . 
C 3 HOH 43 243 43  HOH HOH A . 
C 3 HOH 44 244 5   HOH HOH A . 
C 3 HOH 45 245 56  HOH HOH A . 
C 3 HOH 46 246 63  HOH HOH A . 
C 3 HOH 47 247 60  HOH HOH A . 
C 3 HOH 48 248 88  HOH HOH A . 
C 3 HOH 49 249 16  HOH HOH A . 
C 3 HOH 50 250 28  HOH HOH A . 
C 3 HOH 51 251 50  HOH HOH A . 
C 3 HOH 52 252 37  HOH HOH A . 
C 3 HOH 53 253 81  HOH HOH A . 
C 3 HOH 54 254 27  HOH HOH A . 
C 3 HOH 55 255 45  HOH HOH A . 
C 3 HOH 56 256 33  HOH HOH A . 
C 3 HOH 57 257 22  HOH HOH A . 
C 3 HOH 58 258 72  HOH HOH A . 
C 3 HOH 59 259 6   HOH HOH A . 
C 3 HOH 60 260 74  HOH HOH A . 
C 3 HOH 61 261 51  HOH HOH A . 
C 3 HOH 62 262 64  HOH HOH A . 
C 3 HOH 63 263 49  HOH HOH A . 
C 3 HOH 64 264 90  HOH HOH A . 
C 3 HOH 65 265 76  HOH HOH A . 
C 3 HOH 66 266 65  HOH HOH A . 
C 3 HOH 67 267 18  HOH HOH A . 
C 3 HOH 68 268 85  HOH HOH A . 
C 3 HOH 69 269 93  HOH HOH A . 
C 3 HOH 70 270 96  HOH HOH A . 
C 3 HOH 71 271 67  HOH HOH A . 
C 3 HOH 72 272 70  HOH HOH A . 
C 3 HOH 73 273 98  HOH HOH A . 
C 3 HOH 74 274 29  HOH HOH A . 
C 3 HOH 75 275 68  HOH HOH A . 
C 3 HOH 76 276 59  HOH HOH A . 
C 3 HOH 77 277 95  HOH HOH A . 
C 3 HOH 78 278 54  HOH HOH A . 
C 3 HOH 79 279 92  HOH HOH A . 
C 3 HOH 80 280 79  HOH HOH A . 
C 3 HOH 81 281 48  HOH HOH A . 
C 3 HOH 82 282 84  HOH HOH A . 
C 3 HOH 83 283 80  HOH HOH A . 
C 3 HOH 84 284 86  HOH HOH A . 
C 3 HOH 85 285 61  HOH HOH A . 
C 3 HOH 86 286 35  HOH HOH A . 
C 3 HOH 87 287 24  HOH HOH A . 
C 3 HOH 88 288 53  HOH HOH A . 
C 3 HOH 89 289 30  HOH HOH A . 
C 3 HOH 90 290 31  HOH HOH A . 
C 3 HOH 91 291 44  HOH HOH A . 
C 3 HOH 92 292 94  HOH HOH A . 
C 3 HOH 93 293 25  HOH HOH A . 
C 3 HOH 94 294 41  HOH HOH A . 
C 3 HOH 95 295 58  HOH HOH A . 
C 3 HOH 96 296 77  HOH HOH A . 
# 
loop_
_software.citation_id 
_software.classification 
_software.compiler_name 
_software.compiler_version 
_software.contact_author 
_software.contact_author_email 
_software.date 
_software.description 
_software.dependencies 
_software.hardware 
_software.language 
_software.location 
_software.mods 
_software.name 
_software.os 
_software.os_version 
_software.type 
_software.version 
_software.pdbx_ordinal 
? refinement       ? ? ? ? ? ? ? ? ? ? ? PHENIX       ? ? ? 1.8.2_1309 1 
? 'data reduction' ? ? ? ? ? ? ? ? ? ? ? CrystalClear ? ? ? .          2 
? 'data scaling'   ? ? ? ? ? ? ? ? ? ? ? CrystalClear ? ? ? .          3 
# 
_cell.angle_alpha                  90.00 
_cell.angle_alpha_esd              ? 
_cell.angle_beta                   90.00 
_cell.angle_beta_esd               ? 
_cell.angle_gamma                  90.00 
_cell.angle_gamma_esd              ? 
_cell.entry_id                     5BMH 
_cell.details                      ? 
_cell.formula_units_Z              ? 
_cell.length_a                     25.037 
_cell.length_a_esd                 ? 
_cell.length_b                     37.194 
_cell.length_b_esd                 ? 
_cell.length_c                     49.217 
_cell.length_c_esd                 ? 
_cell.volume                       ? 
_cell.volume_esd                   ? 
_cell.Z_PDB                        4 
_cell.reciprocal_angle_alpha       ? 
_cell.reciprocal_angle_beta        ? 
_cell.reciprocal_angle_gamma       ? 
_cell.reciprocal_angle_alpha_esd   ? 
_cell.reciprocal_angle_beta_esd    ? 
_cell.reciprocal_angle_gamma_esd   ? 
_cell.reciprocal_length_a          ? 
_cell.reciprocal_length_b          ? 
_cell.reciprocal_length_c          ? 
_cell.reciprocal_length_a_esd      ? 
_cell.reciprocal_length_b_esd      ? 
_cell.reciprocal_length_c_esd      ? 
_cell.pdbx_unique_axis             ? 
# 
_symmetry.entry_id                         5BMH 
_symmetry.cell_setting                     ? 
_symmetry.Int_Tables_number                19 
_symmetry.space_group_name_Hall            ? 
_symmetry.space_group_name_H-M             'P 21 21 21' 
_symmetry.pdbx_full_space_group_name_H-M   ? 
# 
_exptl.absorpt_coefficient_mu     ? 
_exptl.absorpt_correction_T_max   ? 
_exptl.absorpt_correction_T_min   ? 
_exptl.absorpt_correction_type    ? 
_exptl.absorpt_process_details    ? 
_exptl.entry_id                   5BMH 
_exptl.crystals_number            1 
_exptl.details                    ? 
_exptl.method                     'X-RAY DIFFRACTION' 
_exptl.method_details             ? 
# 
_exptl_crystal.colour                      ? 
_exptl_crystal.density_diffrn              ? 
_exptl_crystal.density_Matthews            1.84 
_exptl_crystal.density_method              ? 
_exptl_crystal.density_percent_sol         33.11 
_exptl_crystal.description                 ? 
_exptl_crystal.F_000                       ? 
_exptl_crystal.id                          1 
_exptl_crystal.preparation                 ? 
_exptl_crystal.size_max                    ? 
_exptl_crystal.size_mid                    ? 
_exptl_crystal.size_min                    ? 
_exptl_crystal.size_rad                    ? 
_exptl_crystal.colour_lustre               ? 
_exptl_crystal.colour_modifier             ? 
_exptl_crystal.colour_primary              ? 
_exptl_crystal.density_meas                ? 
_exptl_crystal.density_meas_esd            ? 
_exptl_crystal.density_meas_gt             ? 
_exptl_crystal.density_meas_lt             ? 
_exptl_crystal.density_meas_temp           ? 
_exptl_crystal.density_meas_temp_esd       ? 
_exptl_crystal.density_meas_temp_gt        ? 
_exptl_crystal.density_meas_temp_lt        ? 
_exptl_crystal.pdbx_crystal_image_url      ? 
_exptl_crystal.pdbx_crystal_image_format   ? 
_exptl_crystal.pdbx_mosaicity              ? 
_exptl_crystal.pdbx_mosaicity_esd          ? 
# 
_exptl_crystal_grow.apparatus       ? 
_exptl_crystal_grow.atmosphere      ? 
_exptl_crystal_grow.crystal_id      1 
_exptl_crystal_grow.details         ? 
_exptl_crystal_grow.method          'VAPOR DIFFUSION, HANGING DROP' 
_exptl_crystal_grow.method_ref      ? 
_exptl_crystal_grow.pH              6.0 
_exptl_crystal_grow.pressure        ? 
_exptl_crystal_grow.pressure_esd    ? 
_exptl_crystal_grow.seeding         ? 
_exptl_crystal_grow.seeding_ref     ? 
_exptl_crystal_grow.temp            298 
_exptl_crystal_grow.temp_details    ? 
_exptl_crystal_grow.temp_esd        ? 
_exptl_crystal_grow.time            ? 
_exptl_crystal_grow.pdbx_details    '0.2 M potassium sodium tartrate, 0.2 M sodium citrate pH 6.0, 2 M ammonium sulfate' 
_exptl_crystal_grow.pdbx_pH_range   ? 
# 
_diffrn.ambient_environment              ? 
_diffrn.ambient_temp                     100 
_diffrn.ambient_temp_details             ? 
_diffrn.ambient_temp_esd                 ? 
_diffrn.crystal_id                       1 
_diffrn.crystal_support                  ? 
_diffrn.crystal_treatment                ? 
_diffrn.details                          ? 
_diffrn.id                               1 
_diffrn.ambient_pressure                 ? 
_diffrn.ambient_pressure_esd             ? 
_diffrn.ambient_pressure_gt              ? 
_diffrn.ambient_pressure_lt              ? 
_diffrn.ambient_temp_gt                  ? 
_diffrn.ambient_temp_lt                  ? 
_diffrn.pdbx_serial_crystal_experiment   ? 
# 
_diffrn_detector.details                      ? 
_diffrn_detector.detector                     'IMAGE PLATE' 
_diffrn_detector.diffrn_id                    1 
_diffrn_detector.type                         'RIGAKU RAXIS HTC' 
_diffrn_detector.area_resol_mean              ? 
_diffrn_detector.dtime                        ? 
_diffrn_detector.pdbx_frames_total            ? 
_diffrn_detector.pdbx_collection_time_total   ? 
_diffrn_detector.pdbx_collection_date         2013-05-02 
# 
_diffrn_radiation.collimation                      ? 
_diffrn_radiation.diffrn_id                        1 
_diffrn_radiation.filter_edge                      ? 
_diffrn_radiation.inhomogeneity                    ? 
_diffrn_radiation.monochromator                    ? 
_diffrn_radiation.polarisn_norm                    ? 
_diffrn_radiation.polarisn_ratio                   ? 
_diffrn_radiation.probe                            ? 
_diffrn_radiation.type                             ? 
_diffrn_radiation.xray_symbol                      ? 
_diffrn_radiation.wavelength_id                    1 
_diffrn_radiation.pdbx_monochromatic_or_laue_m_l   M 
_diffrn_radiation.pdbx_wavelength_list             ? 
_diffrn_radiation.pdbx_wavelength                  ? 
_diffrn_radiation.pdbx_diffrn_protocol             'SINGLE WAVELENGTH' 
_diffrn_radiation.pdbx_analyzer                    ? 
_diffrn_radiation.pdbx_scattering_type             x-ray 
# 
_diffrn_radiation_wavelength.id           1 
_diffrn_radiation_wavelength.wavelength   1.5418 
_diffrn_radiation_wavelength.wt           1.0 
# 
_diffrn_source.current                     ? 
_diffrn_source.details                     ? 
_diffrn_source.diffrn_id                   1 
_diffrn_source.power                       ? 
_diffrn_source.size                        ? 
_diffrn_source.source                      'ROTATING ANODE' 
_diffrn_source.target                      ? 
_diffrn_source.type                        'RIGAKU FR-E SUPERBRIGHT' 
_diffrn_source.voltage                     ? 
_diffrn_source.take-off_angle              ? 
_diffrn_source.pdbx_wavelength_list        1.5418 
_diffrn_source.pdbx_wavelength             ? 
_diffrn_source.pdbx_synchrotron_beamline   ? 
_diffrn_source.pdbx_synchrotron_site       ? 
# 
_reflns.B_iso_Wilson_estimate            ? 
_reflns.entry_id                         5BMH 
_reflns.data_reduction_details           ? 
_reflns.data_reduction_method            ? 
_reflns.d_resolution_high                1.6 
_reflns.d_resolution_low                 25.05 
_reflns.details                          ? 
_reflns.limit_h_max                      ? 
_reflns.limit_h_min                      ? 
_reflns.limit_k_max                      ? 
_reflns.limit_k_min                      ? 
_reflns.limit_l_max                      ? 
_reflns.limit_l_min                      ? 
_reflns.number_all                       ? 
_reflns.number_obs                       6458 
_reflns.observed_criterion               ? 
_reflns.observed_criterion_F_max         ? 
_reflns.observed_criterion_F_min         ? 
_reflns.observed_criterion_I_max         ? 
_reflns.observed_criterion_I_min         ? 
_reflns.observed_criterion_sigma_F       ? 
_reflns.observed_criterion_sigma_I       ? 
_reflns.percent_possible_obs             100 
_reflns.R_free_details                   ? 
_reflns.Rmerge_F_all                     ? 
_reflns.Rmerge_F_obs                     ? 
_reflns.Friedel_coverage                 ? 
_reflns.number_gt                        ? 
_reflns.threshold_expression             ? 
_reflns.pdbx_redundancy                  6.0 
_reflns.pdbx_Rmerge_I_obs                0.052 
_reflns.pdbx_Rmerge_I_all                ? 
_reflns.pdbx_Rsym_value                  ? 
_reflns.pdbx_netI_over_av_sigmaI         ? 
_reflns.pdbx_netI_over_sigmaI            24.0 
_reflns.pdbx_res_netI_over_av_sigmaI_2   ? 
_reflns.pdbx_res_netI_over_sigmaI_2      ? 
_reflns.pdbx_chi_squared                 ? 
_reflns.pdbx_scaling_rejects             ? 
_reflns.pdbx_d_res_high_opt              ? 
_reflns.pdbx_d_res_low_opt               ? 
_reflns.pdbx_d_res_opt_method            ? 
_reflns.phase_calculation_details        ? 
_reflns.pdbx_Rrim_I_all                  ? 
_reflns.pdbx_Rpim_I_all                  ? 
_reflns.pdbx_d_opt                       ? 
_reflns.pdbx_number_measured_all         ? 
_reflns.pdbx_diffrn_id                   1 
_reflns.pdbx_ordinal                     1 
_reflns.pdbx_CC_half                     ? 
_reflns.pdbx_R_split                     ? 
_reflns.pdbx_CC_star                     ? 
# 
_reflns_shell.Rmerge_F_all                ? 
_reflns_shell.Rmerge_F_gt                 ? 
_reflns_shell.Rmerge_F_obs                ? 
_reflns_shell.Rmerge_I_all                ? 
_reflns_shell.Rmerge_I_gt                 ? 
_reflns_shell.Rmerge_I_obs                0.316 
_reflns_shell.d_res_high                  1.6 
_reflns_shell.d_res_low                   1.66 
_reflns_shell.meanI_over_sigI_all         ? 
_reflns_shell.meanI_over_sigI_gt          ? 
_reflns_shell.meanI_over_sigI_obs         3.1 
_reflns_shell.meanI_over_uI_all           ? 
_reflns_shell.meanI_over_uI_gt            ? 
_reflns_shell.number_measured_all         ? 
_reflns_shell.number_measured_gt          ? 
_reflns_shell.number_measured_obs         ? 
_reflns_shell.number_possible             ? 
_reflns_shell.number_unique_all           ? 
_reflns_shell.number_unique_gt            ? 
_reflns_shell.number_unique_obs           ? 
_reflns_shell.pdbx_CC_half                ? 
_reflns_shell.pdbx_R_split                ? 
_reflns_shell.pdbx_Rpim_I_all             ? 
_reflns_shell.pdbx_Rrim_I_all             ? 
_reflns_shell.pdbx_Rsym_value             ? 
_reflns_shell.pdbx_chi_squared            ? 
_reflns_shell.pdbx_diffrn_id              1 
_reflns_shell.pdbx_netI_over_sigmaI_all   ? 
_reflns_shell.pdbx_netI_over_sigmaI_obs   ? 
_reflns_shell.pdbx_ordinal                1 
_reflns_shell.pdbx_redundancy             4.4 
_reflns_shell.pdbx_rejects                ? 
_reflns_shell.percent_possible_all        97.2 
_reflns_shell.percent_possible_gt         ? 
_reflns_shell.percent_possible_obs        ? 
_reflns_shell.pdbx_CC_star                ? 
# 
_refine.aniso_B[1][1]                            ? 
_refine.aniso_B[1][2]                            ? 
_refine.aniso_B[1][3]                            ? 
_refine.aniso_B[2][2]                            ? 
_refine.aniso_B[2][3]                            ? 
_refine.aniso_B[3][3]                            ? 
_refine.B_iso_max                                ? 
_refine.B_iso_mean                               ? 
_refine.B_iso_min                                ? 
_refine.correlation_coeff_Fo_to_Fc               ? 
_refine.correlation_coeff_Fo_to_Fc_free          ? 
_refine.details                                  ? 
_refine.diff_density_max                         ? 
_refine.diff_density_max_esd                     ? 
_refine.diff_density_min                         ? 
_refine.diff_density_min_esd                     ? 
_refine.diff_density_rms                         ? 
_refine.diff_density_rms_esd                     ? 
_refine.entry_id                                 5BMH 
_refine.pdbx_refine_id                           'X-RAY DIFFRACTION' 
_refine.ls_abs_structure_details                 ? 
_refine.ls_abs_structure_Flack                   ? 
_refine.ls_abs_structure_Flack_esd               ? 
_refine.ls_abs_structure_Rogers                  ? 
_refine.ls_abs_structure_Rogers_esd              ? 
_refine.ls_d_res_high                            1.600 
_refine.ls_d_res_low                             24.608 
_refine.ls_extinction_coef                       ? 
_refine.ls_extinction_coef_esd                   ? 
_refine.ls_extinction_expression                 ? 
_refine.ls_extinction_method                     ? 
_refine.ls_goodness_of_fit_all                   ? 
_refine.ls_goodness_of_fit_all_esd               ? 
_refine.ls_goodness_of_fit_obs                   ? 
_refine.ls_goodness_of_fit_obs_esd               ? 
_refine.ls_hydrogen_treatment                    ? 
_refine.ls_matrix_type                           ? 
_refine.ls_number_constraints                    ? 
_refine.ls_number_parameters                     ? 
_refine.ls_number_reflns_all                     ? 
_refine.ls_number_reflns_obs                     6416 
_refine.ls_number_reflns_R_free                  301 
_refine.ls_number_reflns_R_work                  ? 
_refine.ls_number_restraints                     ? 
_refine.ls_percent_reflns_obs                    99.40 
_refine.ls_percent_reflns_R_free                 4.69 
_refine.ls_R_factor_all                          ? 
_refine.ls_R_factor_obs                          0.1562 
_refine.ls_R_factor_R_free                       0.1746 
_refine.ls_R_factor_R_free_error                 ? 
_refine.ls_R_factor_R_free_error_details         ? 
_refine.ls_R_factor_R_work                       0.1552 
_refine.ls_R_Fsqd_factor_obs                     ? 
_refine.ls_R_I_factor_obs                        ? 
_refine.ls_redundancy_reflns_all                 ? 
_refine.ls_redundancy_reflns_obs                 ? 
_refine.ls_restrained_S_all                      ? 
_refine.ls_restrained_S_obs                      ? 
_refine.ls_shift_over_esd_max                    ? 
_refine.ls_shift_over_esd_mean                   ? 
_refine.ls_structure_factor_coef                 ? 
_refine.ls_weighting_details                     ? 
_refine.ls_weighting_scheme                      ? 
_refine.ls_wR_factor_all                         ? 
_refine.ls_wR_factor_obs                         ? 
_refine.ls_wR_factor_R_free                      ? 
_refine.ls_wR_factor_R_work                      ? 
_refine.occupancy_max                            ? 
_refine.occupancy_min                            ? 
_refine.solvent_model_details                    'FLAT BULK SOLVENT MODEL' 
_refine.solvent_model_param_bsol                 ? 
_refine.solvent_model_param_ksol                 ? 
_refine.ls_R_factor_gt                           ? 
_refine.ls_goodness_of_fit_gt                    ? 
_refine.ls_goodness_of_fit_ref                   ? 
_refine.ls_shift_over_su_max                     ? 
_refine.ls_shift_over_su_max_lt                  ? 
_refine.ls_shift_over_su_mean                    ? 
_refine.ls_shift_over_su_mean_lt                 ? 
_refine.pdbx_ls_sigma_I                          ? 
_refine.pdbx_ls_sigma_F                          1.49 
_refine.pdbx_ls_sigma_Fsqd                       ? 
_refine.pdbx_data_cutoff_high_absF               ? 
_refine.pdbx_data_cutoff_high_rms_absF           ? 
_refine.pdbx_data_cutoff_low_absF                ? 
_refine.pdbx_isotropic_thermal_model             ? 
_refine.pdbx_ls_cross_valid_method               'FREE R-VALUE' 
_refine.pdbx_method_to_determine_struct          'MOLECULAR REPLACEMENT' 
_refine.pdbx_starting_model                      2QMT 
_refine.pdbx_stereochemistry_target_values       ML 
_refine.pdbx_R_Free_selection_details            ? 
_refine.pdbx_stereochem_target_val_spec_case     ? 
_refine.pdbx_overall_ESU_R                       ? 
_refine.pdbx_overall_ESU_R_Free                  ? 
_refine.pdbx_solvent_vdw_probe_radii             1.11 
_refine.pdbx_solvent_ion_probe_radii             ? 
_refine.pdbx_solvent_shrinkage_radii             0.90 
_refine.pdbx_real_space_R                        ? 
_refine.pdbx_density_correlation                 ? 
_refine.pdbx_pd_number_of_powder_patterns        ? 
_refine.pdbx_pd_number_of_points                 ? 
_refine.pdbx_pd_meas_number_of_points            ? 
_refine.pdbx_pd_proc_ls_prof_R_factor            ? 
_refine.pdbx_pd_proc_ls_prof_wR_factor           ? 
_refine.pdbx_pd_Marquardt_correlation_coeff      ? 
_refine.pdbx_pd_Fsqrd_R_factor                   ? 
_refine.pdbx_pd_ls_matrix_band_width             ? 
_refine.pdbx_overall_phase_error                 19.81 
_refine.pdbx_overall_SU_R_free_Cruickshank_DPI   ? 
_refine.pdbx_overall_SU_R_free_Blow_DPI          ? 
_refine.pdbx_overall_SU_R_Blow_DPI               ? 
_refine.pdbx_TLS_residual_ADP_flag               ? 
_refine.pdbx_diffrn_id                           1 
_refine.overall_SU_B                             ? 
_refine.overall_SU_ML                            0.04 
_refine.overall_SU_R_Cruickshank_DPI             ? 
_refine.overall_SU_R_free                        ? 
_refine.overall_FOM_free_R_set                   ? 
_refine.overall_FOM_work_R_set                   ? 
_refine.pdbx_average_fsc_overall                 ? 
_refine.pdbx_average_fsc_work                    ? 
_refine.pdbx_average_fsc_free                    ? 
# 
_refine_hist.pdbx_refine_id                   'X-RAY DIFFRACTION' 
_refine_hist.cycle_id                         LAST 
_refine_hist.pdbx_number_atoms_protein        449 
_refine_hist.pdbx_number_atoms_nucleic_acid   0 
_refine_hist.pdbx_number_atoms_ligand         0 
_refine_hist.number_atoms_solvent             96 
_refine_hist.number_atoms_total               545 
_refine_hist.d_res_high                       1.600 
_refine_hist.d_res_low                        24.608 
# 
loop_
_refine_ls_restr.pdbx_refine_id 
_refine_ls_restr.criterion 
_refine_ls_restr.dev_ideal 
_refine_ls_restr.dev_ideal_target 
_refine_ls_restr.number 
_refine_ls_restr.rejects 
_refine_ls_restr.type 
_refine_ls_restr.weight 
_refine_ls_restr.pdbx_restraint_function 
'X-RAY DIFFRACTION' ? 0.014  ? 480 ? f_bond_d           ? ? 
'X-RAY DIFFRACTION' ? 1.424  ? 662 ? f_angle_d          ? ? 
'X-RAY DIFFRACTION' ? 16.467 ? 179 ? f_dihedral_angle_d ? ? 
'X-RAY DIFFRACTION' ? 0.090  ? 75  ? f_chiral_restr     ? ? 
'X-RAY DIFFRACTION' ? 0.007  ? 82  ? f_plane_restr      ? ? 
# 
loop_
_refine_ls_shell.pdbx_refine_id 
_refine_ls_shell.d_res_high 
_refine_ls_shell.d_res_low 
_refine_ls_shell.number_reflns_all 
_refine_ls_shell.number_reflns_obs 
_refine_ls_shell.number_reflns_R_free 
_refine_ls_shell.number_reflns_R_work 
_refine_ls_shell.percent_reflns_obs 
_refine_ls_shell.percent_reflns_R_free 
_refine_ls_shell.R_factor_all 
_refine_ls_shell.R_factor_obs 
_refine_ls_shell.R_factor_R_free 
_refine_ls_shell.R_factor_R_free_error 
_refine_ls_shell.R_factor_R_work 
_refine_ls_shell.redundancy_reflns_all 
_refine_ls_shell.redundancy_reflns_obs 
_refine_ls_shell.wR_factor_all 
_refine_ls_shell.wR_factor_obs 
_refine_ls_shell.wR_factor_R_free 
_refine_ls_shell.wR_factor_R_work 
_refine_ls_shell.pdbx_total_number_of_bins_used 
_refine_ls_shell.pdbx_phase_error 
_refine_ls_shell.pdbx_fsc_work 
_refine_ls_shell.pdbx_fsc_free 
'X-RAY DIFFRACTION' 1.6001 2.0158  . . 140 2978 99.00  . . . 0.2253 . 0.1924 . . . . . . . . . . 
'X-RAY DIFFRACTION' 2.0158 24.6112 . . 161 3137 100.00 . . . 0.1583 . 0.1430 . . . . . . . . . . 
# 
_struct.entry_id                     5BMH 
_struct.title                        'Nitroxide Spin Labels in Protein GB1: T44 Mutant, Crystal Form B' 
_struct.pdbx_model_details           ? 
_struct.pdbx_formula_weight          ? 
_struct.pdbx_formula_weight_method   ? 
_struct.pdbx_model_type_details      ? 
_struct.pdbx_CASP_flag               ? 
# 
_struct_keywords.entry_id        5BMH 
_struct_keywords.text            'Bacterial Proteins, Electron Spin Resonance Spectroscopy, IMMUNE SYSTEM' 
_struct_keywords.pdbx_keywords   'IMMUNE SYSTEM' 
# 
loop_
_struct_asym.id 
_struct_asym.pdbx_blank_PDB_chainid_flag 
_struct_asym.pdbx_modified 
_struct_asym.entity_id 
_struct_asym.details 
A N N 1 ? 
B N N 2 ? 
C N N 3 ? 
# 
_struct_ref.id                         1 
_struct_ref.db_name                    UNP 
_struct_ref.db_code                    SPG2_STRSG 
_struct_ref.pdbx_db_accession          P19909 
_struct_ref.pdbx_db_isoform            ? 
_struct_ref.entity_id                  1 
_struct_ref.pdbx_seq_one_letter_code   YKLILNGKTLKGETTTEAVDAATAEKVFKQYANDNGVDGEWTYDDATKTFTVTE 
_struct_ref.pdbx_align_begin           304 
# 
_struct_ref_seq.align_id                      1 
_struct_ref_seq.ref_id                        1 
_struct_ref_seq.pdbx_PDB_id_code              5BMH 
_struct_ref_seq.pdbx_strand_id                A 
_struct_ref_seq.seq_align_beg                 3 
_struct_ref_seq.pdbx_seq_align_beg_ins_code   ? 
_struct_ref_seq.seq_align_end                 56 
_struct_ref_seq.pdbx_seq_align_end_ins_code   ? 
_struct_ref_seq.pdbx_db_accession             P19909 
_struct_ref_seq.db_align_beg                  304 
_struct_ref_seq.pdbx_db_align_beg_ins_code    ? 
_struct_ref_seq.db_align_end                  357 
_struct_ref_seq.pdbx_db_align_end_ins_code    ? 
_struct_ref_seq.pdbx_auth_seq_align_beg       3 
_struct_ref_seq.pdbx_auth_seq_align_end       56 
# 
loop_
_struct_ref_seq_dif.align_id 
_struct_ref_seq_dif.pdbx_pdb_id_code 
_struct_ref_seq_dif.mon_id 
_struct_ref_seq_dif.pdbx_pdb_strand_id 
_struct_ref_seq_dif.seq_num 
_struct_ref_seq_dif.pdbx_pdb_ins_code 
_struct_ref_seq_dif.pdbx_seq_db_name 
_struct_ref_seq_dif.pdbx_seq_db_accession_code 
_struct_ref_seq_dif.db_mon_id 
_struct_ref_seq_dif.pdbx_seq_db_seq_num 
_struct_ref_seq_dif.details 
_struct_ref_seq_dif.pdbx_auth_seq_num 
_struct_ref_seq_dif.pdbx_ordinal 
1 5BMH MET A 1  ? UNP P19909 ?   ?   'initiating methionine' 1  1 
1 5BMH GLN A 2  ? UNP P19909 ?   ?   'expression tag'        2  2 
1 5BMH CYS A 44 ? UNP P19909 THR 345 'engineered mutation'   44 3 
# 
_pdbx_struct_assembly.id                   1 
_pdbx_struct_assembly.details              author_and_software_defined_assembly 
_pdbx_struct_assembly.method_details       PISA 
_pdbx_struct_assembly.oligomeric_details   monomeric 
_pdbx_struct_assembly.oligomeric_count     1 
# 
loop_
_pdbx_struct_assembly_prop.biol_id 
_pdbx_struct_assembly_prop.type 
_pdbx_struct_assembly_prop.value 
_pdbx_struct_assembly_prop.details 
1 'ABSA (A^2)' 250  ? 
1 MORE         0    ? 
1 'SSA (A^2)'  3710 ? 
# 
_pdbx_struct_assembly_gen.assembly_id       1 
_pdbx_struct_assembly_gen.oper_expression   1 
_pdbx_struct_assembly_gen.asym_id_list      A,B,C 
# 
_pdbx_struct_oper_list.id                   1 
_pdbx_struct_oper_list.type                 'identity operation' 
_pdbx_struct_oper_list.name                 1_555 
_pdbx_struct_oper_list.symmetry_operation   x,y,z 
_pdbx_struct_oper_list.matrix[1][1]         1.0000000000 
_pdbx_struct_oper_list.matrix[1][2]         0.0000000000 
_pdbx_struct_oper_list.matrix[1][3]         0.0000000000 
_pdbx_struct_oper_list.vector[1]            0.0000000000 
_pdbx_struct_oper_list.matrix[2][1]         0.0000000000 
_pdbx_struct_oper_list.matrix[2][2]         1.0000000000 
_pdbx_struct_oper_list.matrix[2][3]         0.0000000000 
_pdbx_struct_oper_list.vector[2]            0.0000000000 
_pdbx_struct_oper_list.matrix[3][1]         0.0000000000 
_pdbx_struct_oper_list.matrix[3][2]         0.0000000000 
_pdbx_struct_oper_list.matrix[3][3]         1.0000000000 
_pdbx_struct_oper_list.vector[3]            0.0000000000 
# 
_struct_conf.conf_type_id            HELX_P 
_struct_conf.id                      HELX_P1 
_struct_conf.pdbx_PDB_helix_id       AA1 
_struct_conf.beg_label_comp_id       ASP 
_struct_conf.beg_label_asym_id       A 
_struct_conf.beg_label_seq_id        22 
_struct_conf.pdbx_beg_PDB_ins_code   ? 
_struct_conf.end_label_comp_id       ASN 
_struct_conf.end_label_asym_id       A 
_struct_conf.end_label_seq_id        37 
_struct_conf.pdbx_end_PDB_ins_code   ? 
_struct_conf.beg_auth_comp_id        ASP 
_struct_conf.beg_auth_asym_id        A 
_struct_conf.beg_auth_seq_id         22 
_struct_conf.end_auth_comp_id        ASN 
_struct_conf.end_auth_asym_id        A 
_struct_conf.end_auth_seq_id         37 
_struct_conf.pdbx_PDB_helix_class    1 
_struct_conf.details                 ? 
_struct_conf.pdbx_PDB_helix_length   16 
# 
_struct_conf_type.id          HELX_P 
_struct_conf_type.criteria    ? 
_struct_conf_type.reference   ? 
# 
loop_
_struct_conn.id 
_struct_conn.conn_type_id 
_struct_conn.pdbx_leaving_atom_flag 
_struct_conn.pdbx_PDB_id 
_struct_conn.ptnr1_label_asym_id 
_struct_conn.ptnr1_label_comp_id 
_struct_conn.ptnr1_label_seq_id 
_struct_conn.ptnr1_label_atom_id 
_struct_conn.pdbx_ptnr1_label_alt_id 
_struct_conn.pdbx_ptnr1_PDB_ins_code 
_struct_conn.pdbx_ptnr1_standard_comp_id 
_struct_conn.ptnr1_symmetry 
_struct_conn.ptnr2_label_asym_id 
_struct_conn.ptnr2_label_comp_id 
_struct_conn.ptnr2_label_seq_id 
_struct_conn.ptnr2_label_atom_id 
_struct_conn.pdbx_ptnr2_label_alt_id 
_struct_conn.pdbx_ptnr2_PDB_ins_code 
_struct_conn.ptnr1_auth_asym_id 
_struct_conn.ptnr1_auth_comp_id 
_struct_conn.ptnr1_auth_seq_id 
_struct_conn.ptnr2_auth_asym_id 
_struct_conn.ptnr2_auth_comp_id 
_struct_conn.ptnr2_auth_seq_id 
_struct_conn.ptnr2_symmetry 
_struct_conn.pdbx_ptnr3_label_atom_id 
_struct_conn.pdbx_ptnr3_label_seq_id 
_struct_conn.pdbx_ptnr3_label_comp_id 
_struct_conn.pdbx_ptnr3_label_asym_id 
_struct_conn.pdbx_ptnr3_label_alt_id 
_struct_conn.pdbx_ptnr3_PDB_ins_code 
_struct_conn.details 
_struct_conn.pdbx_dist_value 
_struct_conn.pdbx_value_order 
_struct_conn.pdbx_role 
covale1 covale one ? A CYS 44 SG A ? ? 1_555 B MTN . S1 A ? A CYS 44 A MTN 101 1_555 ? ? ? ? ? ? ? 2.040 ? ? 
covale2 covale one ? A CYS 44 SG B ? ? 1_555 B MTN . S1 B ? A CYS 44 A MTN 101 1_555 ? ? ? ? ? ? ? 2.044 ? ? 
# 
_struct_conn_type.id          covale 
_struct_conn_type.criteria    ? 
_struct_conn_type.reference   ? 
# 
loop_
_pdbx_modification_feature.ordinal 
_pdbx_modification_feature.label_comp_id 
_pdbx_modification_feature.label_asym_id 
_pdbx_modification_feature.label_seq_id 
_pdbx_modification_feature.label_alt_id 
_pdbx_modification_feature.modified_residue_label_comp_id 
_pdbx_modification_feature.modified_residue_label_asym_id 
_pdbx_modification_feature.modified_residue_label_seq_id 
_pdbx_modification_feature.modified_residue_label_alt_id 
_pdbx_modification_feature.auth_comp_id 
_pdbx_modification_feature.auth_asym_id 
_pdbx_modification_feature.auth_seq_id 
_pdbx_modification_feature.PDB_ins_code 
_pdbx_modification_feature.symmetry 
_pdbx_modification_feature.modified_residue_auth_comp_id 
_pdbx_modification_feature.modified_residue_auth_asym_id 
_pdbx_modification_feature.modified_residue_auth_seq_id 
_pdbx_modification_feature.modified_residue_PDB_ins_code 
_pdbx_modification_feature.modified_residue_symmetry 
_pdbx_modification_feature.comp_id_linking_atom 
_pdbx_modification_feature.modified_residue_id_linking_atom 
_pdbx_modification_feature.modified_residue_id 
_pdbx_modification_feature.ref_pcm_id 
_pdbx_modification_feature.ref_comp_id 
_pdbx_modification_feature.type 
_pdbx_modification_feature.category 
1 MTN B . A CYS A 44 A MTN A 101 ? 1_555 CYS A 44 ? 1_555 S1 SG CYS 1 MTN None 'Covalent chemical modification' 
2 MTN B . B CYS A 44 B MTN A 101 ? 1_555 CYS A 44 ? 1_555 S1 SG CYS 1 MTN None 'Covalent chemical modification' 
# 
_struct_sheet.id               AA1 
_struct_sheet.type             ? 
_struct_sheet.number_strands   4 
_struct_sheet.details          ? 
# 
loop_
_struct_sheet_order.sheet_id 
_struct_sheet_order.range_id_1 
_struct_sheet_order.range_id_2 
_struct_sheet_order.offset 
_struct_sheet_order.sense 
AA1 1 2 ? anti-parallel 
AA1 2 3 ? parallel      
AA1 3 4 ? anti-parallel 
# 
loop_
_struct_sheet_range.sheet_id 
_struct_sheet_range.id 
_struct_sheet_range.beg_label_comp_id 
_struct_sheet_range.beg_label_asym_id 
_struct_sheet_range.beg_label_seq_id 
_struct_sheet_range.pdbx_beg_PDB_ins_code 
_struct_sheet_range.end_label_comp_id 
_struct_sheet_range.end_label_asym_id 
_struct_sheet_range.end_label_seq_id 
_struct_sheet_range.pdbx_end_PDB_ins_code 
_struct_sheet_range.beg_auth_comp_id 
_struct_sheet_range.beg_auth_asym_id 
_struct_sheet_range.beg_auth_seq_id 
_struct_sheet_range.end_auth_comp_id 
_struct_sheet_range.end_auth_asym_id 
_struct_sheet_range.end_auth_seq_id 
AA1 1 LYS A 13 ? GLU A 19 ? LYS A 13 GLU A 19 
AA1 2 GLN A 2  ? ASN A 8  ? GLN A 2  ASN A 8  
AA1 3 THR A 51 ? THR A 55 ? THR A 51 THR A 55 
AA1 4 GLU A 42 ? ASP A 46 ? GLU A 42 ASP A 46 
# 
loop_
_pdbx_struct_sheet_hbond.sheet_id 
_pdbx_struct_sheet_hbond.range_id_1 
_pdbx_struct_sheet_hbond.range_id_2 
_pdbx_struct_sheet_hbond.range_1_label_atom_id 
_pdbx_struct_sheet_hbond.range_1_label_comp_id 
_pdbx_struct_sheet_hbond.range_1_label_asym_id 
_pdbx_struct_sheet_hbond.range_1_label_seq_id 
_pdbx_struct_sheet_hbond.range_1_PDB_ins_code 
_pdbx_struct_sheet_hbond.range_1_auth_atom_id 
_pdbx_struct_sheet_hbond.range_1_auth_comp_id 
_pdbx_struct_sheet_hbond.range_1_auth_asym_id 
_pdbx_struct_sheet_hbond.range_1_auth_seq_id 
_pdbx_struct_sheet_hbond.range_2_label_atom_id 
_pdbx_struct_sheet_hbond.range_2_label_comp_id 
_pdbx_struct_sheet_hbond.range_2_label_asym_id 
_pdbx_struct_sheet_hbond.range_2_label_seq_id 
_pdbx_struct_sheet_hbond.range_2_PDB_ins_code 
_pdbx_struct_sheet_hbond.range_2_auth_atom_id 
_pdbx_struct_sheet_hbond.range_2_auth_comp_id 
_pdbx_struct_sheet_hbond.range_2_auth_asym_id 
_pdbx_struct_sheet_hbond.range_2_auth_seq_id 
AA1 1 2 O THR A 16 ? O THR A 16 N LEU A 5  ? N LEU A 5  
AA1 2 3 N ASN A 8  ? N ASN A 8  O VAL A 54 ? O VAL A 54 
AA1 3 4 O THR A 55 ? O THR A 55 N GLU A 42 ? N GLU A 42 
# 
_struct_site.id                   AC1 
_struct_site.pdbx_evidence_code   Software 
_struct_site.pdbx_auth_asym_id    A 
_struct_site.pdbx_auth_comp_id    MTN 
_struct_site.pdbx_auth_seq_id     101 
_struct_site.pdbx_auth_ins_code   ? 
_struct_site.pdbx_num_residues    9 
_struct_site.details              'binding site for residue MTN A 101' 
# 
loop_
_struct_site_gen.id 
_struct_site_gen.site_id 
_struct_site_gen.pdbx_num_res 
_struct_site_gen.label_comp_id 
_struct_site_gen.label_asym_id 
_struct_site_gen.label_seq_id 
_struct_site_gen.pdbx_auth_ins_code 
_struct_site_gen.auth_comp_id 
_struct_site_gen.auth_asym_id 
_struct_site_gen.auth_seq_id 
_struct_site_gen.label_atom_id 
_struct_site_gen.label_alt_id 
_struct_site_gen.symmetry 
_struct_site_gen.details 
1 AC1 9 ASP A 22 ? ASP A 22  . ? 1_455 ? 
2 AC1 9 TYR A 33 ? TYR A 33  . ? 3_544 ? 
3 AC1 9 ASN A 37 ? ASN A 37  . ? 3_544 ? 
4 AC1 9 CYS A 44 ? CYS A 44  . ? 1_555 ? 
5 AC1 9 ASP A 46 ? ASP A 46  . ? 1_555 ? 
6 AC1 9 THR A 51 ? THR A 51  . ? 1_555 ? 
7 AC1 9 THR A 53 ? THR A 53  . ? 1_555 ? 
8 AC1 9 HOH C .  ? HOH A 214 . ? 1_555 ? 
9 AC1 9 HOH C .  ? HOH A 257 . ? 1_555 ? 
# 
_pdbx_entry_details.entry_id                   5BMH 
_pdbx_entry_details.compound_details           ? 
_pdbx_entry_details.source_details             ? 
_pdbx_entry_details.nonpolymer_details         ? 
_pdbx_entry_details.sequence_details           ? 
_pdbx_entry_details.has_ligand_of_interest     ? 
_pdbx_entry_details.has_protein_modification   Y 
# 
loop_
_pdbx_validate_close_contact.id 
_pdbx_validate_close_contact.PDB_model_num 
_pdbx_validate_close_contact.auth_atom_id_1 
_pdbx_validate_close_contact.auth_asym_id_1 
_pdbx_validate_close_contact.auth_comp_id_1 
_pdbx_validate_close_contact.auth_seq_id_1 
_pdbx_validate_close_contact.PDB_ins_code_1 
_pdbx_validate_close_contact.label_alt_id_1 
_pdbx_validate_close_contact.auth_atom_id_2 
_pdbx_validate_close_contact.auth_asym_id_2 
_pdbx_validate_close_contact.auth_comp_id_2 
_pdbx_validate_close_contact.auth_seq_id_2 
_pdbx_validate_close_contact.PDB_ins_code_2 
_pdbx_validate_close_contact.label_alt_id_2 
_pdbx_validate_close_contact.dist 
1 1 O A HOH 269 ? ? O A HOH 279 ? ? 2.10 
2 1 O A HOH 264 ? ? O A HOH 296 ? ? 2.15 
3 1 O A HOH 224 ? ? O A HOH 254 ? ? 2.18 
# 
_pdbx_validate_rmsd_bond.id                        1 
_pdbx_validate_rmsd_bond.PDB_model_num             1 
_pdbx_validate_rmsd_bond.auth_atom_id_1            CB 
_pdbx_validate_rmsd_bond.auth_asym_id_1            A 
_pdbx_validate_rmsd_bond.auth_comp_id_1            CYS 
_pdbx_validate_rmsd_bond.auth_seq_id_1             44 
_pdbx_validate_rmsd_bond.PDB_ins_code_1            ? 
_pdbx_validate_rmsd_bond.label_alt_id_1            B 
_pdbx_validate_rmsd_bond.auth_atom_id_2            SG 
_pdbx_validate_rmsd_bond.auth_asym_id_2            A 
_pdbx_validate_rmsd_bond.auth_comp_id_2            CYS 
_pdbx_validate_rmsd_bond.auth_seq_id_2             44 
_pdbx_validate_rmsd_bond.PDB_ins_code_2            ? 
_pdbx_validate_rmsd_bond.label_alt_id_2            B 
_pdbx_validate_rmsd_bond.bond_value                1.709 
_pdbx_validate_rmsd_bond.bond_target_value         1.812 
_pdbx_validate_rmsd_bond.bond_deviation            -0.103 
_pdbx_validate_rmsd_bond.bond_standard_deviation   0.016 
_pdbx_validate_rmsd_bond.linker_flag               N 
# 
loop_
_chem_comp_atom.comp_id 
_chem_comp_atom.atom_id 
_chem_comp_atom.type_symbol 
_chem_comp_atom.pdbx_aromatic_flag 
_chem_comp_atom.pdbx_stereo_config 
_chem_comp_atom.pdbx_ordinal 
ALA N    N N N 1   
ALA CA   C N S 2   
ALA C    C N N 3   
ALA O    O N N 4   
ALA CB   C N N 5   
ALA OXT  O N N 6   
ALA H    H N N 7   
ALA H2   H N N 8   
ALA HA   H N N 9   
ALA HB1  H N N 10  
ALA HB2  H N N 11  
ALA HB3  H N N 12  
ALA HXT  H N N 13  
ASN N    N N N 14  
ASN CA   C N S 15  
ASN C    C N N 16  
ASN O    O N N 17  
ASN CB   C N N 18  
ASN CG   C N N 19  
ASN OD1  O N N 20  
ASN ND2  N N N 21  
ASN OXT  O N N 22  
ASN H    H N N 23  
ASN H2   H N N 24  
ASN HA   H N N 25  
ASN HB2  H N N 26  
ASN HB3  H N N 27  
ASN HD21 H N N 28  
ASN HD22 H N N 29  
ASN HXT  H N N 30  
ASP N    N N N 31  
ASP CA   C N S 32  
ASP C    C N N 33  
ASP O    O N N 34  
ASP CB   C N N 35  
ASP CG   C N N 36  
ASP OD1  O N N 37  
ASP OD2  O N N 38  
ASP OXT  O N N 39  
ASP H    H N N 40  
ASP H2   H N N 41  
ASP HA   H N N 42  
ASP HB2  H N N 43  
ASP HB3  H N N 44  
ASP HD2  H N N 45  
ASP HXT  H N N 46  
CYS N    N N N 47  
CYS CA   C N R 48  
CYS C    C N N 49  
CYS O    O N N 50  
CYS CB   C N N 51  
CYS SG   S N N 52  
CYS OXT  O N N 53  
CYS H    H N N 54  
CYS H2   H N N 55  
CYS HA   H N N 56  
CYS HB2  H N N 57  
CYS HB3  H N N 58  
CYS HG   H N N 59  
CYS HXT  H N N 60  
GLN N    N N N 61  
GLN CA   C N S 62  
GLN C    C N N 63  
GLN O    O N N 64  
GLN CB   C N N 65  
GLN CG   C N N 66  
GLN CD   C N N 67  
GLN OE1  O N N 68  
GLN NE2  N N N 69  
GLN OXT  O N N 70  
GLN H    H N N 71  
GLN H2   H N N 72  
GLN HA   H N N 73  
GLN HB2  H N N 74  
GLN HB3  H N N 75  
GLN HG2  H N N 76  
GLN HG3  H N N 77  
GLN HE21 H N N 78  
GLN HE22 H N N 79  
GLN HXT  H N N 80  
GLU N    N N N 81  
GLU CA   C N S 82  
GLU C    C N N 83  
GLU O    O N N 84  
GLU CB   C N N 85  
GLU CG   C N N 86  
GLU CD   C N N 87  
GLU OE1  O N N 88  
GLU OE2  O N N 89  
GLU OXT  O N N 90  
GLU H    H N N 91  
GLU H2   H N N 92  
GLU HA   H N N 93  
GLU HB2  H N N 94  
GLU HB3  H N N 95  
GLU HG2  H N N 96  
GLU HG3  H N N 97  
GLU HE2  H N N 98  
GLU HXT  H N N 99  
GLY N    N N N 100 
GLY CA   C N N 101 
GLY C    C N N 102 
GLY O    O N N 103 
GLY OXT  O N N 104 
GLY H    H N N 105 
GLY H2   H N N 106 
GLY HA2  H N N 107 
GLY HA3  H N N 108 
GLY HXT  H N N 109 
HOH O    O N N 110 
HOH H1   H N N 111 
HOH H2   H N N 112 
ILE N    N N N 113 
ILE CA   C N S 114 
ILE C    C N N 115 
ILE O    O N N 116 
ILE CB   C N S 117 
ILE CG1  C N N 118 
ILE CG2  C N N 119 
ILE CD1  C N N 120 
ILE OXT  O N N 121 
ILE H    H N N 122 
ILE H2   H N N 123 
ILE HA   H N N 124 
ILE HB   H N N 125 
ILE HG12 H N N 126 
ILE HG13 H N N 127 
ILE HG21 H N N 128 
ILE HG22 H N N 129 
ILE HG23 H N N 130 
ILE HD11 H N N 131 
ILE HD12 H N N 132 
ILE HD13 H N N 133 
ILE HXT  H N N 134 
LEU N    N N N 135 
LEU CA   C N S 136 
LEU C    C N N 137 
LEU O    O N N 138 
LEU CB   C N N 139 
LEU CG   C N N 140 
LEU CD1  C N N 141 
LEU CD2  C N N 142 
LEU OXT  O N N 143 
LEU H    H N N 144 
LEU H2   H N N 145 
LEU HA   H N N 146 
LEU HB2  H N N 147 
LEU HB3  H N N 148 
LEU HG   H N N 149 
LEU HD11 H N N 150 
LEU HD12 H N N 151 
LEU HD13 H N N 152 
LEU HD21 H N N 153 
LEU HD22 H N N 154 
LEU HD23 H N N 155 
LEU HXT  H N N 156 
LYS N    N N N 157 
LYS CA   C N S 158 
LYS C    C N N 159 
LYS O    O N N 160 
LYS CB   C N N 161 
LYS CG   C N N 162 
LYS CD   C N N 163 
LYS CE   C N N 164 
LYS NZ   N N N 165 
LYS OXT  O N N 166 
LYS H    H N N 167 
LYS H2   H N N 168 
LYS HA   H N N 169 
LYS HB2  H N N 170 
LYS HB3  H N N 171 
LYS HG2  H N N 172 
LYS HG3  H N N 173 
LYS HD2  H N N 174 
LYS HD3  H N N 175 
LYS HE2  H N N 176 
LYS HE3  H N N 177 
LYS HZ1  H N N 178 
LYS HZ2  H N N 179 
LYS HZ3  H N N 180 
LYS HXT  H N N 181 
MET N    N N N 182 
MET CA   C N S 183 
MET C    C N N 184 
MET O    O N N 185 
MET CB   C N N 186 
MET CG   C N N 187 
MET SD   S N N 188 
MET CE   C N N 189 
MET OXT  O N N 190 
MET H    H N N 191 
MET H2   H N N 192 
MET HA   H N N 193 
MET HB2  H N N 194 
MET HB3  H N N 195 
MET HG2  H N N 196 
MET HG3  H N N 197 
MET HE1  H N N 198 
MET HE2  H N N 199 
MET HE3  H N N 200 
MET HXT  H N N 201 
MTN O1   O N N 202 
MTN N1   N N N 203 
MTN C1   C N N 204 
MTN C2   C N N 205 
MTN C3   C N N 206 
MTN C4   C N N 207 
MTN S1   S N N 208 
MTN C5   C N N 209 
MTN C6   C N N 210 
MTN C7   C N N 211 
MTN C8   C N N 212 
MTN C9   C N N 213 
MTN H2   H N N 214 
MTN H41  H N N 215 
MTN H42  H N N 216 
MTN H61  H N N 217 
MTN H62  H N N 218 
MTN H63  H N N 219 
MTN H71  H N N 220 
MTN H72  H N N 221 
MTN H73  H N N 222 
MTN H81  H N N 223 
MTN H82  H N N 224 
MTN H83  H N N 225 
MTN H91  H N N 226 
MTN H92  H N N 227 
MTN H93  H N N 228 
MTN S2   S N N 229 
MTN O2   O N N 230 
MTN O3   O N N 231 
MTN C12  C N N 232 
MTN H4   H N N 233 
MTN H1   H N N 234 
MTN H3   H N N 235 
PHE N    N N N 236 
PHE CA   C N S 237 
PHE C    C N N 238 
PHE O    O N N 239 
PHE CB   C N N 240 
PHE CG   C Y N 241 
PHE CD1  C Y N 242 
PHE CD2  C Y N 243 
PHE CE1  C Y N 244 
PHE CE2  C Y N 245 
PHE CZ   C Y N 246 
PHE OXT  O N N 247 
PHE H    H N N 248 
PHE H2   H N N 249 
PHE HA   H N N 250 
PHE HB2  H N N 251 
PHE HB3  H N N 252 
PHE HD1  H N N 253 
PHE HD2  H N N 254 
PHE HE1  H N N 255 
PHE HE2  H N N 256 
PHE HZ   H N N 257 
PHE HXT  H N N 258 
THR N    N N N 259 
THR CA   C N S 260 
THR C    C N N 261 
THR O    O N N 262 
THR CB   C N R 263 
THR OG1  O N N 264 
THR CG2  C N N 265 
THR OXT  O N N 266 
THR H    H N N 267 
THR H2   H N N 268 
THR HA   H N N 269 
THR HB   H N N 270 
THR HG1  H N N 271 
THR HG21 H N N 272 
THR HG22 H N N 273 
THR HG23 H N N 274 
THR HXT  H N N 275 
TRP N    N N N 276 
TRP CA   C N S 277 
TRP C    C N N 278 
TRP O    O N N 279 
TRP CB   C N N 280 
TRP CG   C Y N 281 
TRP CD1  C Y N 282 
TRP CD2  C Y N 283 
TRP NE1  N Y N 284 
TRP CE2  C Y N 285 
TRP CE3  C Y N 286 
TRP CZ2  C Y N 287 
TRP CZ3  C Y N 288 
TRP CH2  C Y N 289 
TRP OXT  O N N 290 
TRP H    H N N 291 
TRP H2   H N N 292 
TRP HA   H N N 293 
TRP HB2  H N N 294 
TRP HB3  H N N 295 
TRP HD1  H N N 296 
TRP HE1  H N N 297 
TRP HE3  H N N 298 
TRP HZ2  H N N 299 
TRP HZ3  H N N 300 
TRP HH2  H N N 301 
TRP HXT  H N N 302 
TYR N    N N N 303 
TYR CA   C N S 304 
TYR C    C N N 305 
TYR O    O N N 306 
TYR CB   C N N 307 
TYR CG   C Y N 308 
TYR CD1  C Y N 309 
TYR CD2  C Y N 310 
TYR CE1  C Y N 311 
TYR CE2  C Y N 312 
TYR CZ   C Y N 313 
TYR OH   O N N 314 
TYR OXT  O N N 315 
TYR H    H N N 316 
TYR H2   H N N 317 
TYR HA   H N N 318 
TYR HB2  H N N 319 
TYR HB3  H N N 320 
TYR HD1  H N N 321 
TYR HD2  H N N 322 
TYR HE1  H N N 323 
TYR HE2  H N N 324 
TYR HH   H N N 325 
TYR HXT  H N N 326 
VAL N    N N N 327 
VAL CA   C N S 328 
VAL C    C N N 329 
VAL O    O N N 330 
VAL CB   C N N 331 
VAL CG1  C N N 332 
VAL CG2  C N N 333 
VAL OXT  O N N 334 
VAL H    H N N 335 
VAL H2   H N N 336 
VAL HA   H N N 337 
VAL HB   H N N 338 
VAL HG11 H N N 339 
VAL HG12 H N N 340 
VAL HG13 H N N 341 
VAL HG21 H N N 342 
VAL HG22 H N N 343 
VAL HG23 H N N 344 
VAL HXT  H N N 345 
# 
loop_
_chem_comp_bond.comp_id 
_chem_comp_bond.atom_id_1 
_chem_comp_bond.atom_id_2 
_chem_comp_bond.value_order 
_chem_comp_bond.pdbx_aromatic_flag 
_chem_comp_bond.pdbx_stereo_config 
_chem_comp_bond.pdbx_ordinal 
ALA N   CA   sing N N 1   
ALA N   H    sing N N 2   
ALA N   H2   sing N N 3   
ALA CA  C    sing N N 4   
ALA CA  CB   sing N N 5   
ALA CA  HA   sing N N 6   
ALA C   O    doub N N 7   
ALA C   OXT  sing N N 8   
ALA CB  HB1  sing N N 9   
ALA CB  HB2  sing N N 10  
ALA CB  HB3  sing N N 11  
ALA OXT HXT  sing N N 12  
ASN N   CA   sing N N 13  
ASN N   H    sing N N 14  
ASN N   H2   sing N N 15  
ASN CA  C    sing N N 16  
ASN CA  CB   sing N N 17  
ASN CA  HA   sing N N 18  
ASN C   O    doub N N 19  
ASN C   OXT  sing N N 20  
ASN CB  CG   sing N N 21  
ASN CB  HB2  sing N N 22  
ASN CB  HB3  sing N N 23  
ASN CG  OD1  doub N N 24  
ASN CG  ND2  sing N N 25  
ASN ND2 HD21 sing N N 26  
ASN ND2 HD22 sing N N 27  
ASN OXT HXT  sing N N 28  
ASP N   CA   sing N N 29  
ASP N   H    sing N N 30  
ASP N   H2   sing N N 31  
ASP CA  C    sing N N 32  
ASP CA  CB   sing N N 33  
ASP CA  HA   sing N N 34  
ASP C   O    doub N N 35  
ASP C   OXT  sing N N 36  
ASP CB  CG   sing N N 37  
ASP CB  HB2  sing N N 38  
ASP CB  HB3  sing N N 39  
ASP CG  OD1  doub N N 40  
ASP CG  OD2  sing N N 41  
ASP OD2 HD2  sing N N 42  
ASP OXT HXT  sing N N 43  
CYS N   CA   sing N N 44  
CYS N   H    sing N N 45  
CYS N   H2   sing N N 46  
CYS CA  C    sing N N 47  
CYS CA  CB   sing N N 48  
CYS CA  HA   sing N N 49  
CYS C   O    doub N N 50  
CYS C   OXT  sing N N 51  
CYS CB  SG   sing N N 52  
CYS CB  HB2  sing N N 53  
CYS CB  HB3  sing N N 54  
CYS SG  HG   sing N N 55  
CYS OXT HXT  sing N N 56  
GLN N   CA   sing N N 57  
GLN N   H    sing N N 58  
GLN N   H2   sing N N 59  
GLN CA  C    sing N N 60  
GLN CA  CB   sing N N 61  
GLN CA  HA   sing N N 62  
GLN C   O    doub N N 63  
GLN C   OXT  sing N N 64  
GLN CB  CG   sing N N 65  
GLN CB  HB2  sing N N 66  
GLN CB  HB3  sing N N 67  
GLN CG  CD   sing N N 68  
GLN CG  HG2  sing N N 69  
GLN CG  HG3  sing N N 70  
GLN CD  OE1  doub N N 71  
GLN CD  NE2  sing N N 72  
GLN NE2 HE21 sing N N 73  
GLN NE2 HE22 sing N N 74  
GLN OXT HXT  sing N N 75  
GLU N   CA   sing N N 76  
GLU N   H    sing N N 77  
GLU N   H2   sing N N 78  
GLU CA  C    sing N N 79  
GLU CA  CB   sing N N 80  
GLU CA  HA   sing N N 81  
GLU C   O    doub N N 82  
GLU C   OXT  sing N N 83  
GLU CB  CG   sing N N 84  
GLU CB  HB2  sing N N 85  
GLU CB  HB3  sing N N 86  
GLU CG  CD   sing N N 87  
GLU CG  HG2  sing N N 88  
GLU CG  HG3  sing N N 89  
GLU CD  OE1  doub N N 90  
GLU CD  OE2  sing N N 91  
GLU OE2 HE2  sing N N 92  
GLU OXT HXT  sing N N 93  
GLY N   CA   sing N N 94  
GLY N   H    sing N N 95  
GLY N   H2   sing N N 96  
GLY CA  C    sing N N 97  
GLY CA  HA2  sing N N 98  
GLY CA  HA3  sing N N 99  
GLY C   O    doub N N 100 
GLY C   OXT  sing N N 101 
GLY OXT HXT  sing N N 102 
HOH O   H1   sing N N 103 
HOH O   H2   sing N N 104 
ILE N   CA   sing N N 105 
ILE N   H    sing N N 106 
ILE N   H2   sing N N 107 
ILE CA  C    sing N N 108 
ILE CA  CB   sing N N 109 
ILE CA  HA   sing N N 110 
ILE C   O    doub N N 111 
ILE C   OXT  sing N N 112 
ILE CB  CG1  sing N N 113 
ILE CB  CG2  sing N N 114 
ILE CB  HB   sing N N 115 
ILE CG1 CD1  sing N N 116 
ILE CG1 HG12 sing N N 117 
ILE CG1 HG13 sing N N 118 
ILE CG2 HG21 sing N N 119 
ILE CG2 HG22 sing N N 120 
ILE CG2 HG23 sing N N 121 
ILE CD1 HD11 sing N N 122 
ILE CD1 HD12 sing N N 123 
ILE CD1 HD13 sing N N 124 
ILE OXT HXT  sing N N 125 
LEU N   CA   sing N N 126 
LEU N   H    sing N N 127 
LEU N   H2   sing N N 128 
LEU CA  C    sing N N 129 
LEU CA  CB   sing N N 130 
LEU CA  HA   sing N N 131 
LEU C   O    doub N N 132 
LEU C   OXT  sing N N 133 
LEU CB  CG   sing N N 134 
LEU CB  HB2  sing N N 135 
LEU CB  HB3  sing N N 136 
LEU CG  CD1  sing N N 137 
LEU CG  CD2  sing N N 138 
LEU CG  HG   sing N N 139 
LEU CD1 HD11 sing N N 140 
LEU CD1 HD12 sing N N 141 
LEU CD1 HD13 sing N N 142 
LEU CD2 HD21 sing N N 143 
LEU CD2 HD22 sing N N 144 
LEU CD2 HD23 sing N N 145 
LEU OXT HXT  sing N N 146 
LYS N   CA   sing N N 147 
LYS N   H    sing N N 148 
LYS N   H2   sing N N 149 
LYS CA  C    sing N N 150 
LYS CA  CB   sing N N 151 
LYS CA  HA   sing N N 152 
LYS C   O    doub N N 153 
LYS C   OXT  sing N N 154 
LYS CB  CG   sing N N 155 
LYS CB  HB2  sing N N 156 
LYS CB  HB3  sing N N 157 
LYS CG  CD   sing N N 158 
LYS CG  HG2  sing N N 159 
LYS CG  HG3  sing N N 160 
LYS CD  CE   sing N N 161 
LYS CD  HD2  sing N N 162 
LYS CD  HD3  sing N N 163 
LYS CE  NZ   sing N N 164 
LYS CE  HE2  sing N N 165 
LYS CE  HE3  sing N N 166 
LYS NZ  HZ1  sing N N 167 
LYS NZ  HZ2  sing N N 168 
LYS NZ  HZ3  sing N N 169 
LYS OXT HXT  sing N N 170 
MET N   CA   sing N N 171 
MET N   H    sing N N 172 
MET N   H2   sing N N 173 
MET CA  C    sing N N 174 
MET CA  CB   sing N N 175 
MET CA  HA   sing N N 176 
MET C   O    doub N N 177 
MET C   OXT  sing N N 178 
MET CB  CG   sing N N 179 
MET CB  HB2  sing N N 180 
MET CB  HB3  sing N N 181 
MET CG  SD   sing N N 182 
MET CG  HG2  sing N N 183 
MET CG  HG3  sing N N 184 
MET SD  CE   sing N N 185 
MET CE  HE1  sing N N 186 
MET CE  HE2  sing N N 187 
MET CE  HE3  sing N N 188 
MET OXT HXT  sing N N 189 
MTN O1  N1   sing N N 190 
MTN N1  C1   sing N N 191 
MTN N1  C5   sing N N 192 
MTN C1  C2   sing N N 193 
MTN C1  C8   sing N N 194 
MTN C1  C9   sing N N 195 
MTN C2  C3   doub N N 196 
MTN C2  H2   sing N N 197 
MTN C3  C4   sing N N 198 
MTN C3  C5   sing N N 199 
MTN C4  S1   sing N N 200 
MTN C4  H41  sing N N 201 
MTN C4  H42  sing N N 202 
MTN C5  C6   sing N N 203 
MTN C5  C7   sing N N 204 
MTN C6  H61  sing N N 205 
MTN C6  H62  sing N N 206 
MTN C6  H63  sing N N 207 
MTN C7  H71  sing N N 208 
MTN C7  H72  sing N N 209 
MTN C7  H73  sing N N 210 
MTN C8  H81  sing N N 211 
MTN C8  H82  sing N N 212 
MTN C8  H83  sing N N 213 
MTN C9  H91  sing N N 214 
MTN C9  H92  sing N N 215 
MTN C9  H93  sing N N 216 
MTN S1  S2   sing N N 217 
MTN S2  O2   doub N N 218 
MTN S2  O3   doub N N 219 
MTN S2  C12  sing N N 220 
MTN C12 H4   sing N N 221 
MTN C12 H1   sing N N 222 
MTN C12 H3   sing N N 223 
PHE N   CA   sing N N 224 
PHE N   H    sing N N 225 
PHE N   H2   sing N N 226 
PHE CA  C    sing N N 227 
PHE CA  CB   sing N N 228 
PHE CA  HA   sing N N 229 
PHE C   O    doub N N 230 
PHE C   OXT  sing N N 231 
PHE CB  CG   sing N N 232 
PHE CB  HB2  sing N N 233 
PHE CB  HB3  sing N N 234 
PHE CG  CD1  doub Y N 235 
PHE CG  CD2  sing Y N 236 
PHE CD1 CE1  sing Y N 237 
PHE CD1 HD1  sing N N 238 
PHE CD2 CE2  doub Y N 239 
PHE CD2 HD2  sing N N 240 
PHE CE1 CZ   doub Y N 241 
PHE CE1 HE1  sing N N 242 
PHE CE2 CZ   sing Y N 243 
PHE CE2 HE2  sing N N 244 
PHE CZ  HZ   sing N N 245 
PHE OXT HXT  sing N N 246 
THR N   CA   sing N N 247 
THR N   H    sing N N 248 
THR N   H2   sing N N 249 
THR CA  C    sing N N 250 
THR CA  CB   sing N N 251 
THR CA  HA   sing N N 252 
THR C   O    doub N N 253 
THR C   OXT  sing N N 254 
THR CB  OG1  sing N N 255 
THR CB  CG2  sing N N 256 
THR CB  HB   sing N N 257 
THR OG1 HG1  sing N N 258 
THR CG2 HG21 sing N N 259 
THR CG2 HG22 sing N N 260 
THR CG2 HG23 sing N N 261 
THR OXT HXT  sing N N 262 
TRP N   CA   sing N N 263 
TRP N   H    sing N N 264 
TRP N   H2   sing N N 265 
TRP CA  C    sing N N 266 
TRP CA  CB   sing N N 267 
TRP CA  HA   sing N N 268 
TRP C   O    doub N N 269 
TRP C   OXT  sing N N 270 
TRP CB  CG   sing N N 271 
TRP CB  HB2  sing N N 272 
TRP CB  HB3  sing N N 273 
TRP CG  CD1  doub Y N 274 
TRP CG  CD2  sing Y N 275 
TRP CD1 NE1  sing Y N 276 
TRP CD1 HD1  sing N N 277 
TRP CD2 CE2  doub Y N 278 
TRP CD2 CE3  sing Y N 279 
TRP NE1 CE2  sing Y N 280 
TRP NE1 HE1  sing N N 281 
TRP CE2 CZ2  sing Y N 282 
TRP CE3 CZ3  doub Y N 283 
TRP CE3 HE3  sing N N 284 
TRP CZ2 CH2  doub Y N 285 
TRP CZ2 HZ2  sing N N 286 
TRP CZ3 CH2  sing Y N 287 
TRP CZ3 HZ3  sing N N 288 
TRP CH2 HH2  sing N N 289 
TRP OXT HXT  sing N N 290 
TYR N   CA   sing N N 291 
TYR N   H    sing N N 292 
TYR N   H2   sing N N 293 
TYR CA  C    sing N N 294 
TYR CA  CB   sing N N 295 
TYR CA  HA   sing N N 296 
TYR C   O    doub N N 297 
TYR C   OXT  sing N N 298 
TYR CB  CG   sing N N 299 
TYR CB  HB2  sing N N 300 
TYR CB  HB3  sing N N 301 
TYR CG  CD1  doub Y N 302 
TYR CG  CD2  sing Y N 303 
TYR CD1 CE1  sing Y N 304 
TYR CD1 HD1  sing N N 305 
TYR CD2 CE2  doub Y N 306 
TYR CD2 HD2  sing N N 307 
TYR CE1 CZ   doub Y N 308 
TYR CE1 HE1  sing N N 309 
TYR CE2 CZ   sing Y N 310 
TYR CE2 HE2  sing N N 311 
TYR CZ  OH   sing N N 312 
TYR OH  HH   sing N N 313 
TYR OXT HXT  sing N N 314 
VAL N   CA   sing N N 315 
VAL N   H    sing N N 316 
VAL N   H2   sing N N 317 
VAL CA  C    sing N N 318 
VAL CA  CB   sing N N 319 
VAL CA  HA   sing N N 320 
VAL C   O    doub N N 321 
VAL C   OXT  sing N N 322 
VAL CB  CG1  sing N N 323 
VAL CB  CG2  sing N N 324 
VAL CB  HB   sing N N 325 
VAL CG1 HG11 sing N N 326 
VAL CG1 HG12 sing N N 327 
VAL CG1 HG13 sing N N 328 
VAL CG2 HG21 sing N N 329 
VAL CG2 HG22 sing N N 330 
VAL CG2 HG23 sing N N 331 
VAL OXT HXT  sing N N 332 
# 
_pdbx_audit_support.funding_organization   'National Science Foundation (NSF, United States)' 
_pdbx_audit_support.country                'United States' 
_pdbx_audit_support.grant_number           MCB-1157712 
_pdbx_audit_support.ordinal                1 
# 
_pdbx_initial_refinement_model.id               1 
_pdbx_initial_refinement_model.entity_id_list   ? 
_pdbx_initial_refinement_model.type             'experimental model' 
_pdbx_initial_refinement_model.source_name      PDB 
_pdbx_initial_refinement_model.accession_code   2QMT 
_pdbx_initial_refinement_model.details          ? 
# 
_atom_sites.entry_id                    5BMH 
_atom_sites.fract_transf_matrix[1][1]   0.01029859 
_atom_sites.fract_transf_matrix[1][2]   0.00954820 
_atom_sites.fract_transf_matrix[1][3]   -0.03739056 
_atom_sites.fract_transf_matrix[2][1]   0.00059554 
_atom_sites.fract_transf_matrix[2][2]   -0.02608252 
_atom_sites.fract_transf_matrix[2][3]   -0.00649651 
_atom_sites.fract_transf_matrix[3][1]   -0.01962581 
_atom_sites.fract_transf_matrix[3][2]   0.00084457 
_atom_sites.fract_transf_matrix[3][3]   -0.00518992 
_atom_sites.fract_transf_vector[1]      0.210483 
_atom_sites.fract_transf_vector[2]      -0.071444 
_atom_sites.fract_transf_vector[3]      -0.229449 
# 
loop_
_atom_type.symbol 
C 
H 
N 
O 
S 
# 
loop_
_atom_site.group_PDB 
_atom_site.id 
_atom_site.type_symbol 
_atom_site.label_atom_id 
_atom_site.label_alt_id 
_atom_site.label_comp_id 
_atom_site.label_asym_id 
_atom_site.label_entity_id 
_atom_site.label_seq_id 
_atom_site.pdbx_PDB_ins_code 
_atom_site.Cartn_x 
_atom_site.Cartn_y 
_atom_site.Cartn_z 
_atom_site.occupancy 
_atom_site.B_iso_or_equiv 
_atom_site.pdbx_formal_charge 
_atom_site.auth_seq_id 
_atom_site.auth_comp_id 
_atom_site.auth_asym_id 
_atom_site.auth_atom_id 
_atom_site.pdbx_PDB_model_num 
ATOM   1    N N    . MET A 1 1  ? 11.984  1.465   -8.185  1.00 14.98 ? 1   MET A N    1 
ATOM   2    C CA   . MET A 1 1  ? 12.217  1.122   -6.738  1.00 14.85 ? 1   MET A CA   1 
ATOM   3    C C    . MET A 1 1  ? 11.154  0.152   -6.286  1.00 14.89 ? 1   MET A C    1 
ATOM   4    O O    . MET A 1 1  ? 10.049  0.167   -6.825  1.00 15.66 ? 1   MET A O    1 
ATOM   5    C CB   . MET A 1 1  ? 12.204  2.387   -5.862  1.00 15.89 ? 1   MET A CB   1 
ATOM   6    C CG   . MET A 1 1  ? 13.475  3.169   -5.914  1.00 19.23 ? 1   MET A CG   1 
ATOM   7    S SD   . MET A 1 1  ? 13.351  4.789   -5.144  1.00 18.63 ? 1   MET A SD   1 
ATOM   8    C CE   . MET A 1 1  ? 12.382  5.699   -6.334  1.00 15.66 ? 1   MET A CE   1 
ATOM   9    H H1   . MET A 1 1  ? 11.854  2.341   -8.265  1.00 17.98 ? 1   MET A H1   1 
ATOM   10   H H2   . MET A 1 1  ? 12.694  1.224   -8.665  1.00 17.98 ? 1   MET A H2   1 
ATOM   11   H H3   . MET A 1 1  ? 11.265  1.031   -8.480  1.00 17.98 ? 1   MET A H3   1 
ATOM   12   H HA   . MET A 1 1  ? 13.087  0.703   -6.648  1.00 17.82 ? 1   MET A HA   1 
ATOM   13   H HB2  . MET A 1 1  ? 11.487  2.968   -6.161  1.00 19.07 ? 1   MET A HB2  1 
ATOM   14   H HB3  . MET A 1 1  ? 12.053  2.127   -4.939  1.00 19.07 ? 1   MET A HB3  1 
ATOM   15   H HG2  . MET A 1 1  ? 14.168  2.671   -5.450  1.00 23.08 ? 1   MET A HG2  1 
ATOM   16   H HG3  . MET A 1 1  ? 13.727  3.298   -6.841  1.00 23.08 ? 1   MET A HG3  1 
ATOM   17   H HE1  . MET A 1 1  ? 12.855  5.714   -7.180  1.00 18.79 ? 1   MET A HE1  1 
ATOM   18   H HE2  . MET A 1 1  ? 12.253  6.605   -6.010  1.00 18.79 ? 1   MET A HE2  1 
ATOM   19   H HE3  . MET A 1 1  ? 11.523  5.261   -6.442  1.00 18.79 ? 1   MET A HE3  1 
ATOM   20   N N    . GLN A 1 2  ? 11.494  -0.693  -5.301  1.00 15.01 ? 2   GLN A N    1 
ATOM   21   C CA   . GLN A 1 2  ? 10.557  -1.647  -4.708  1.00 14.45 ? 2   GLN A CA   1 
ATOM   22   C C    . GLN A 1 2  ? 9.880   -0.984  -3.508  1.00 15.19 ? 2   GLN A C    1 
ATOM   23   O O    . GLN A 1 2  ? 10.552  -0.467  -2.601  1.00 14.99 ? 2   GLN A O    1 
ATOM   24   C CB   . GLN A 1 2  ? 11.267  -2.913  -4.206  1.00 16.49 ? 2   GLN A CB   1 
ATOM   25   C CG   . GLN A 1 2  ? 10.267  -3.903  -3.552  1.00 21.10 ? 2   GLN A CG   1 
ATOM   26   C CD   . GLN A 1 2  ? 10.911  -5.224  -3.096  1.00 24.76 ? 2   GLN A CD   1 
ATOM   27   O OE1  . GLN A 1 2  ? 11.507  -5.313  -2.022  1.00 31.85 ? 2   GLN A OE1  1 
ATOM   28   N NE2  . GLN A 1 2  ? 10.765  -6.247  -3.914  1.00 31.52 ? 2   GLN A NE2  1 
ATOM   29   H H    . GLN A 1 2  ? 12.280  -0.729  -4.955  1.00 18.01 ? 2   GLN A H    1 
ATOM   30   H HA   . GLN A 1 2  ? 9.881   -1.898  -5.356  1.00 17.34 ? 2   GLN A HA   1 
ATOM   31   H HB2  . GLN A 1 2  ? 11.692  -3.359  -4.955  1.00 19.79 ? 2   GLN A HB2  1 
ATOM   32   H HB3  . GLN A 1 2  ? 11.929  -2.666  -3.542  1.00 19.79 ? 2   GLN A HB3  1 
ATOM   33   H HG2  . GLN A 1 2  ? 9.873   -3.482  -2.773  1.00 25.32 ? 2   GLN A HG2  1 
ATOM   34   H HG3  . GLN A 1 2  ? 9.574   -4.118  -4.196  1.00 25.32 ? 2   GLN A HG3  1 
ATOM   35   H HE21 . GLN A 1 2  ? 11.104  -7.011  -3.710  1.00 37.82 ? 2   GLN A HE21 1 
ATOM   36   H HE22 . GLN A 1 2  ? 10.331  -6.152  -4.650  1.00 37.82 ? 2   GLN A HE22 1 
ATOM   37   N N    . TYR A 1 3  ? 8.552   -0.987  -3.525  1.00 13.57 ? 3   TYR A N    1 
ATOM   38   C CA   . TYR A 1 3  ? 7.754   -0.441  -2.450  1.00 11.82 ? 3   TYR A CA   1 
ATOM   39   C C    . TYR A 1 3  ? 6.984   -1.600  -1.814  1.00 12.35 ? 3   TYR A C    1 
ATOM   40   O O    . TYR A 1 3  ? 6.673   -2.622  -2.492  1.00 13.66 ? 3   TYR A O    1 
ATOM   41   C CB   . TYR A 1 3  ? 6.785   0.614   -2.977  1.00 14.60 ? 3   TYR A CB   1 
ATOM   42   C CG   . TYR A 1 3  ? 7.489   1.815   -3.539  1.00 12.13 ? 3   TYR A CG   1 
ATOM   43   C CD1  . TYR A 1 3  ? 7.961   1.817   -4.843  1.00 12.85 ? 3   TYR A CD1  1 
ATOM   44   C CD2  . TYR A 1 3  ? 7.709   2.953   -2.768  1.00 12.47 ? 3   TYR A CD2  1 
ATOM   45   C CE1  . TYR A 1 3  ? 8.613   2.910   -5.361  1.00 13.11 ? 3   TYR A CE1  1 
ATOM   46   C CE2  . TYR A 1 3  ? 8.366   4.061   -3.292  1.00 13.82 ? 3   TYR A CE2  1 
ATOM   47   C CZ   . TYR A 1 3  ? 8.815   4.022   -4.602  1.00 15.33 ? 3   TYR A CZ   1 
ATOM   48   O OH   . TYR A 1 3  ? 9.473   5.093   -5.163  1.00 17.21 ? 3   TYR A OH   1 
ATOM   49   H H    . TYR A 1 3  ? 8.083   -1.310  -4.169  1.00 16.28 ? 3   TYR A H    1 
ATOM   50   H HA   . TYR A 1 3  ? 8.328   -0.037  -1.780  1.00 14.18 ? 3   TYR A HA   1 
ATOM   51   H HB2  . TYR A 1 3  ? 6.246   0.223   -3.684  1.00 17.53 ? 3   TYR A HB2  1 
ATOM   52   H HB3  . TYR A 1 3  ? 6.216   0.911   -2.250  1.00 17.53 ? 3   TYR A HB3  1 
ATOM   53   H HD1  . TYR A 1 3  ? 7.830   1.066   -5.378  1.00 15.42 ? 3   TYR A HD1  1 
ATOM   54   H HD2  . TYR A 1 3  ? 7.403   2.975   -1.890  1.00 14.96 ? 3   TYR A HD2  1 
ATOM   55   H HE1  . TYR A 1 3  ? 8.917   2.891   -6.239  1.00 15.74 ? 3   TYR A HE1  1 
ATOM   56   H HE2  . TYR A 1 3  ? 8.504   4.817   -2.770  1.00 16.59 ? 3   TYR A HE2  1 
ATOM   57   N N    . LYS A 1 4  ? 6.670   -1.431  -0.522  1.00 12.23 ? 4   LYS A N    1 
ATOM   58   C CA   . LYS A 1 4  ? 5.909   -2.419  0.224   1.00 12.85 ? 4   LYS A CA   1 
ATOM   59   C C    . LYS A 1 4  ? 4.564   -1.827  0.685   1.00 14.23 ? 4   LYS A C    1 
ATOM   60   O O    . LYS A 1 4  ? 4.495   -0.660  1.051   1.00 13.51 ? 4   LYS A O    1 
ATOM   61   C CB   . LYS A 1 4  ? 6.724   -2.882  1.425   1.00 15.76 ? 4   LYS A CB   1 
ATOM   62   C CG   . LYS A 1 4  ? 6.022   -3.812  2.368   1.00 18.25 ? 4   LYS A CG   1 
ATOM   63   C CD   . LYS A 1 4  ? 7.040   -4.513  3.273   1.00 23.78 ? 4   LYS A CD   1 
ATOM   64   C CE   . LYS A 1 4  ? 7.387   -3.715  4.468   1.00 31.50 ? 4   LYS A CE   1 
ATOM   65   N NZ   . LYS A 1 4  ? 8.282   -4.466  5.431   1.00 28.80 ? 4   LYS A NZ   1 
ATOM   66   H H    . LYS A 1 4  ? 6.893   -0.742  -0.058  1.00 14.68 ? 4   LYS A H    1 
ATOM   67   H HA   . LYS A 1 4  ? 5.729   -3.186  -0.341  1.00 15.42 ? 4   LYS A HA   1 
ATOM   68   H HB2  . LYS A 1 4  ? 7.515   -3.341  1.099   1.00 18.91 ? 4   LYS A HB2  1 
ATOM   69   H HB3  . LYS A 1 4  ? 6.992   -2.100  1.933   1.00 18.91 ? 4   LYS A HB3  1 
ATOM   70   H HG2  . LYS A 1 4  ? 5.411   -3.307  2.926   1.00 21.90 ? 4   LYS A HG2  1 
ATOM   71   H HG3  . LYS A 1 4  ? 5.543   -4.487  1.862   1.00 21.90 ? 4   LYS A HG3  1 
ATOM   72   H HD2  . LYS A 1 4  ? 6.668   -5.357  3.574   1.00 28.54 ? 4   LYS A HD2  1 
ATOM   73   H HD3  . LYS A 1 4  ? 7.855   -4.670  2.771   1.00 28.54 ? 4   LYS A HD3  1 
ATOM   74   H HE2  . LYS A 1 4  ? 7.854   -2.912  4.187   1.00 37.80 ? 4   LYS A HE2  1 
ATOM   75   H HE3  . LYS A 1 4  ? 6.572   -3.479  4.938   1.00 37.80 ? 4   LYS A HE3  1 
ATOM   76   H HZ1  . LYS A 1 4  ? 7.875   -5.205  5.711   1.00 34.56 ? 4   LYS A HZ1  1 
ATOM   77   H HZ2  . LYS A 1 4  ? 8.468   -3.953  6.135   1.00 34.56 ? 4   LYS A HZ2  1 
ATOM   78   H HZ3  . LYS A 1 4  ? 9.043   -4.689  5.027   1.00 34.56 ? 4   LYS A HZ3  1 
ATOM   79   N N    . LEU A 1 5  ? 3.510   -2.649  0.646   1.00 13.05 ? 5   LEU A N    1 
ATOM   80   C CA   . LEU A 1 5  ? 2.199   -2.307  1.196   1.00 11.76 ? 5   LEU A CA   1 
ATOM   81   C C    . LEU A 1 5  ? 1.891   -3.250  2.359   1.00 14.78 ? 5   LEU A C    1 
ATOM   82   O O    . LEU A 1 5  ? 1.963   -4.476  2.217   1.00 15.34 ? 5   LEU A O    1 
ATOM   83   C CB   . LEU A 1 5  ? 1.108   -2.458  0.127   1.00 12.25 ? 5   LEU A CB   1 
ATOM   84   C CG   . LEU A 1 5  ? -0.339  -2.247  0.593   1.00 13.73 ? 5   LEU A CG   1 
ATOM   85   C CD1  . LEU A 1 5  ? -0.527  -0.855  1.144   1.00 14.73 ? 5   LEU A CD1  1 
ATOM   86   C CD2  . LEU A 1 5  ? -1.370  -2.540  -0.491  1.00 14.62 ? 5   LEU A CD2  1 
ATOM   87   H H    . LEU A 1 5  ? 3.534   -3.432  0.293   1.00 15.66 ? 5   LEU A H    1 
ATOM   88   H HA   . LEU A 1 5  ? 2.201   -1.394  1.520   1.00 14.12 ? 5   LEU A HA   1 
ATOM   89   H HB2  . LEU A 1 5  ? 1.281   -1.813  -0.576  1.00 14.70 ? 5   LEU A HB2  1 
ATOM   90   H HB3  . LEU A 1 5  ? 1.165   -3.355  -0.240  1.00 14.70 ? 5   LEU A HB3  1 
ATOM   91   H HG   . LEU A 1 5  ? -0.512  -2.865  1.320   1.00 16.47 ? 5   LEU A HG   1 
ATOM   92   H HD11 . LEU A 1 5  ? 0.071   -0.731  1.899   1.00 17.68 ? 5   LEU A HD11 1 
ATOM   93   H HD12 . LEU A 1 5  ? -1.447  -0.750  1.430   1.00 17.68 ? 5   LEU A HD12 1 
ATOM   94   H HD13 . LEU A 1 5  ? -0.320  -0.211  0.448   1.00 17.68 ? 5   LEU A HD13 1 
ATOM   95   H HD21 . LEU A 1 5  ? -1.211  -1.950  -1.244  1.00 17.55 ? 5   LEU A HD21 1 
ATOM   96   H HD22 . LEU A 1 5  ? -2.257  -2.388  -0.131  1.00 17.55 ? 5   LEU A HD22 1 
ATOM   97   H HD23 . LEU A 1 5  ? -1.280  -3.464  -0.770  1.00 17.55 ? 5   LEU A HD23 1 
ATOM   98   N N    . ILE A 1 6  ? 1.512   -2.672  3.496   1.00 12.98 ? 6   ILE A N    1 
ATOM   99   C CA   . ILE A 1 6  ? 1.002   -3.454  4.608   1.00 15.22 ? 6   ILE A CA   1 
ATOM   100  C C    . ILE A 1 6  ? -0.470  -3.107  4.727   1.00 13.99 ? 6   ILE A C    1 
ATOM   101  O O    . ILE A 1 6  ? -0.814  -1.934  4.896   1.00 14.82 ? 6   ILE A O    1 
ATOM   102  C CB   . ILE A 1 6  ? 1.741   -3.105  5.911   1.00 14.21 ? 6   ILE A CB   1 
ATOM   103  C CG1  . ILE A 1 6  ? 3.204   -3.505  5.827   1.00 13.82 ? 6   ILE A CG1  1 
ATOM   104  C CG2  . ILE A 1 6  ? 1.068   -3.761  7.093   1.00 14.53 ? 6   ILE A CG2  1 
ATOM   105  C CD1  . ILE A 1 6  ? 4.065   -3.081  7.009   1.00 19.74 ? 6   ILE A CD1  1 
ATOM   106  H H    . ILE A 1 6  ? 1.543   -1.827  3.647   1.00 15.58 ? 6   ILE A H    1 
ATOM   107  H HA   . ILE A 1 6  ? 1.096   -4.402  4.428   1.00 18.26 ? 6   ILE A HA   1 
ATOM   108  H HB   . ILE A 1 6  ? 1.696   -2.144  6.034   1.00 17.06 ? 6   ILE A HB   1 
ATOM   109  H HG12 . ILE A 1 6  ? 3.255   -4.471  5.762   1.00 16.59 ? 6   ILE A HG12 1 
ATOM   110  H HG13 . ILE A 1 6  ? 3.587   -3.106  5.030   1.00 16.59 ? 6   ILE A HG13 1 
ATOM   111  H HG21 . ILE A 1 6  ? 0.153   -3.445  7.152   1.00 17.44 ? 6   ILE A HG21 1 
ATOM   112  H HG22 . ILE A 1 6  ? 1.551   -3.526  7.900   1.00 17.44 ? 6   ILE A HG22 1 
ATOM   113  H HG23 . ILE A 1 6  ? 1.079   -4.722  6.968   1.00 17.44 ? 6   ILE A HG23 1 
ATOM   114  H HD11 . ILE A 1 6  ? 4.043   -2.114  7.084   1.00 23.69 ? 6   ILE A HD11 1 
ATOM   115  H HD12 . ILE A 1 6  ? 4.975   -3.382  6.860   1.00 23.69 ? 6   ILE A HD12 1 
ATOM   116  H HD13 . ILE A 1 6  ? 3.711   -3.483  7.818   1.00 23.69 ? 6   ILE A HD13 1 
ATOM   117  N N    . LEU A 1 7  ? -1.327  -4.120  4.598   1.00 13.36 ? 7   LEU A N    1 
ATOM   118  C CA   . LEU A 1 7  ? -2.765  -3.966  4.703   1.00 14.21 ? 7   LEU A CA   1 
ATOM   119  C C    . LEU A 1 7  ? -3.171  -4.406  6.091   1.00 16.31 ? 7   LEU A C    1 
ATOM   120  O O    . LEU A 1 7  ? -2.796  -5.486  6.522   1.00 15.81 ? 7   LEU A O    1 
ATOM   121  C CB   . LEU A 1 7  ? -3.512  -4.830  3.689   1.00 16.17 ? 7   LEU A CB   1 
ATOM   122  C CG   . LEU A 1 7  ? -3.201  -4.531  2.221   1.00 16.41 ? 7   LEU A CG   1 
ATOM   123  C CD1  . LEU A 1 7  ? -2.244  -5.553  1.648   1.00 16.08 ? 7   LEU A CD1  1 
ATOM   124  C CD2  . LEU A 1 7  ? -4.474  -4.431  1.392   1.00 16.82 ? 7   LEU A CD2  1 
ATOM   125  H H    . LEU A 1 7  ? -1.084  -4.930  4.447   1.00 16.04 ? 7   LEU A H    1 
ATOM   126  H HA   . LEU A 1 7  ? -3.014  -3.037  4.577   1.00 17.05 ? 7   LEU A HA   1 
ATOM   127  H HB2  . LEU A 1 7  ? -3.285  -5.759  3.852   1.00 19.40 ? 7   LEU A HB2  1 
ATOM   128  H HB3  . LEU A 1 7  ? -4.465  -4.701  3.818   1.00 19.40 ? 7   LEU A HB3  1 
ATOM   129  H HG   . LEU A 1 7  ? -2.760  -3.668  2.174   1.00 19.69 ? 7   LEU A HG   1 
ATOM   130  H HD11 . LEU A 1 7  ? -1.417  -5.531  2.155   1.00 19.30 ? 7   LEU A HD11 1 
ATOM   131  H HD12 . LEU A 1 7  ? -2.069  -5.335  0.719   1.00 19.30 ? 7   LEU A HD12 1 
ATOM   132  H HD13 . LEU A 1 7  ? -2.648  -6.433  1.712   1.00 19.30 ? 7   LEU A HD13 1 
ATOM   133  H HD21 . LEU A 1 7  ? -4.952  -5.273  1.444   1.00 20.18 ? 7   LEU A HD21 1 
ATOM   134  H HD22 . LEU A 1 7  ? -4.237  -4.242  0.470   1.00 20.18 ? 7   LEU A HD22 1 
ATOM   135  H HD23 . LEU A 1 7  ? -5.025  -3.715  1.745   1.00 20.18 ? 7   LEU A HD23 1 
ATOM   136  N N    . ASN A 1 8  ? -3.901  -3.515  6.774   1.00 14.87 ? 8   ASN A N    1 
ATOM   137  C CA   . ASN A 1 8  ? -4.431  -3.711  8.120   1.00 17.57 ? 8   ASN A CA   1 
ATOM   138  C C    . ASN A 1 8  ? -5.940  -3.547  8.055   1.00 19.90 ? 8   ASN A C    1 
ATOM   139  O O    . ASN A 1 8  ? -6.477  -2.572  8.592   1.00 17.81 ? 8   ASN A O    1 
ATOM   140  C CB   . ASN A 1 8  ? -3.896  -2.613  9.047   1.00 25.29 ? 8   ASN A CB   1 
ATOM   141  C CG   . ASN A 1 8  ? -2.392  -2.668  9.217   1.00 24.59 ? 8   ASN A CG   1 
ATOM   142  O OD1  . ASN A 1 8  ? -1.848  -3.727  9.537   1.00 27.20 ? 8   ASN A OD1  1 
ATOM   143  N ND2  . ASN A 1 8  ? -1.700  -1.510  9.013   1.00 27.60 ? 8   ASN A ND2  1 
ATOM   144  H H    . ASN A 1 8  ? -4.111  -2.745  6.452   1.00 17.84 ? 8   ASN A H    1 
ATOM   145  H HA   . ASN A 1 8  ? -4.202  -4.588  8.465   1.00 21.08 ? 8   ASN A HA   1 
ATOM   146  H HB2  . ASN A 1 8  ? -4.125  -1.747  8.676   1.00 30.35 ? 8   ASN A HB2  1 
ATOM   147  H HB3  . ASN A 1 8  ? -4.301  -2.715  9.922   1.00 30.35 ? 8   ASN A HB3  1 
ATOM   148  H HD21 . ASN A 1 8  ? -0.844  -1.499  9.100   1.00 33.12 ? 8   ASN A HD21 1 
ATOM   149  H HD22 . ASN A 1 8  ? -2.119  -0.790  8.798   1.00 33.12 ? 8   ASN A HD22 1 
ATOM   150  N N    . GLY A 1 9  ? -6.628  -4.445  7.341   1.00 17.14 ? 9   GLY A N    1 
ATOM   151  C CA   . GLY A 1 9  ? -8.061  -4.333  7.149   1.00 18.66 ? 9   GLY A CA   1 
ATOM   152  C C    . GLY A 1 9  ? -8.853  -5.056  8.217   1.00 17.31 ? 9   GLY A C    1 
ATOM   153  O O    . GLY A 1 9  ? -8.300  -5.774  9.088   1.00 16.60 ? 9   GLY A O    1 
ATOM   154  H H    . GLY A 1 9  ? -6.276  -5.130  6.958   1.00 20.57 ? 9   GLY A H    1 
ATOM   155  H HA2  . GLY A 1 9  ? -8.315  -3.397  7.161   1.00 22.39 ? 9   GLY A HA2  1 
ATOM   156  H HA3  . GLY A 1 9  ? -8.300  -4.706  6.286   1.00 22.39 ? 9   GLY A HA3  1 
ATOM   157  N N    . LYS A 1 10 ? -10.164 -4.859  8.170   1.00 16.13 ? 10  LYS A N    1 
ATOM   158  C CA   . LYS A 1 10 ? -11.039 -5.544  9.098   1.00 17.35 ? 10  LYS A CA   1 
ATOM   159  C C    . LYS A 1 10 ? -10.920 -7.029  8.898   1.00 17.39 ? 10  LYS A C    1 
ATOM   160  O O    . LYS A 1 10 ? -10.977 -7.788  9.856   1.00 19.08 ? 10  LYS A O    1 
ATOM   161  C CB   . LYS A 1 10 ? -12.484 -5.101  8.902   1.00 19.11 ? 10  LYS A CB   1 
ATOM   162  C CG   . LYS A 1 10 ? -12.734 -3.642  9.229   1.00 24.48 ? 10  LYS A CG   1 
ATOM   163  C CD   . LYS A 1 10 ? -14.212 -3.289  9.109   1.00 35.32 ? 10  LYS A CD   1 
ATOM   164  C CE   . LYS A 1 10 ? -14.674 -3.058  7.641   1.00 37.93 ? 10  LYS A CE   1 
ATOM   165  N NZ   . LYS A 1 10 ? -16.183 -3.177  7.454   1.00 42.74 ? 10  LYS A NZ   1 
ATOM   166  H H    . LYS A 1 10 ? -10.565 -4.337  7.616   1.00 19.36 ? 10  LYS A H    1 
ATOM   167  H HA   . LYS A 1 10 ? -10.775 -5.334  10.007  1.00 20.82 ? 10  LYS A HA   1 
ATOM   168  H HB2  . LYS A 1 10 ? -12.730 -5.242  7.974   1.00 22.93 ? 10  LYS A HB2  1 
ATOM   169  H HB3  . LYS A 1 10 ? -13.055 -5.635  9.477   1.00 22.93 ? 10  LYS A HB3  1 
ATOM   170  H HG2  . LYS A 1 10 ? -12.451 -3.466  10.140  1.00 29.38 ? 10  LYS A HG2  1 
ATOM   171  H HG3  . LYS A 1 10 ? -12.236 -3.086  8.609   1.00 29.38 ? 10  LYS A HG3  1 
ATOM   172  H HD2  . LYS A 1 10 ? -14.740 -4.016  9.475   1.00 42.38 ? 10  LYS A HD2  1 
ATOM   173  H HD3  . LYS A 1 10 ? -14.383 -2.474  9.606   1.00 42.38 ? 10  LYS A HD3  1 
ATOM   174  H HE2  . LYS A 1 10 ? -14.409 -2.166  7.366   1.00 45.51 ? 10  LYS A HE2  1 
ATOM   175  H HE3  . LYS A 1 10 ? -14.250 -3.719  7.071   1.00 45.51 ? 10  LYS A HE3  1 
ATOM   176  H HZ1  . LYS A 1 10 ? -16.456 -3.990  7.690   1.00 51.29 ? 10  LYS A HZ1  1 
ATOM   177  H HZ2  . LYS A 1 10 ? -16.396 -3.036  6.601   1.00 51.29 ? 10  LYS A HZ2  1 
ATOM   178  H HZ3  . LYS A 1 10 ? -16.601 -2.574  7.959   1.00 51.29 ? 10  LYS A HZ3  1 
ATOM   179  N N    . THR A 1 11 ? -10.772 -7.441  7.638   1.00 13.70 ? 11  THR A N    1 
ATOM   180  C CA   . THR A 1 11 ? -10.665 -8.875  7.281   1.00 16.42 ? 11  THR A CA   1 
ATOM   181  C C    . THR A 1 11 ? -9.361  -9.245  6.587   1.00 18.19 ? 11  THR A C    1 
ATOM   182  O O    . THR A 1 11 ? -8.878  -10.343 6.760   1.00 18.80 ? 11  THR A O    1 
ATOM   183  C CB   . THR A 1 11 ? -11.845 -9.358  6.407   1.00 18.23 ? 11  THR A CB   1 
ATOM   184  O OG1  . THR A 1 11 ? -12.067 -8.422  5.382   1.00 17.82 ? 11  THR A OG1  1 
ATOM   185  C CG2  . THR A 1 11 ? -13.098 -9.493  7.195   1.00 23.36 ? 11  THR A CG2  1 
ATOM   186  H H    . THR A 1 11 ? -10.731 -6.913  6.961   1.00 16.44 ? 11  THR A H    1 
ATOM   187  H HA   . THR A 1 11 ? -10.699 -9.387  8.105   1.00 19.70 ? 11  THR A HA   1 
ATOM   188  H HB   . THR A 1 11 ? -11.630 -10.221 6.018   1.00 21.88 ? 11  THR A HB   1 
ATOM   189  H HG21 . THR A 1 11 ? -12.973 -10.135 7.910   1.00 28.03 ? 11  THR A HG21 1 
ATOM   190  H HG22 . THR A 1 11 ? -13.819 -9.796  6.621   1.00 28.03 ? 11  THR A HG22 1 
ATOM   191  H HG23 . THR A 1 11 ? -13.341 -8.636  7.579   1.00 28.03 ? 11  THR A HG23 1 
ATOM   192  N N    . LEU A 1 12 ? -8.773  -8.324  5.829   1.00 14.41 ? 12  LEU A N    1 
ATOM   193  C CA   . LEU A 1 12 ? -7.566  -8.603  5.087   1.00 15.32 ? 12  LEU A CA   1 
ATOM   194  C C    . LEU A 1 12 ? -6.350  -7.993  5.750   1.00 14.89 ? 12  LEU A C    1 
ATOM   195  O O    . LEU A 1 12 ? -6.303  -6.792  5.954   1.00 15.98 ? 12  LEU A O    1 
ATOM   196  C CB   . LEU A 1 12 ? -7.696  -8.014  3.702   1.00 18.15 ? 12  LEU A CB   1 
ATOM   197  C CG   . LEU A 1 12 ? -6.757  -8.671  2.685   1.00 22.34 ? 12  LEU A CG   1 
ATOM   198  C CD1  . LEU A 1 12 ? -7.493  -9.778  1.937   1.00 24.26 ? 12  LEU A CD1  1 
ATOM   199  C CD2  . LEU A 1 12 ? -6.260  -7.704  1.734   1.00 22.66 ? 12  LEU A CD2  1 
ATOM   200  H H    . LEU A 1 12 ? -9.063  -7.520  5.732   1.00 17.29 ? 12  LEU A H    1 
ATOM   201  H HA   . LEU A 1 12 ? -7.437  -9.562  5.012   1.00 18.39 ? 12  LEU A HA   1 
ATOM   202  H HB2  . LEU A 1 12 ? -8.607  -8.136  3.392   1.00 21.78 ? 12  LEU A HB2  1 
ATOM   203  H HB3  . LEU A 1 12 ? -7.482  -7.068  3.741   1.00 21.78 ? 12  LEU A HB3  1 
ATOM   204  H HG   . LEU A 1 12 ? -6.001  -9.064  3.149   1.00 26.81 ? 12  LEU A HG   1 
ATOM   205  H HD11 . LEU A 1 12 ? -7.795  -10.442 2.575   1.00 29.11 ? 12  LEU A HD11 1 
ATOM   206  H HD12 . LEU A 1 12 ? -6.887  -10.183 1.298   1.00 29.11 ? 12  LEU A HD12 1 
ATOM   207  H HD13 . LEU A 1 12 ? -8.254  -9.393  1.473   1.00 29.11 ? 12  LEU A HD13 1 
ATOM   208  H HD21 . LEU A 1 12 ? -7.012  -7.312  1.261   1.00 27.20 ? 12  LEU A HD21 1 
ATOM   209  H HD22 . LEU A 1 12 ? -5.672  -8.152  1.107   1.00 27.20 ? 12  LEU A HD22 1 
ATOM   210  H HD23 . LEU A 1 12 ? -5.773  -7.014  2.211   1.00 27.20 ? 12  LEU A HD23 1 
ATOM   211  N N    . LYS A 1 13 ? -5.369  -8.829  6.068   1.00 15.03 ? 13  LYS A N    1 
ATOM   212  C CA   . LYS A 1 13 ? -4.124  -8.404  6.699   1.00 17.05 ? 13  LYS A CA   1 
ATOM   213  C C    . LYS A 1 13 ? -2.967  -9.090  6.013   1.00 19.45 ? 13  LYS A C    1 
ATOM   214  O O    . LYS A 1 13 ? -2.877  -10.313 5.993   1.00 21.31 ? 13  LYS A O    1 
ATOM   215  C CB   . LYS A 1 13 ? -4.097  -8.769  8.170   1.00 19.96 ? 13  LYS A CB   1 
ATOM   216  C CG   . LYS A 1 13 ? -5.305  -8.234  8.921   1.00 23.37 ? 13  LYS A CG   1 
ATOM   217  C CD   . LYS A 1 13 ? -5.197  -8.336  10.425  1.00 30.43 ? 13  LYS A CD   1 
ATOM   218  C CE   . LYS A 1 13 ? -6.375  -7.635  11.071  1.00 28.84 ? 13  LYS A CE   1 
ATOM   219  N NZ   . LYS A 1 13 ? -7.660  -7.911  10.341  1.00 35.90 ? 13  LYS A NZ   1 
ATOM   220  H H    . LYS A 1 13 ? -5.403  -9.677  5.925   1.00 18.03 ? 13  LYS A H    1 
ATOM   221  H HA   . LYS A 1 13 ? -4.019  -7.444  6.610   1.00 20.47 ? 13  LYS A HA   1 
ATOM   222  H HB2  . LYS A 1 13 ? -4.091  -9.735  8.257   1.00 23.95 ? 13  LYS A HB2  1 
ATOM   223  H HB3  . LYS A 1 13 ? -3.300  -8.393  8.575   1.00 23.95 ? 13  LYS A HB3  1 
ATOM   224  H HG2  . LYS A 1 13 ? -5.421  -7.297  8.698   1.00 28.05 ? 13  LYS A HG2  1 
ATOM   225  H HG3  . LYS A 1 13 ? -6.088  -8.735  8.647   1.00 28.05 ? 13  LYS A HG3  1 
ATOM   226  H HD2  . LYS A 1 13 ? -5.209  -9.270  10.689  1.00 36.52 ? 13  LYS A HD2  1 
ATOM   227  H HD3  . LYS A 1 13 ? -4.380  -7.908  10.723  1.00 36.52 ? 13  LYS A HD3  1 
ATOM   228  H HE2  . LYS A 1 13 ? -6.473  -7.949  11.983  1.00 34.60 ? 13  LYS A HE2  1 
ATOM   229  H HE3  . LYS A 1 13 ? -6.222  -6.677  11.061  1.00 34.60 ? 13  LYS A HE3  1 
ATOM   230  H HZ1  . LYS A 1 13 ? -7.598  -7.627  9.500   1.00 43.09 ? 13  LYS A HZ1  1 
ATOM   231  H HZ2  . LYS A 1 13 ? -8.334  -7.488  10.741  1.00 43.09 ? 13  LYS A HZ2  1 
ATOM   232  H HZ3  . LYS A 1 13 ? -7.827  -8.785  10.340  1.00 43.09 ? 13  LYS A HZ3  1 
ATOM   233  N N    . GLY A 1 14 ? -2.048  -8.310  5.475   1.00 18.37 ? 14  GLY A N    1 
ATOM   234  C CA   . GLY A 1 14 ? -0.924  -8.912  4.794   1.00 16.41 ? 14  GLY A CA   1 
ATOM   235  C C    . GLY A 1 14 ? -0.002  -7.899  4.228   1.00 16.38 ? 14  GLY A C    1 
ATOM   236  O O    . GLY A 1 14 ? -0.139  -6.717  4.519   1.00 15.49 ? 14  GLY A O    1 
ATOM   237  H H    . GLY A 1 14 ? -2.050  -7.450  5.490   1.00 22.05 ? 14  GLY A H    1 
ATOM   238  H HA2  . GLY A 1 14 ? -0.428  -9.466  5.416   1.00 19.69 ? 14  GLY A HA2  1 
ATOM   239  H HA3  . GLY A 1 14 ? -1.246  -9.473  4.071   1.00 19.69 ? 14  GLY A HA3  1 
ATOM   240  N N    . GLU A 1 15 ? 0.933   -8.371  3.412   1.00 17.23 ? 15  GLU A N    1 
ATOM   241  C CA   . GLU A 1 15 ? 1.986   -7.553  2.835   1.00 18.65 ? 15  GLU A CA   1 
ATOM   242  C C    . GLU A 1 15 ? 2.096   -7.943  1.388   1.00 16.57 ? 15  GLU A C    1 
ATOM   243  O O    . GLU A 1 15 ? 1.926   -9.123  1.045   1.00 15.70 ? 15  GLU A O    1 
ATOM   244  C CB   . GLU A 1 15 ? 3.368   -7.817  3.459   1.00 22.23 ? 15  GLU A CB   1 
ATOM   245  C CG   . GLU A 1 15 ? 3.603   -7.317  4.865   1.00 31.83 ? 15  GLU A CG   1 
ATOM   246  C CD   . GLU A 1 15 ? 5.094   -7.374  5.252   1.00 33.67 ? 15  GLU A CD   1 
ATOM   247  O OE1  . GLU A 1 15 ? 5.936   -7.832  4.428   1.00 30.21 ? 15  GLU A OE1  1 
ATOM   248  O OE2  . GLU A 1 15 ? 5.417   -6.951  6.388   1.00 42.43 ? 15  GLU A OE2  1 
ATOM   249  H H    . GLU A 1 15 ? 0.977   -9.196  3.171   1.00 20.67 ? 15  GLU A H    1 
ATOM   250  H HA   . GLU A 1 15 ? 1.767   -6.611  2.906   1.00 22.38 ? 15  GLU A HA   1 
ATOM   251  H HB2  . GLU A 1 15 ? 3.514   -8.776  3.470   1.00 26.68 ? 15  GLU A HB2  1 
ATOM   252  H HB3  . GLU A 1 15 ? 4.037   -7.400  2.894   1.00 26.68 ? 15  GLU A HB3  1 
ATOM   253  H HG2  . GLU A 1 15 ? 3.308   -6.395  4.929   1.00 38.20 ? 15  GLU A HG2  1 
ATOM   254  H HG3  . GLU A 1 15 ? 3.107   -7.871  5.488   1.00 38.20 ? 15  GLU A HG3  1 
ATOM   255  N N    . THR A 1 16 ? 2.422   -6.957  0.557   1.00 15.15 ? 16  THR A N    1 
ATOM   256  C CA   . THR A 1 16 ? 2.738   -7.190  -0.836  1.00 14.09 ? 16  THR A CA   1 
ATOM   257  C C    . THR A 1 16 ? 3.659   -6.081  -1.289  1.00 13.54 ? 16  THR A C    1 
ATOM   258  O O    . THR A 1 16 ? 3.890   -5.119  -0.549  1.00 15.08 ? 16  THR A O    1 
ATOM   259  C CB   . THR A 1 16 ? 1.447   -7.294  -1.692  1.00 18.05 ? 16  THR A CB   1 
ATOM   260  O OG1  . THR A 1 16 ? 1.756   -7.733  -3.028  1.00 16.04 ? 16  THR A OG1  1 
ATOM   261  C CG2  . THR A 1 16 ? 0.737   -5.973  -1.744  1.00 16.14 ? 16  THR A CG2  1 
ATOM   262  H H    . THR A 1 16 ? 2.467   -6.130  0.787   1.00 18.18 ? 16  THR A H    1 
ATOM   263  H HA   . THR A 1 16 ? 3.218   -8.030  -0.916  1.00 16.91 ? 16  THR A HA   1 
ATOM   264  H HB   . THR A 1 16 ? 0.849   -7.937  -1.280  1.00 21.66 ? 16  THR A HB   1 
ATOM   265  H HG21 . THR A 1 16 ? 0.494   -5.692  -0.849  1.00 19.37 ? 16  THR A HG21 1 
ATOM   266  H HG22 . THR A 1 16 ? -0.066  -6.051  -2.280  1.00 19.37 ? 16  THR A HG22 1 
ATOM   267  H HG23 . THR A 1 16 ? 1.317   -5.302  -2.139  1.00 19.37 ? 16  THR A HG23 1 
ATOM   268  N N    . THR A 1 17 ? 4.247   -6.235  -2.467  1.00 14.27 ? 17  THR A N    1 
ATOM   269  C CA   . THR A 1 17 ? 5.194   -5.271  -2.999  1.00 13.40 ? 17  THR A CA   1 
ATOM   270  C C    . THR A 1 17 ? 4.893   -4.901  -4.447  1.00 18.76 ? 17  THR A C    1 
ATOM   271  O O    . THR A 1 17 ? 4.162   -5.622  -5.127  1.00 17.98 ? 17  THR A O    1 
ATOM   272  C CB   . THR A 1 17 ? 6.638   -5.812  -2.957  1.00 19.31 ? 17  THR A CB   1 
ATOM   273  O OG1  . THR A 1 17 ? 6.758   -6.998  -3.783  1.00 19.79 ? 17  THR A OG1  1 
ATOM   274  C CG2  . THR A 1 17 ? 7.058   -6.112  -1.509  1.00 18.81 ? 17  THR A CG2  1 
ATOM   275  H H    . THR A 1 17 ? 4.109   -6.906  -2.987  1.00 17.13 ? 17  THR A H    1 
ATOM   276  H HA   . THR A 1 17 ? 5.157   -4.461  -2.466  1.00 16.08 ? 17  THR A HA   1 
ATOM   277  H HB   . THR A 1 17 ? 7.236   -5.130  -3.302  1.00 23.17 ? 17  THR A HB   1 
ATOM   278  H HG21 . THR A 1 17 ? 7.013   -5.303  -0.975  1.00 22.57 ? 17  THR A HG21 1 
ATOM   279  H HG22 . THR A 1 17 ? 7.967   -6.452  -1.490  1.00 22.57 ? 17  THR A HG22 1 
ATOM   280  H HG23 . THR A 1 17 ? 6.465   -6.776  -1.123  1.00 22.57 ? 17  THR A HG23 1 
ATOM   281  N N    . THR A 1 18 ? 5.469   -3.796  -4.925  1.00 14.02 ? 18  THR A N    1 
ATOM   282  C CA   . THR A 1 18 ? 5.384   -3.450  -6.334  1.00 13.75 ? 18  THR A CA   1 
ATOM   283  C C    . THR A 1 18 ? 6.627   -2.680  -6.715  1.00 16.36 ? 18  THR A C    1 
ATOM   284  O O    . THR A 1 18 ? 7.291   -2.111  -5.848  1.00 15.73 ? 18  THR A O    1 
ATOM   285  C CB   . THR A 1 18 ? 4.129   -2.604  -6.656  1.00 16.77 ? 18  THR A CB   1 
ATOM   286  O OG1  . THR A 1 18 ? 3.843   -2.680  -8.063  1.00 16.99 ? 18  THR A OG1  1 
ATOM   287  C CG2  . THR A 1 18 ? 4.285   -1.161  -6.229  1.00 14.79 ? 18  THR A CG2  1 
ATOM   288  H H    . THR A 1 18 ? 5.914   -3.234  -4.450  1.00 16.82 ? 18  THR A H    1 
ATOM   289  H HA   . THR A 1 18 ? 5.351   -4.261  -6.865  1.00 16.50 ? 18  THR A HA   1 
ATOM   290  H HB   . THR A 1 18 ? 3.376   -2.973  -6.169  1.00 20.12 ? 18  THR A HB   1 
ATOM   291  H HG21 . THR A 1 18 ? 4.435   -1.114  -5.271  1.00 17.74 ? 18  THR A HG21 1 
ATOM   292  H HG22 . THR A 1 18 ? 3.482   -0.663  -6.445  1.00 17.74 ? 18  THR A HG22 1 
ATOM   293  H HG23 . THR A 1 18 ? 5.039   -0.759  -6.687  1.00 17.74 ? 18  THR A HG23 1 
ATOM   294  N N    . GLU A 1 19 ? 6.943   -2.646  -8.010  1.00 16.79 ? 19  GLU A N    1 
ATOM   295  C CA   A GLU A 1 19 ? 8.052   -1.828  -8.486  0.36 16.55 ? 19  GLU A CA   1 
ATOM   296  C CA   B GLU A 1 19 ? 8.046   -1.832  -8.530  0.64 16.40 ? 19  GLU A CA   1 
ATOM   297  C C    . GLU A 1 19 ? 7.468   -0.608  -9.176  1.00 16.61 ? 19  GLU A C    1 
ATOM   298  O O    . GLU A 1 19 ? 6.526   -0.717  -9.969  1.00 17.22 ? 19  GLU A O    1 
ATOM   299  C CB   A GLU A 1 19 ? 8.977   -2.624  -9.414  0.36 17.33 ? 19  GLU A CB   1 
ATOM   300  C CB   B GLU A 1 19 ? 8.857   -2.606  -9.565  0.64 17.02 ? 19  GLU A CB   1 
ATOM   301  C CG   A GLU A 1 19 ? 9.289   -4.065  -8.941  0.36 21.03 ? 19  GLU A CG   1 
ATOM   302  C CG   B GLU A 1 19 ? 10.142  -1.902  -9.995  0.64 19.29 ? 19  GLU A CG   1 
ATOM   303  C CD   A GLU A 1 19 ? 10.198  -4.179  -7.706  0.36 19.53 ? 19  GLU A CD   1 
ATOM   304  C CD   B GLU A 1 19 ? 11.247  -1.924  -8.922  0.64 17.64 ? 19  GLU A CD   1 
ATOM   305  O OE1  A GLU A 1 19 ? 11.419  -3.935  -7.813  0.36 22.72 ? 19  GLU A OE1  1 
ATOM   306  O OE1  B GLU A 1 19 ? 12.172  -1.073  -8.972  0.64 28.24 ? 19  GLU A OE1  1 
ATOM   307  O OE2  A GLU A 1 19 ? 9.701   -4.565  -6.625  0.36 21.01 ? 19  GLU A OE2  1 
ATOM   308  O OE2  B GLU A 1 19 ? 11.205  -2.793  -8.031  0.64 28.06 ? 19  GLU A OE2  1 
ATOM   309  H H    . GLU A 1 19 ? 6.531   -3.089  -8.622  1.00 20.15 ? 19  GLU A H    1 
ATOM   310  H HA   A GLU A 1 19 ? 8.574   -1.526  -7.726  0.36 19.86 ? 19  GLU A HA   1 
ATOM   311  H HA   B GLU A 1 19 ? 8.632   -1.562  -7.805  0.64 19.67 ? 19  GLU A HA   1 
ATOM   312  H HB2  A GLU A 1 19 ? 8.559   -2.687  -10.287 0.36 20.79 ? 19  GLU A HB2  1 
ATOM   313  H HB2  B GLU A 1 19 ? 9.102   -3.466  -9.191  0.64 20.43 ? 19  GLU A HB2  1 
ATOM   314  H HB3  A GLU A 1 19 ? 9.820   -2.152  -9.490  0.36 20.79 ? 19  GLU A HB3  1 
ATOM   315  H HB3  B GLU A 1 19 ? 8.311   -2.734  -10.357 0.64 20.43 ? 19  GLU A HB3  1 
ATOM   316  H HG2  A GLU A 1 19 ? 8.451   -4.504  -8.725  0.36 25.23 ? 19  GLU A HG2  1 
ATOM   317  H HG2  B GLU A 1 19 ? 10.488  -2.341  -10.788 0.64 23.15 ? 19  GLU A HG2  1 
ATOM   318  H HG3  A GLU A 1 19 ? 9.725   -4.538  -9.666  0.36 25.23 ? 19  GLU A HG3  1 
ATOM   319  H HG3  B GLU A 1 19 ? 9.939   -0.975  -10.194 0.64 23.15 ? 19  GLU A HG3  1 
ATOM   320  N N    . ALA A 1 20 ? 7.992   0.564   -8.839  1.00 16.46 ? 20  ALA A N    1 
ATOM   321  C CA   . ALA A 1 20 ? 7.504   1.836   -9.407  1.00 15.74 ? 20  ALA A CA   1 
ATOM   322  C C    . ALA A 1 20 ? 8.604   2.872   -9.431  1.00 13.80 ? 20  ALA A C    1 
ATOM   323  O O    . ALA A 1 20 ? 9.520   2.801   -8.631  1.00 13.43 ? 20  ALA A O    1 
ATOM   324  C CB   . ALA A 1 20 ? 6.319   2.406   -8.602  1.00 18.83 ? 20  ALA A CB   1 
ATOM   325  H H    . ALA A 1 20 ? 8.637   0.660   -8.279  1.00 19.75 ? 20  ALA A H    1 
ATOM   326  H HA   . ALA A 1 20 ? 7.209   1.686   -10.319 1.00 18.89 ? 20  ALA A HA   1 
ATOM   327  H HB1  . ALA A 1 20 ? 5.591   1.764   -8.614  1.00 22.60 ? 20  ALA A HB1  1 
ATOM   328  H HB2  . ALA A 1 20 ? 6.032   3.238   -9.010  1.00 22.60 ? 20  ALA A HB2  1 
ATOM   329  H HB3  . ALA A 1 20 ? 6.605   2.566   -7.690  1.00 22.60 ? 20  ALA A HB3  1 
ATOM   330  N N    . VAL A 1 21 ? 8.480   3.856   -10.328 1.00 15.63 ? 21  VAL A N    1 
ATOM   331  C CA   . VAL A 1 21 ? 9.532   4.873   -10.468 1.00 16.04 ? 21  VAL A CA   1 
ATOM   332  C C    . VAL A 1 21 ? 9.511   5.943   -9.409  1.00 15.74 ? 21  VAL A C    1 
ATOM   333  O O    . VAL A 1 21 ? 10.488  6.656   -9.216  1.00 15.04 ? 21  VAL A O    1 
ATOM   334  C CB   . VAL A 1 21 ? 9.473   5.606   -11.844 1.00 17.00 ? 21  VAL A CB   1 
ATOM   335  C CG1  . VAL A 1 21 ? 9.716   4.627   -12.975 1.00 17.24 ? 21  VAL A CG1  1 
ATOM   336  C CG2  . VAL A 1 21 ? 8.155   6.372   -11.994 1.00 15.39 ? 21  VAL A CG2  1 
ATOM   337  H H    . VAL A 1 21 ? 7.809   3.960   -10.858 1.00 18.75 ? 21  VAL A H    1 
ATOM   338  H HA   . VAL A 1 21 ? 10.393  4.428   -10.413 1.00 19.24 ? 21  VAL A HA   1 
ATOM   339  H HB   . VAL A 1 21 ? 10.190  6.259   -11.871 1.00 20.40 ? 21  VAL A HB   1 
ATOM   340  H HG11 . VAL A 1 21 ? 10.593  4.228   -12.864 1.00 20.69 ? 21  VAL A HG11 1 
ATOM   341  H HG12 . VAL A 1 21 ? 9.674   5.105   -13.819 1.00 20.69 ? 21  VAL A HG12 1 
ATOM   342  H HG13 . VAL A 1 21 ? 9.032   3.939   -12.949 1.00 20.69 ? 21  VAL A HG13 1 
ATOM   343  H HG21 . VAL A 1 21 ? 7.418   5.745   -11.936 1.00 18.47 ? 21  VAL A HG21 1 
ATOM   344  H HG22 . VAL A 1 21 ? 8.147   6.816   -12.856 1.00 18.47 ? 21  VAL A HG22 1 
ATOM   345  H HG23 . VAL A 1 21 ? 8.090   7.028   -11.283 1.00 18.47 ? 21  VAL A HG23 1 
ATOM   346  N N    . ASP A 1 22 ? 8.367   6.105   -8.763  1.00 14.18 ? 22  ASP A N    1 
ATOM   347  C CA   . ASP A 1 22 ? 8.237   7.060   -7.678  1.00 13.19 ? 22  ASP A CA   1 
ATOM   348  C C    . ASP A 1 22 ? 7.105   6.657   -6.730  1.00 13.74 ? 22  ASP A C    1 
ATOM   349  O O    . ASP A 1 22 ? 6.336   5.721   -6.974  1.00 13.36 ? 22  ASP A O    1 
ATOM   350  C CB   . ASP A 1 22 ? 8.116   8.506   -8.164  1.00 17.48 ? 22  ASP A CB   1 
ATOM   351  C CG   . ASP A 1 22 ? 6.837   8.798   -8.954  1.00 18.55 ? 22  ASP A CG   1 
ATOM   352  O OD1  . ASP A 1 22 ? 5.955   7.916   -9.100  1.00 15.17 ? 22  ASP A OD1  1 
ATOM   353  O OD2  . ASP A 1 22 ? 6.725   9.951   -9.453  1.00 16.67 ? 22  ASP A OD2  1 
ATOM   354  H H    . ASP A 1 22 ? 7.647   5.670   -8.936  1.00 17.01 ? 22  ASP A H    1 
ATOM   355  H HA   . ASP A 1 22 ? 9.055   7.019   -7.158  1.00 15.83 ? 22  ASP A HA   1 
ATOM   356  H HB2  . ASP A 1 22 ? 8.128   9.095   -7.393  1.00 20.97 ? 22  ASP A HB2  1 
ATOM   357  H HB3  . ASP A 1 22 ? 8.871   8.705   -8.740  1.00 20.97 ? 22  ASP A HB3  1 
ATOM   358  N N    . ALA A 1 23 ? 7.029   7.352   -5.599  1.00 14.57 ? 23  ALA A N    1 
ATOM   359  C CA   . ALA A 1 23 ? 6.047   6.973   -4.586  1.00 17.66 ? 23  ALA A CA   1 
ATOM   360  C C    . ALA A 1 23 ? 4.630   7.238   -5.081  1.00 16.33 ? 23  ALA A C    1 
ATOM   361  O O    . ALA A 1 23 ? 3.717   6.479   -4.766  1.00 15.58 ? 23  ALA A O    1 
ATOM   362  C CB   . ALA A 1 23 ? 6.308   7.715   -3.282  1.00 17.98 ? 23  ALA A CB   1 
ATOM   363  H H    . ALA A 1 23 ? 7.519   8.028   -5.397  1.00 17.48 ? 23  ALA A H    1 
ATOM   364  H HA   . ALA A 1 23 ? 6.129   6.023   -4.410  1.00 21.19 ? 23  ALA A HA   1 
ATOM   365  H HB1  . ALA A 1 23 ? 7.197   7.491   -2.963  1.00 21.57 ? 23  ALA A HB1  1 
ATOM   366  H HB2  . ALA A 1 23 ? 5.644   7.445   -2.628  1.00 21.57 ? 23  ALA A HB2  1 
ATOM   367  H HB3  . ALA A 1 23 ? 6.245   8.669   -3.444  1.00 21.57 ? 23  ALA A HB3  1 
ATOM   368  N N    . ALA A 1 24 ? 4.443   8.315   -5.848  1.00 15.83 ? 24  ALA A N    1 
ATOM   369  C CA   . ALA A 1 24 ? 3.109   8.664   -6.343  1.00 15.53 ? 24  ALA A CA   1 
ATOM   370  C C    . ALA A 1 24 ? 2.569   7.504   -7.161  1.00 17.09 ? 24  ALA A C    1 
ATOM   371  O O    . ALA A 1 24 ? 1.388   7.166   -7.070  1.00 19.03 ? 24  ALA A O    1 
ATOM   372  C CB   . ALA A 1 24 ? 3.176   9.931   -7.176  1.00 16.65 ? 24  ALA A CB   1 
ATOM   373  H H    . ALA A 1 24 ? 5.066   8.854   -6.094  1.00 18.99 ? 24  ALA A H    1 
ATOM   374  H HA   . ALA A 1 24 ? 2.514   8.818   -5.593  1.00 18.64 ? 24  ALA A HA   1 
ATOM   375  H HB1  . ALA A 1 24 ? 3.514   10.653  -6.626  1.00 19.98 ? 24  ALA A HB1  1 
ATOM   376  H HB2  . ALA A 1 24 ? 2.285   10.146  -7.495  1.00 19.98 ? 24  ALA A HB2  1 
ATOM   377  H HB3  . ALA A 1 24 ? 3.770   9.781   -7.929  1.00 19.98 ? 24  ALA A HB3  1 
ATOM   378  N N    . THR A 1 25 ? 3.441   6.873   -7.940  1.00 13.42 ? 25  THR A N    1 
ATOM   379  C CA   . THR A 1 25 ? 3.020   5.781   -8.828  1.00 15.55 ? 25  THR A CA   1 
ATOM   380  C C    . THR A 1 25 ? 2.717   4.522   -7.994  1.00 18.49 ? 25  THR A C    1 
ATOM   381  O O    . THR A 1 25 ? 1.665   3.851   -8.186  1.00 18.22 ? 25  THR A O    1 
ATOM   382  C CB   . THR A 1 25 ? 4.087   5.509   -9.893  1.00 17.96 ? 25  THR A CB   1 
ATOM   383  O OG1  . THR A 1 25 ? 4.283   6.692   -10.679 1.00 16.12 ? 25  THR A OG1  1 
ATOM   384  C CG2  . THR A 1 25 ? 3.684   4.388   -10.813 1.00 17.47 ? 25  THR A CG2  1 
ATOM   385  H H    . THR A 1 25 ? 4.281   7.052   -7.976  1.00 16.11 ? 25  THR A H    1 
ATOM   386  H HA   . THR A 1 25 ? 2.204   6.042   -9.283  1.00 18.66 ? 25  THR A HA   1 
ATOM   387  H HB   . THR A 1 25 ? 4.921   5.267   -9.460  1.00 21.55 ? 25  THR A HB   1 
ATOM   388  H HG21 . THR A 1 25 ? 3.552   3.573   -10.304 1.00 20.97 ? 25  THR A HG21 1 
ATOM   389  H HG22 . THR A 1 25 ? 4.377   4.237   -11.476 1.00 20.97 ? 25  THR A HG22 1 
ATOM   390  H HG23 . THR A 1 25 ? 2.857   4.613   -11.267 1.00 20.97 ? 25  THR A HG23 1 
ATOM   391  N N    . ALA A 1 26 ? 3.608   4.205   -7.049  1.00 15.38 ? 26  ALA A N    1 
ATOM   392  C CA   . ALA A 1 26 ? 3.375   3.117   -6.123  1.00 15.51 ? 26  ALA A CA   1 
ATOM   393  C C    . ALA A 1 26 ? 2.042   3.295   -5.431  1.00 12.92 ? 26  ALA A C    1 
ATOM   394  O O    . ALA A 1 26 ? 1.301   2.322   -5.272  1.00 15.27 ? 26  ALA A O    1 
ATOM   395  C CB   . ALA A 1 26 ? 4.491   3.001   -5.093  1.00 13.97 ? 26  ALA A CB   1 
ATOM   396  H H    . ALA A 1 26 ? 4.355   4.613   -6.929  1.00 18.45 ? 26  ALA A H    1 
ATOM   397  H HA   . ALA A 1 26 ? 3.342   2.285   -6.620  1.00 18.61 ? 26  ALA A HA   1 
ATOM   398  H HB1  . ALA A 1 26 ? 5.329   2.841   -5.552  1.00 16.76 ? 26  ALA A HB1  1 
ATOM   399  H HB2  . ALA A 1 26 ? 4.294   2.263   -4.495  1.00 16.76 ? 26  ALA A HB2  1 
ATOM   400  H HB3  . ALA A 1 26 ? 4.541   3.830   -4.590  1.00 16.76 ? 26  ALA A HB3  1 
ATOM   401  N N    . GLU A 1 27 ? 1.767   4.513   -4.970  1.00 14.89 ? 27  GLU A N    1 
ATOM   402  C CA   . GLU A 1 27 ? 0.506   4.803   -4.260  1.00 13.91 ? 27  GLU A CA   1 
ATOM   403  C C    . GLU A 1 27 ? -0.731  4.456   -5.113  1.00 17.11 ? 27  GLU A C    1 
ATOM   404  O O    . GLU A 1 27 ? -1.721  3.910   -4.611  1.00 16.47 ? 27  GLU A O    1 
ATOM   405  C CB   . GLU A 1 27 ? 0.433   6.273   -3.821  1.00 16.61 ? 27  GLU A CB   1 
ATOM   406  C CG   . GLU A 1 27 ? -0.826  6.555   -2.971  1.00 17.63 ? 27  GLU A CG   1 
ATOM   407  C CD   . GLU A 1 27 ? -0.812  7.906   -2.250  1.00 29.22 ? 27  GLU A CD   1 
ATOM   408  O OE1  . GLU A 1 27 ? 0.262   8.447   -1.954  1.00 33.85 ? 27  GLU A OE1  1 
ATOM   409  O OE2  . GLU A 1 27 ? -1.902  8.414   -1.929  1.00 37.94 ? 27  GLU A OE2  1 
ATOM   410  H H    . GLU A 1 27 ? 2.288   5.191   -5.052  1.00 17.87 ? 27  GLU A H    1 
ATOM   411  H HA   . GLU A 1 27 ? 0.471   4.256   -3.459  1.00 16.69 ? 27  GLU A HA   1 
ATOM   412  H HB2  . GLU A 1 27 ? 1.213   6.485   -3.286  1.00 19.93 ? 27  GLU A HB2  1 
ATOM   413  H HB3  . GLU A 1 27 ? 0.401   6.840   -4.607  1.00 19.93 ? 27  GLU A HB3  1 
ATOM   414  H HG2  . GLU A 1 27 ? -1.603  6.539   -3.551  1.00 21.16 ? 27  GLU A HG2  1 
ATOM   415  H HG3  . GLU A 1 27 ? -0.908  5.863   -2.296  1.00 21.16 ? 27  GLU A HG3  1 
ATOM   416  N N    . LYS A 1 28 ? -0.675  4.785   -6.408  1.00 17.11 ? 28  LYS A N    1 
ATOM   417  C CA   . LYS A 1 28 ? -1.758  4.421   -7.336  1.00 15.87 ? 28  LYS A CA   1 
ATOM   418  C C    . LYS A 1 28 ? -1.946  2.928   -7.371  1.00 16.53 ? 28  LYS A C    1 
ATOM   419  O O    . LYS A 1 28 ? -3.050  2.417   -7.250  1.00 19.77 ? 28  LYS A O    1 
ATOM   420  C CB   . LYS A 1 28 ? -1.460  4.947   -8.747  1.00 17.28 ? 28  LYS A CB   1 
ATOM   421  C CG   . LYS A 1 28 ? -1.496  6.406   -8.845  1.00 17.85 ? 28  LYS A CG   1 
ATOM   422  C CD   . LYS A 1 28 ? -1.253  6.862   -10.253 1.00 24.98 ? 28  LYS A CD   1 
ATOM   423  C CE   . LYS A 1 28 ? -1.557  8.351   -10.404 1.00 33.97 ? 28  LYS A CE   1 
ATOM   424  N NZ   . LYS A 1 28 ? -0.474  9.228   -9.840  1.00 27.90 ? 28  LYS A NZ   1 
ATOM   425  H H    . LYS A 1 28 ? -0.027  5.216   -6.774  1.00 20.54 ? 28  LYS A H    1 
ATOM   426  H HA   . LYS A 1 28 ? -2.587  4.823   -7.032  1.00 19.05 ? 28  LYS A HA   1 
ATOM   427  H HB2  . LYS A 1 28 ? -0.573  4.653   -9.011  1.00 20.74 ? 28  LYS A HB2  1 
ATOM   428  H HB3  . LYS A 1 28 ? -2.121  4.591   -9.361  1.00 20.74 ? 28  LYS A HB3  1 
ATOM   429  H HG2  . LYS A 1 28 ? -2.370  6.724   -8.568  1.00 21.42 ? 28  LYS A HG2  1 
ATOM   430  H HG3  . LYS A 1 28 ? -0.806  6.783   -8.279  1.00 21.42 ? 28  LYS A HG3  1 
ATOM   431  H HD2  . LYS A 1 28 ? -0.322  6.716   -10.482 1.00 29.97 ? 28  LYS A HD2  1 
ATOM   432  H HD3  . LYS A 1 28 ? -1.832  6.370   -10.856 1.00 29.97 ? 28  LYS A HD3  1 
ATOM   433  H HE2  . LYS A 1 28 ? -1.651  8.560   -11.346 1.00 40.76 ? 28  LYS A HE2  1 
ATOM   434  H HE3  . LYS A 1 28 ? -2.382  8.554   -9.935  1.00 40.76 ? 28  LYS A HE3  1 
ATOM   435  H HZ1  . LYS A 1 28 ? -0.371  9.062   -8.971  1.00 33.48 ? 28  LYS A HZ1  1 
ATOM   436  H HZ2  . LYS A 1 28 ? -0.690  10.084  -9.948  1.00 33.48 ? 28  LYS A HZ2  1 
ATOM   437  H HZ3  . LYS A 1 28 ? 0.294   9.068   -10.259 1.00 33.48 ? 28  LYS A HZ3  1 
ATOM   438  N N    . VAL A 1 29 ? -0.865  2.210   -7.563  1.00 15.23 ? 29  VAL A N    1 
ATOM   439  C CA   . VAL A 1 29 ? -0.934  0.768   -7.620  1.00 17.34 ? 29  VAL A CA   1 
ATOM   440  C C    . VAL A 1 29 ? -1.558  0.156   -6.344  1.00 15.59 ? 29  VAL A C    1 
ATOM   441  O O    . VAL A 1 29 ? -2.419  -0.741  -6.395  1.00 16.45 ? 29  VAL A O    1 
ATOM   442  C CB   . VAL A 1 29 ? 0.467   0.168   -7.850  1.00 19.21 ? 29  VAL A CB   1 
ATOM   443  C CG1  . VAL A 1 29 ? 0.429   -1.338  -7.844  1.00 16.51 ? 29  VAL A CG1  1 
ATOM   444  C CG2  . VAL A 1 29 ? 1.064   0.701   -9.169  1.00 19.69 ? 29  VAL A CG2  1 
ATOM   445  H H    . VAL A 1 29 ? -0.073  2.533   -7.664  1.00 18.27 ? 29  VAL A H    1 
ATOM   446  H HA   . VAL A 1 29 ? -1.492  0.513   -8.373  1.00 20.81 ? 29  VAL A HA   1 
ATOM   447  H HB   . VAL A 1 29 ? 1.049   0.451   -7.127  1.00 23.05 ? 29  VAL A HB   1 
ATOM   448  H HG11 . VAL A 1 29 ? 0.097   -1.642  -6.986  1.00 19.81 ? 29  VAL A HG11 1 
ATOM   449  H HG12 . VAL A 1 29 ? 1.326   -1.676  -7.991  1.00 19.81 ? 29  VAL A HG12 1 
ATOM   450  H HG13 . VAL A 1 29 ? -0.160  -1.641  -8.554  1.00 19.81 ? 29  VAL A HG13 1 
ATOM   451  H HG21 . VAL A 1 29 ? 0.483   0.449   -9.903  1.00 23.63 ? 29  VAL A HG21 1 
ATOM   452  H HG22 . VAL A 1 29 ? 1.944   0.312   -9.296  1.00 23.63 ? 29  VAL A HG22 1 
ATOM   453  H HG23 . VAL A 1 29 ? 1.133   1.667   -9.117  1.00 23.63 ? 29  VAL A HG23 1 
ATOM   454  N N    . PHE A 1 30 ? -1.109  0.633   -5.192  1.00 13.79 ? 30  PHE A N    1 
ATOM   455  C CA   . PHE A 1 30 ? -1.518  0.045   -3.926  1.00 14.15 ? 30  PHE A CA   1 
ATOM   456  C C    . PHE A 1 30 ? -2.947  0.451   -3.576  1.00 14.62 ? 30  PHE A C    1 
ATOM   457  O O    . PHE A 1 30 ? -3.686  -0.346  -3.004  1.00 14.64 ? 30  PHE A O    1 
ATOM   458  C CB   . PHE A 1 30 ? -0.527  0.429   -2.829  1.00 11.93 ? 30  PHE A CB   1 
ATOM   459  C CG   . PHE A 1 30 ? 0.798   -0.329  -2.888  1.00 12.30 ? 30  PHE A CG   1 
ATOM   460  C CD1  . PHE A 1 30 ? 0.872   -1.614  -3.392  1.00 12.97 ? 30  PHE A CD1  1 
ATOM   461  C CD2  . PHE A 1 30 ? 1.973   0.235   -2.380  1.00 13.42 ? 30  PHE A CD2  1 
ATOM   462  C CE1  . PHE A 1 30 ? 2.055   -2.294  -3.411  1.00 12.78 ? 30  PHE A CE1  1 
ATOM   463  C CE2  . PHE A 1 30 ? 3.168   -0.471  -2.398  1.00 12.98 ? 30  PHE A CE2  1 
ATOM   464  C CZ   . PHE A 1 30 ? 3.190   -1.744  -2.906  1.00 15.15 ? 30  PHE A CZ   1 
ATOM   465  H H    . PHE A 1 30 ? -0.566  1.296   -5.116  1.00 16.54 ? 30  PHE A H    1 
ATOM   466  H HA   . PHE A 1 30 ? -1.500  -0.922  -4.013  1.00 16.98 ? 30  PHE A HA   1 
ATOM   467  H HB2  . PHE A 1 30 ? -0.330  1.375   -2.905  1.00 14.31 ? 30  PHE A HB2  1 
ATOM   468  H HB3  . PHE A 1 30 ? -0.932  0.247   -1.966  1.00 14.31 ? 30  PHE A HB3  1 
ATOM   469  H HD1  . PHE A 1 30 ? 0.105   -2.018  -3.727  1.00 15.56 ? 30  PHE A HD1  1 
ATOM   470  H HD2  . PHE A 1 30 ? 1.952   1.092   -2.021  1.00 16.11 ? 30  PHE A HD2  1 
ATOM   471  H HE1  . PHE A 1 30 ? 2.080   -3.156  -3.758  1.00 15.33 ? 30  PHE A HE1  1 
ATOM   472  H HE2  . PHE A 1 30 ? 3.945   -0.086  -2.063  1.00 15.57 ? 30  PHE A HE2  1 
ATOM   473  H HZ   . PHE A 1 30 ? 3.990   -2.217  -2.940  1.00 18.19 ? 30  PHE A HZ   1 
ATOM   474  N N    . LYS A 1 31 ? -3.354  1.662   -3.939  1.00 16.23 ? 31  LYS A N    1 
ATOM   475  C CA   . LYS A 1 31 ? -4.756  2.046   -3.712  1.00 18.51 ? 31  LYS A CA   1 
ATOM   476  C C    . LYS A 1 31 ? -5.713  1.158   -4.504  1.00 15.15 ? 31  LYS A C    1 
ATOM   477  O O    . LYS A 1 31 ? -6.743  0.693   -3.977  1.00 15.96 ? 31  LYS A O    1 
ATOM   478  C CB   . LYS A 1 31 ? -4.971  3.523   -4.009  1.00 17.05 ? 31  LYS A CB   1 
ATOM   479  C CG   . LYS A 1 31 ? -4.428  4.387   -2.869  1.00 21.26 ? 31  LYS A CG   1 
ATOM   480  C CD   . LYS A 1 31 ? -4.999  5.762   -2.869  1.00 25.17 ? 31  LYS A CD   1 
ATOM   481  C CE   . LYS A 1 31 ? -4.621  6.481   -1.570  1.00 29.70 ? 31  LYS A CE   1 
ATOM   482  N NZ   . LYS A 1 31 ? -4.867  7.926   -1.651  1.00 31.42 ? 31  LYS A NZ   1 
ATOM   483  H H    . LYS A 1 31 ? -2.862  2.265   -4.306  1.00 19.47 ? 31  LYS A H    1 
ATOM   484  H HA   . LYS A 1 31 ? -4.955  1.913   -2.772  1.00 22.22 ? 31  LYS A HA   1 
ATOM   485  H HB2  . LYS A 1 31 ? -4.501  3.761   -4.824  1.00 20.46 ? 31  LYS A HB2  1 
ATOM   486  H HB3  . LYS A 1 31 ? -5.920  3.699   -4.102  1.00 20.46 ? 31  LYS A HB3  1 
ATOM   487  H HG2  . LYS A 1 31 ? -4.651  3.969   -2.024  1.00 25.51 ? 31  LYS A HG2  1 
ATOM   488  H HG3  . LYS A 1 31 ? -3.466  4.462   -2.960  1.00 25.51 ? 31  LYS A HG3  1 
ATOM   489  H HD2  . LYS A 1 31 ? -4.640  6.264   -3.617  1.00 30.20 ? 31  LYS A HD2  1 
ATOM   490  H HD3  . LYS A 1 31 ? -5.967  5.713   -2.925  1.00 30.20 ? 31  LYS A HD3  1 
ATOM   491  H HE2  . LYS A 1 31 ? -5.151  6.124   -0.842  1.00 35.64 ? 31  LYS A HE2  1 
ATOM   492  H HE3  . LYS A 1 31 ? -3.676  6.345   -1.394  1.00 35.64 ? 31  LYS A HE3  1 
ATOM   493  H HZ1  . LYS A 1 31 ? -4.386  8.280   -2.310  1.00 37.70 ? 31  LYS A HZ1  1 
ATOM   494  H HZ2  . LYS A 1 31 ? -4.638  8.316   -0.885  1.00 37.70 ? 31  LYS A HZ2  1 
ATOM   495  H HZ3  . LYS A 1 31 ? -5.730  8.079   -1.807  1.00 37.70 ? 31  LYS A HZ3  1 
ATOM   496  N N    . GLN A 1 32 ? -5.325  0.851   -5.736  1.00 15.11 ? 32  GLN A N    1 
ATOM   497  C CA   . GLN A 1 32 ? -6.067  -0.113  -6.546  1.00 15.35 ? 32  GLN A CA   1 
ATOM   498  C C    . GLN A 1 32 ? -6.033  -1.532  -5.966  1.00 14.00 ? 32  GLN A C    1 
ATOM   499  O O    . GLN A 1 32 ? -7.070  -2.226  -5.937  1.00 16.19 ? 32  GLN A O    1 
ATOM   500  C CB   . GLN A 1 32 ? -5.541  -0.078  -7.976  1.00 18.90 ? 32  GLN A CB   1 
ATOM   501  C CG   . GLN A 1 32 ? -6.329  -0.997  -8.920  1.00 20.23 ? 32  GLN A CG   1 
ATOM   502  C CD   . GLN A 1 32 ? -5.574  -1.345  -10.190 1.00 27.04 ? 32  GLN A CD   1 
ATOM   503  O OE1  . GLN A 1 32 ? -4.404  -1.775  -10.155 1.00 36.83 ? 32  GLN A OE1  1 
ATOM   504  N NE2  . GLN A 1 32 ? -6.239  -1.206  -11.308 1.00 27.09 ? 32  GLN A NE2  1 
ATOM   505  H H    . GLN A 1 32 ? -4.637  1.186   -6.129  1.00 18.14 ? 32  GLN A H    1 
ATOM   506  H HA   . GLN A 1 32 ? -6.997  0.164   -6.573  1.00 18.42 ? 32  GLN A HA   1 
ATOM   507  H HB2  . GLN A 1 32 ? -5.606  0.828   -8.316  1.00 22.68 ? 32  GLN A HB2  1 
ATOM   508  H HB3  . GLN A 1 32 ? -4.615  -0.368  -7.980  1.00 22.68 ? 32  GLN A HB3  1 
ATOM   509  H HG2  . GLN A 1 32 ? -6.531  -1.825  -8.456  1.00 24.27 ? 32  GLN A HG2  1 
ATOM   510  H HG3  . GLN A 1 32 ? -7.153  -0.552  -9.175  1.00 24.27 ? 32  GLN A HG3  1 
ATOM   511  H HE21 . GLN A 1 32 ? -5.862  -1.389  -12.060 1.00 32.51 ? 32  GLN A HE21 1 
ATOM   512  H HE22 . GLN A 1 32 ? -7.054  -0.932  -11.293 1.00 32.51 ? 32  GLN A HE22 1 
ATOM   513  N N    . TYR A 1 33 ? -4.851  -1.980  -5.509  1.00 15.41 ? 33  TYR A N    1 
ATOM   514  C CA   . TYR A 1 33 ? -4.713  -3.284  -4.852  1.00 11.51 ? 33  TYR A CA   1 
ATOM   515  C C    . TYR A 1 33 ? -5.651  -3.359  -3.637  1.00 15.77 ? 33  TYR A C    1 
ATOM   516  O O    . TYR A 1 33 ? -6.349  -4.360  -3.437  1.00 15.19 ? 33  TYR A O    1 
ATOM   517  C CB   . TYR A 1 33 ? -3.282  -3.523  -4.386  1.00 12.05 ? 33  TYR A CB   1 
ATOM   518  C CG   . TYR A 1 33 ? -2.984  -4.955  -4.026  1.00 14.59 ? 33  TYR A CG   1 
ATOM   519  C CD1  . TYR A 1 33 ? -3.227  -5.438  -2.747  1.00 14.57 ? 33  TYR A CD1  1 
ATOM   520  C CD2  . TYR A 1 33 ? -2.448  -5.827  -4.952  1.00 15.92 ? 33  TYR A CD2  1 
ATOM   521  C CE1  . TYR A 1 33 ? -2.936  -6.770  -2.405  1.00 14.13 ? 33  TYR A CE1  1 
ATOM   522  C CE2  . TYR A 1 33 ? -2.176  -7.140  -4.642  1.00 17.10 ? 33  TYR A CE2  1 
ATOM   523  C CZ   . TYR A 1 33 ? -2.425  -7.628  -3.358  1.00 13.15 ? 33  TYR A CZ   1 
ATOM   524  O OH   . TYR A 1 33 ? -2.150  -8.930  -3.018  1.00 17.80 ? 33  TYR A OH   1 
ATOM   525  H H    . TYR A 1 33 ? -4.115  -1.541  -5.569  1.00 18.49 ? 33  TYR A H    1 
ATOM   526  H HA   . TYR A 1 33 ? -4.955  -3.989  -5.474  1.00 13.81 ? 33  TYR A HA   1 
ATOM   527  H HB2  . TYR A 1 33 ? -2.676  -3.264  -5.097  1.00 14.46 ? 33  TYR A HB2  1 
ATOM   528  H HB3  . TYR A 1 33 ? -3.117  -2.980  -3.599  1.00 14.46 ? 33  TYR A HB3  1 
ATOM   529  H HD1  . TYR A 1 33 ? -3.580  -4.867  -2.103  1.00 17.48 ? 33  TYR A HD1  1 
ATOM   530  H HD2  . TYR A 1 33 ? -2.284  -5.524  -5.816  1.00 19.10 ? 33  TYR A HD2  1 
ATOM   531  H HE1  . TYR A 1 33 ? -3.114  -7.079  -1.546  1.00 16.96 ? 33  TYR A HE1  1 
ATOM   532  H HE2  . TYR A 1 33 ? -1.820  -7.704  -5.289  1.00 20.52 ? 33  TYR A HE2  1 
ATOM   533  N N    . ALA A 1 34 ? -5.660  -2.309  -2.816  1.00 14.05 ? 34  ALA A N    1 
ATOM   534  C CA   . ALA A 1 34 ? -6.498  -2.306  -1.619  1.00 13.08 ? 34  ALA A CA   1 
ATOM   535  C C    . ALA A 1 34 ? -7.973  -2.400  -2.005  1.00 15.32 ? 34  ALA A C    1 
ATOM   536  O O    . ALA A 1 34 ? -8.707  -3.238  -1.483  1.00 17.50 ? 34  ALA A O    1 
ATOM   537  C CB   . ALA A 1 34 ? -6.265  -1.049  -0.777  1.00 13.39 ? 34  ALA A CB   1 
ATOM   538  H H    . ALA A 1 34 ? -5.196  -1.594  -2.929  1.00 16.85 ? 34  ALA A H    1 
ATOM   539  H HA   . ALA A 1 34 ? -6.277  -3.079  -1.075  1.00 15.70 ? 34  ALA A HA   1 
ATOM   540  H HB1  . ALA A 1 34 ? -5.334  -1.019  -0.506  1.00 16.07 ? 34  ALA A HB1  1 
ATOM   541  H HB2  . ALA A 1 34 ? -6.836  -1.085  0.006   1.00 16.07 ? 34  ALA A HB2  1 
ATOM   542  H HB3  . ALA A 1 34 ? -6.480  -0.267  -1.310  1.00 16.07 ? 34  ALA A HB3  1 
ATOM   543  N N    . ASN A 1 35 ? -8.402  -1.550  -2.930  1.00 15.59 ? 35  ASN A N    1 
ATOM   544  C CA   . ASN A 1 35 ? -9.789  -1.554  -3.378  1.00 15.99 ? 35  ASN A CA   1 
ATOM   545  C C    . ASN A 1 35 ? -10.199 -2.895  -4.000  1.00 17.46 ? 35  ASN A C    1 
ATOM   546  O O    . ASN A 1 35 ? -11.261 -3.441  -3.692  1.00 14.85 ? 35  ASN A O    1 
ATOM   547  C CB   . ASN A 1 35 ? -10.041 -0.425  -4.372  1.00 17.00 ? 35  ASN A CB   1 
ATOM   548  C CG   . ASN A 1 35 ? -10.086 0.931   -3.719  1.00 21.99 ? 35  ASN A CG   1 
ATOM   549  O OD1  . ASN A 1 35 ? -10.464 1.073   -2.543  1.00 24.04 ? 35  ASN A OD1  1 
ATOM   550  N ND2  . ASN A 1 35 ? -9.710  1.933   -4.464  1.00 23.91 ? 35  ASN A ND2  1 
ATOM   551  H H    . ASN A 1 35 ? -7.909  -0.959  -3.314  1.00 18.71 ? 35  ASN A H    1 
ATOM   552  H HA   . ASN A 1 35 ? -10.361 -1.401  -2.610  1.00 19.18 ? 35  ASN A HA   1 
ATOM   553  H HB2  . ASN A 1 35 ? -9.326  -0.417  -5.029  1.00 20.40 ? 35  ASN A HB2  1 
ATOM   554  H HB3  . ASN A 1 35 ? -10.893 -0.575  -4.811  1.00 20.40 ? 35  ASN A HB3  1 
ATOM   555  H HD21 . ASN A 1 35 ? -9.715  2.732   -4.145  1.00 28.70 ? 35  ASN A HD21 1 
ATOM   556  H HD22 . ASN A 1 35 ? -9.457  1.794   -5.275  1.00 28.70 ? 35  ASN A HD22 1 
ATOM   557  N N    . ASP A 1 36 ? -9.329  -3.432  -4.856  1.00 15.64 ? 36  ASP A N    1 
ATOM   558  C CA   . ASP A 1 36 ? -9.583  -4.705  -5.508  1.00 13.43 ? 36  ASP A CA   1 
ATOM   559  C C    . ASP A 1 36 ? -9.771  -5.814  -4.490  1.00 13.66 ? 36  ASP A C    1 
ATOM   560  O O    . ASP A 1 36 ? -10.384 -6.826  -4.802  1.00 15.68 ? 36  ASP A O    1 
ATOM   561  C CB   . ASP A 1 36 ? -8.403  -5.060  -6.385  1.00 13.41 ? 36  ASP A CB   1 
ATOM   562  C CG   . ASP A 1 36 ? -8.369  -4.280  -7.702  1.00 15.39 ? 36  ASP A CG   1 
ATOM   563  O OD1  . ASP A 1 36 ? -9.337  -3.559  -7.975  1.00 18.50 ? 36  ASP A OD1  1 
ATOM   564  O OD2  . ASP A 1 36 ? -7.375  -4.443  -8.472  1.00 20.57 ? 36  ASP A OD2  1 
ATOM   565  H H    . ASP A 1 36 ? -8.580  -3.071  -5.075  1.00 18.77 ? 36  ASP A H    1 
ATOM   566  H HA   . ASP A 1 36 ? -10.379 -4.644  -6.058  1.00 16.12 ? 36  ASP A HA   1 
ATOM   567  H HB2  . ASP A 1 36 ? -7.583  -4.865  -5.902  1.00 16.10 ? 36  ASP A HB2  1 
ATOM   568  H HB3  . ASP A 1 36 ? -8.443  -6.005  -6.599  1.00 16.10 ? 36  ASP A HB3  1 
ATOM   569  N N    . ASN A 1 37 ? -9.183  -5.657  -3.304  1.00 13.56 ? 37  ASN A N    1 
ATOM   570  C CA   . ASN A 1 37 ? -9.306  -6.611  -2.252  1.00 13.94 ? 37  ASN A CA   1 
ATOM   571  C C    . ASN A 1 37 ? -10.256 -6.205  -1.131  1.00 15.40 ? 37  ASN A C    1 
ATOM   572  O O    . ASN A 1 37 ? -10.283 -6.814  -0.071  1.00 16.23 ? 37  ASN A O    1 
ATOM   573  C CB   . ASN A 1 37 ? -7.929  -6.928  -1.746  1.00 17.02 ? 37  ASN A CB   1 
ATOM   574  C CG   . ASN A 1 37 ? -7.196  -7.756  -2.724  1.00 17.35 ? 37  ASN A CG   1 
ATOM   575  O OD1  . ASN A 1 37 ? -7.477  -8.965  -2.872  1.00 16.11 ? 37  ASN A OD1  1 
ATOM   576  N ND2  . ASN A 1 37 ? -6.300  -7.129  -3.462  1.00 17.00 ? 37  ASN A ND2  1 
ATOM   577  H H    . ASN A 1 37 ? -8.696  -4.979  -3.097  1.00 16.28 ? 37  ASN A H    1 
ATOM   578  H HA   . ASN A 1 37 ? -9.660  -7.429  -2.634  1.00 16.73 ? 37  ASN A HA   1 
ATOM   579  H HB2  . ASN A 1 37 ? -7.436  -6.103  -1.611  1.00 20.42 ? 37  ASN A HB2  1 
ATOM   580  H HB3  . ASN A 1 37 ? -7.996  -7.422  -0.915  1.00 20.42 ? 37  ASN A HB3  1 
ATOM   581  H HD21 . ASN A 1 37 ? -5.845  -7.565  -4.047  1.00 20.40 ? 37  ASN A HD21 1 
ATOM   582  H HD22 . ASN A 1 37 ? -6.171  -6.285  -3.358  1.00 20.40 ? 37  ASN A HD22 1 
ATOM   583  N N    . GLY A 1 38 ? -11.071 -5.213  -1.419  1.00 12.68 ? 38  GLY A N    1 
ATOM   584  C CA   . GLY A 1 38 ? -12.208 -4.878  -0.586  1.00 17.33 ? 38  GLY A CA   1 
ATOM   585  C C    . GLY A 1 38 ? -11.921 -3.969  0.599   1.00 13.12 ? 38  GLY A C    1 
ATOM   586  O O    . GLY A 1 38 ? -12.789 -3.788  1.471   1.00 15.01 ? 38  GLY A O    1 
ATOM   587  H H    . GLY A 1 38 ? -10.986 -4.705  -2.107  1.00 15.21 ? 38  GLY A H    1 
ATOM   588  H HA2  . GLY A 1 38 ? -12.878 -4.444  -1.136  1.00 20.79 ? 38  GLY A HA2  1 
ATOM   589  H HA3  . GLY A 1 38 ? -12.592 -5.699  -0.241  1.00 20.79 ? 38  GLY A HA3  1 
ATOM   590  N N    . VAL A 1 39 ? -10.728 -3.383  0.599   1.00 15.06 ? 39  VAL A N    1 
ATOM   591  C CA   . VAL A 1 39 ? -10.241 -2.532  1.668   1.00 13.34 ? 39  VAL A CA   1 
ATOM   592  C C    . VAL A 1 39 ? -10.434 -1.067  1.331   1.00 16.78 ? 39  VAL A C    1 
ATOM   593  O O    . VAL A 1 39 ? -10.115 -0.638  0.212   1.00 18.99 ? 39  VAL A O    1 
ATOM   594  C CB   . VAL A 1 39 ? -8.744  -2.801  1.923   1.00 14.76 ? 39  VAL A CB   1 
ATOM   595  C CG1  . VAL A 1 39 ? -8.159  -1.859  2.975   1.00 16.11 ? 39  VAL A CG1  1 
ATOM   596  C CG2  . VAL A 1 39 ? -8.520  -4.258  2.308   1.00 16.03 ? 39  VAL A CG2  1 
ATOM   597  H H    . VAL A 1 39 ? -10.161 -3.471  -0.041  1.00 18.07 ? 39  VAL A H    1 
ATOM   598  H HA   . VAL A 1 39 ? -10.731 -2.725  2.482   1.00 16.01 ? 39  VAL A HA   1 
ATOM   599  H HB   . VAL A 1 39 ? -8.261  -2.645  1.096   1.00 17.72 ? 39  VAL A HB   1 
ATOM   600  H HG11 . VAL A 1 39 ? -8.257  -0.944  2.668   1.00 19.33 ? 39  VAL A HG11 1 
ATOM   601  H HG12 . VAL A 1 39 ? -7.220  -2.068  3.099   1.00 19.33 ? 39  VAL A HG12 1 
ATOM   602  H HG13 . VAL A 1 39 ? -8.639  -1.981  3.809   1.00 19.33 ? 39  VAL A HG13 1 
ATOM   603  H HG21 . VAL A 1 39 ? -9.020  -4.451  3.116   1.00 19.23 ? 39  VAL A HG21 1 
ATOM   604  H HG22 . VAL A 1 39 ? -7.573  -4.401  2.462   1.00 19.23 ? 39  VAL A HG22 1 
ATOM   605  H HG23 . VAL A 1 39 ? -8.826  -4.826  1.585   1.00 19.23 ? 39  VAL A HG23 1 
ATOM   606  N N    . ASP A 1 40 ? -10.946 -0.311  2.303   1.00 17.55 ? 40  ASP A N    1 
ATOM   607  C CA   . ASP A 1 40 ? -11.146 1.129   2.165   1.00 23.07 ? 40  ASP A CA   1 
ATOM   608  C C    . ASP A 1 40 ? -10.723 1.734   3.493   1.00 19.85 ? 40  ASP A C    1 
ATOM   609  O O    . ASP A 1 40 ? -11.470 1.699   4.471   1.00 20.11 ? 40  ASP A O    1 
ATOM   610  C CB   . ASP A 1 40 ? -12.617 1.428   1.876   1.00 25.72 ? 40  ASP A CB   1 
ATOM   611  C CG   . ASP A 1 40 ? -12.936 2.917   1.844   1.00 31.27 ? 40  ASP A CG   1 
ATOM   612  O OD1  . ASP A 1 40 ? -12.186 3.686   1.208   1.00 28.12 ? 40  ASP A OD1  1 
ATOM   613  O OD2  . ASP A 1 40 ? -13.967 3.295   2.454   1.00 35.14 ? 40  ASP A OD2  1 
ATOM   614  H H    . ASP A 1 40 ? -11.190 -0.618  3.069   1.00 21.06 ? 40  ASP A H    1 
ATOM   615  H HA   . ASP A 1 40 ? -10.592 1.486   1.453   1.00 27.68 ? 40  ASP A HA   1 
ATOM   616  H HB2  . ASP A 1 40 ? -12.848 1.054   1.011   1.00 30.87 ? 40  ASP A HB2  1 
ATOM   617  H HB3  . ASP A 1 40 ? -13.162 1.020   2.567   1.00 30.87 ? 40  ASP A HB3  1 
ATOM   618  N N    . GLY A 1 41 ? -9.524  2.295   3.533   1.00 18.69 ? 41  GLY A N    1 
ATOM   619  C CA   . GLY A 1 41 ? -8.967  2.716   4.796   1.00 18.38 ? 41  GLY A CA   1 
ATOM   620  C C    . GLY A 1 41 ? -8.124  3.982   4.766   1.00 18.73 ? 41  GLY A C    1 
ATOM   621  O O    . GLY A 1 41 ? -8.169  4.776   3.842   1.00 20.20 ? 41  GLY A O    1 
ATOM   622  H H    . GLY A 1 41 ? -9.022  2.439   2.851   1.00 22.43 ? 41  GLY A H    1 
ATOM   623  H HA2  . GLY A 1 41 ? -9.693  2.861   5.424   1.00 22.05 ? 41  GLY A HA2  1 
ATOM   624  H HA3  . GLY A 1 41 ? -8.412  2.001   5.146   1.00 22.05 ? 41  GLY A HA3  1 
ATOM   625  N N    . GLU A 1 42 ? -7.369  4.119   5.846   1.00 17.05 ? 42  GLU A N    1 
ATOM   626  C CA   . GLU A 1 42 ? -6.597  5.297   6.207   1.00 19.70 ? 42  GLU A CA   1 
ATOM   627  C C    . GLU A 1 42 ? -5.157  4.955   5.850   1.00 17.08 ? 42  GLU A C    1 
ATOM   628  O O    . GLU A 1 42 ? -4.681  3.884   6.206   1.00 16.28 ? 42  GLU A O    1 
ATOM   629  C CB   . GLU A 1 42 ? -6.774  5.501   7.723   1.00 23.41 ? 42  GLU A CB   1 
ATOM   630  C CG   . GLU A 1 42 ? -5.787  6.367   8.462   1.00 24.94 ? 42  GLU A CG   1 
ATOM   631  C CD   . GLU A 1 42 ? -6.027  6.267   9.958   1.00 30.06 ? 42  GLU A CD   1 
ATOM   632  O OE1  . GLU A 1 42 ? -6.823  7.091   10.485  1.00 29.63 ? 42  GLU A OE1  1 
ATOM   633  O OE2  . GLU A 1 42 ? -5.440  5.355   10.598  1.00 23.81 ? 42  GLU A OE2  1 
ATOM   634  H H    . GLU A 1 42 ? -7.285  3.492   6.428   1.00 20.47 ? 42  GLU A H    1 
ATOM   635  H HA   . GLU A 1 42 ? -6.894  6.081   5.719   1.00 23.64 ? 42  GLU A HA   1 
ATOM   636  H HB2  . GLU A 1 42 ? -7.649  5.890   7.868   1.00 28.10 ? 42  GLU A HB2  1 
ATOM   637  H HB3  . GLU A 1 42 ? -6.746  4.627   8.144   1.00 28.10 ? 42  GLU A HB3  1 
ATOM   638  H HG2  . GLU A 1 42 ? -4.885  6.065   8.273   1.00 29.93 ? 42  GLU A HG2  1 
ATOM   639  H HG3  . GLU A 1 42 ? -5.901  7.291   8.193   1.00 29.93 ? 42  GLU A HG3  1 
ATOM   640  N N    . TRP A 1 43 ? -4.507  5.844   5.110   1.00 17.90 ? 43  TRP A N    1 
ATOM   641  C CA   . TRP A 1 43 ? -3.199  5.582   4.542   1.00 13.37 ? 43  TRP A CA   1 
ATOM   642  C C    . TRP A 1 43 ? -2.079  6.319   5.254   1.00 14.14 ? 43  TRP A C    1 
ATOM   643  O O    . TRP A 1 43 ? -2.248  7.462   5.735   1.00 15.82 ? 43  TRP A O    1 
ATOM   644  C CB   . TRP A 1 43 ? -3.160  5.982   3.058   1.00 15.49 ? 43  TRP A CB   1 
ATOM   645  C CG   . TRP A 1 43 ? -3.980  5.106   2.223   1.00 14.59 ? 43  TRP A CG   1 
ATOM   646  C CD1  . TRP A 1 43 ? -5.313  5.161   2.062   1.00 16.79 ? 43  TRP A CD1  1 
ATOM   647  C CD2  . TRP A 1 43 ? -3.515  3.988   1.464   1.00 15.68 ? 43  TRP A CD2  1 
ATOM   648  N NE1  . TRP A 1 43 ? -5.736  4.136   1.243   1.00 18.95 ? 43  TRP A NE1  1 
ATOM   649  C CE2  . TRP A 1 43 ? -4.639  3.413   0.844   1.00 15.66 ? 43  TRP A CE2  1 
ATOM   650  C CE3  . TRP A 1 43 ? -2.247  3.429   1.233   1.00 13.93 ? 43  TRP A CE3  1 
ATOM   651  C CZ2  . TRP A 1 43 ? -4.548  2.295   0.021   1.00 16.09 ? 43  TRP A CZ2  1 
ATOM   652  C CZ3  . TRP A 1 43 ? -2.155  2.313   0.406   1.00 15.47 ? 43  TRP A CZ3  1 
ATOM   653  C CH2  . TRP A 1 43 ? -3.298  1.760   -0.185  1.00 17.21 ? 43  TRP A CH2  1 
ATOM   654  H H    . TRP A 1 43 ? -4.812  6.624   4.921   1.00 21.48 ? 43  TRP A H    1 
ATOM   655  H HA   . TRP A 1 43 ? -3.015  4.631   4.600   1.00 16.05 ? 43  TRP A HA   1 
ATOM   656  H HB2  . TRP A 1 43 ? -3.496  6.888   2.965   1.00 18.58 ? 43  TRP A HB2  1 
ATOM   657  H HB3  . TRP A 1 43 ? -2.245  5.932   2.740   1.00 18.58 ? 43  TRP A HB3  1 
ATOM   658  H HD1  . TRP A 1 43 ? -5.872  5.786   2.464   1.00 20.15 ? 43  TRP A HD1  1 
ATOM   659  H HE1  . TRP A 1 43 ? -6.548  3.993   0.997   1.00 22.74 ? 43  TRP A HE1  1 
ATOM   660  H HE3  . TRP A 1 43 ? -1.488  3.790   1.630   1.00 16.72 ? 43  TRP A HE3  1 
ATOM   661  H HZ2  . TRP A 1 43 ? -5.303  1.928   -0.379  1.00 19.31 ? 43  TRP A HZ2  1 
ATOM   662  H HZ3  . TRP A 1 43 ? -1.324  1.929   0.244   1.00 18.56 ? 43  TRP A HZ3  1 
ATOM   663  H HH2  . TRP A 1 43 ? -3.208  1.019   -0.740  1.00 20.65 ? 43  TRP A HH2  1 
ATOM   664  N N    . CYS A 1 44 ? -0.913  5.663   5.279   1.00 13.74 ? 44  CYS A N    1 
ATOM   665  C CA   A CYS A 1 44 ? 0.319   6.269   5.758   0.50 15.35 ? 44  CYS A CA   1 
ATOM   666  C CA   B CYS A 1 44 ? 0.357   6.272   5.730   0.50 15.40 ? 44  CYS A CA   1 
ATOM   667  C C    . CYS A 1 44 ? 1.459   5.817   4.821   1.00 16.47 ? 44  CYS A C    1 
ATOM   668  O O    . CYS A 1 44 ? 1.373   4.761   4.230   1.00 14.54 ? 44  CYS A O    1 
ATOM   669  C CB   A CYS A 1 44 ? 0.529   5.825   7.212   0.50 17.29 ? 44  CYS A CB   1 
ATOM   670  C CB   B CYS A 1 44 ? 0.812   5.831   7.115   0.50 17.38 ? 44  CYS A CB   1 
ATOM   671  S SG   A CYS A 1 44 ? 1.743   6.722   8.123   0.50 13.83 ? 44  CYS A SG   1 
ATOM   672  S SG   B CYS A 1 44 ? -0.285  6.215   8.369   0.50 17.78 ? 44  CYS A SG   1 
ATOM   673  H H    . CYS A 1 44 ? -0.824  4.846   5.026   1.00 16.49 ? 44  CYS A H    1 
ATOM   674  H HA   . CYS A 1 44 ? 0.273   7.238   5.717   0.50 18.48 ? 44  CYS A HA   1 
ATOM   675  H HB2  A CYS A 1 44 ? -0.313  5.917   7.684   0.50 20.75 ? 44  CYS A HB2  1 
ATOM   676  H HB2  B CYS A 1 44 ? 0.930   4.867   7.111   0.50 20.86 ? 44  CYS A HB2  1 
ATOM   677  H HB3  A CYS A 1 44 ? 0.799   4.893   7.211   0.50 20.75 ? 44  CYS A HB3  1 
ATOM   678  H HB3  B CYS A 1 44 ? 1.656   6.263   7.318   0.50 20.86 ? 44  CYS A HB3  1 
ATOM   679  N N    . TYR A 1 45 ? 2.503   6.615   4.712   1.00 14.55 ? 45  TYR A N    1 
ATOM   680  C CA   . TYR A 1 45 ? 3.628   6.283   3.873   1.00 13.73 ? 45  TYR A CA   1 
ATOM   681  C C    . TYR A 1 45 ? 4.914   6.808   4.471   1.00 14.69 ? 45  TYR A C    1 
ATOM   682  O O    . TYR A 1 45 ? 4.982   7.984   4.796   1.00 16.73 ? 45  TYR A O    1 
ATOM   683  C CB   . TYR A 1 45 ? 3.457   6.868   2.449   1.00 13.82 ? 45  TYR A CB   1 
ATOM   684  C CG   . TYR A 1 45 ? 4.687   6.600   1.623   1.00 13.41 ? 45  TYR A CG   1 
ATOM   685  C CD1  . TYR A 1 45 ? 5.043   5.298   1.295   1.00 13.60 ? 45  TYR A CD1  1 
ATOM   686  C CD2  . TYR A 1 45 ? 5.526   7.608   1.211   1.00 14.45 ? 45  TYR A CD2  1 
ATOM   687  C CE1  . TYR A 1 45 ? 6.197   5.024   0.566   1.00 13.15 ? 45  TYR A CE1  1 
ATOM   688  C CE2  . TYR A 1 45 ? 6.681   7.340   0.490   1.00 15.39 ? 45  TYR A CE2  1 
ATOM   689  C CZ   . TYR A 1 45 ? 7.016   6.037   0.177   1.00 13.94 ? 45  TYR A CZ   1 
ATOM   690  O OH   . TYR A 1 45 ? 8.177   5.736   -0.528  1.00 15.60 ? 45  TYR A OH   1 
ATOM   691  H H    . TYR A 1 45 ? 2.583   7.367   5.122   1.00 17.46 ? 45  TYR A H    1 
ATOM   692  H HA   . TYR A 1 45 ? 3.698   5.319   3.798   1.00 16.48 ? 45  TYR A HA   1 
ATOM   693  H HB2  . TYR A 1 45 ? 2.698   6.447   2.016   1.00 16.58 ? 45  TYR A HB2  1 
ATOM   694  H HB3  . TYR A 1 45 ? 3.327   7.827   2.507   1.00 16.58 ? 45  TYR A HB3  1 
ATOM   695  H HD1  . TYR A 1 45 ? 4.500   4.594   1.570   1.00 16.32 ? 45  TYR A HD1  1 
ATOM   696  H HD2  . TYR A 1 45 ? 5.320   8.489   1.428   1.00 17.33 ? 45  TYR A HD2  1 
ATOM   697  H HE1  . TYR A 1 45 ? 6.420   4.145   0.363   1.00 15.78 ? 45  TYR A HE1  1 
ATOM   698  H HE2  . TYR A 1 45 ? 7.236   8.038   0.226   1.00 18.47 ? 45  TYR A HE2  1 
ATOM   699  N N    . ASP A 1 46 ? 5.915   5.948   4.639   1.00 12.93 ? 46  ASP A N    1 
ATOM   700  C CA   . ASP A 1 46 ? 7.251   6.360   5.084   1.00 13.13 ? 46  ASP A CA   1 
ATOM   701  C C    . ASP A 1 46 ? 8.276   6.111   3.980   1.00 13.02 ? 46  ASP A C    1 
ATOM   702  O O    . ASP A 1 46 ? 8.657   4.978   3.721   1.00 13.73 ? 46  ASP A O    1 
ATOM   703  C CB   . ASP A 1 46 ? 7.671   5.551   6.323   1.00 12.42 ? 46  ASP A CB   1 
ATOM   704  C CG   . ASP A 1 46 ? 8.963   6.037   6.928   1.00 16.68 ? 46  ASP A CG   1 
ATOM   705  O OD1  . ASP A 1 46 ? 9.565   6.987   6.376   1.00 16.06 ? 46  ASP A OD1  1 
ATOM   706  O OD2  . ASP A 1 46 ? 9.378   5.470   7.962   1.00 17.67 ? 46  ASP A OD2  1 
ATOM   707  H H    . ASP A 1 46 ? 5.846   5.102   4.499   1.00 15.51 ? 46  ASP A H    1 
ATOM   708  H HA   . ASP A 1 46 ? 7.250   7.304   5.307   1.00 15.76 ? 46  ASP A HA   1 
ATOM   709  H HB2  . ASP A 1 46 ? 6.978   5.624   6.997   1.00 14.91 ? 46  ASP A HB2  1 
ATOM   710  H HB3  . ASP A 1 46 ? 7.791   4.622   6.067   1.00 14.91 ? 46  ASP A HB3  1 
ATOM   711  N N    . ASP A 1 47 ? 8.750   7.171   3.330   1.00 13.71 ? 47  ASP A N    1 
ATOM   712  C CA   . ASP A 1 47 ? 9.709   6.991   2.240   1.00 14.91 ? 47  ASP A CA   1 
ATOM   713  C C    . ASP A 1 47 ? 11.017  6.388   2.750   1.00 17.16 ? 47  ASP A C    1 
ATOM   714  O O    . ASP A 1 47 ? 11.751  5.805   1.971   1.00 16.47 ? 47  ASP A O    1 
ATOM   715  C CB   . ASP A 1 47 ? 10.015  8.299   1.530   1.00 18.48 ? 47  ASP A CB   1 
ATOM   716  C CG   . ASP A 1 47 ? 10.648  8.068   0.167   1.00 21.18 ? 47  ASP A CG   1 
ATOM   717  O OD1  . ASP A 1 47 ? 9.954   7.582   -0.761  1.00 21.13 ? 47  ASP A OD1  1 
ATOM   718  O OD2  . ASP A 1 47 ? 11.849  8.330   0.042   1.00 18.20 ? 47  ASP A OD2  1 
ATOM   719  H H    . ASP A 1 47 ? 8.538   7.988   3.494   1.00 16.45 ? 47  ASP A H    1 
ATOM   720  H HA   . ASP A 1 47 ? 9.333   6.378   1.587   1.00 17.89 ? 47  ASP A HA   1 
ATOM   721  H HB2  . ASP A 1 47 ? 9.190   8.792   1.401   1.00 22.17 ? 47  ASP A HB2  1 
ATOM   722  H HB3  . ASP A 1 47 ? 10.634  8.817   2.068   1.00 22.17 ? 47  ASP A HB3  1 
ATOM   723  N N    . ALA A 1 48 ? 11.269  6.494   4.054   1.00 14.72 ? 48  ALA A N    1 
ATOM   724  C CA   . ALA A 1 48 ? 12.513  5.968   4.639   1.00 16.09 ? 48  ALA A CA   1 
ATOM   725  C C    . ALA A 1 48 ? 12.547  4.447   4.715   1.00 15.03 ? 48  ALA A C    1 
ATOM   726  O O    . ALA A 1 48 ? 13.622  3.850   4.923   1.00 13.68 ? 48  ALA A O    1 
ATOM   727  C CB   . ALA A 1 48 ? 12.753  6.543   6.028   1.00 18.26 ? 48  ALA A CB   1 
ATOM   728  H H    . ALA A 1 48 ? 10.741  6.863   4.623   1.00 17.66 ? 48  ALA A H    1 
ATOM   729  H HA   . ALA A 1 48 ? 13.254  6.246   4.079   1.00 19.31 ? 48  ALA A HA   1 
ATOM   730  H HB1  . ALA A 1 48 ? 12.821  7.508   5.962   1.00 21.91 ? 48  ALA A HB1  1 
ATOM   731  H HB2  . ALA A 1 48 ? 13.578  6.177   6.383   1.00 21.91 ? 48  ALA A HB2  1 
ATOM   732  H HB3  . ALA A 1 48 ? 12.009  6.302   6.602   1.00 21.91 ? 48  ALA A HB3  1 
ATOM   733  N N    . THR A 1 49 ? 11.373  3.828   4.571   1.00 12.94 ? 49  THR A N    1 
ATOM   734  C CA   . THR A 1 49 ? 11.256  2.393   4.497   1.00 13.11 ? 49  THR A CA   1 
ATOM   735  C C    . THR A 1 49 ? 10.476  1.941   3.268   1.00 12.02 ? 49  THR A C    1 
ATOM   736  O O    . THR A 1 49 ? 10.117  0.758   3.169   1.00 13.83 ? 49  THR A O    1 
ATOM   737  C CB   . THR A 1 49 ? 10.565  1.851   5.748   1.00 16.14 ? 49  THR A CB   1 
ATOM   738  O OG1  . THR A 1 49 ? 9.236   2.366   5.813   1.00 14.72 ? 49  THR A OG1  1 
ATOM   739  C CG2  . THR A 1 49 ? 11.298  2.276   6.969   1.00 14.37 ? 49  THR A CG2  1 
ATOM   740  H H    . THR A 1 49 ? 10.619  4.238   4.513   1.00 15.53 ? 49  THR A H    1 
ATOM   741  H HA   . THR A 1 49 ? 12.143  2.005   4.451   1.00 15.73 ? 49  THR A HA   1 
ATOM   742  H HB   . THR A 1 49 ? 10.541  0.882   5.718   1.00 19.37 ? 49  THR A HB   1 
ATOM   743  H HG21 . THR A 1 49 ? 12.208  1.939   6.944   1.00 17.25 ? 49  THR A HG21 1 
ATOM   744  H HG22 . THR A 1 49 ? 10.855  1.929   7.759   1.00 17.25 ? 49  THR A HG22 1 
ATOM   745  H HG23 . THR A 1 49 ? 11.321  3.244   7.021   1.00 17.25 ? 49  THR A HG23 1 
ATOM   746  N N    . LYS A 1 50 ? 10.201  2.870   2.356   1.00 11.75 ? 50  LYS A N    1 
ATOM   747  C CA   . LYS A 1 50 ? 9.409   2.605   1.157   1.00 12.99 ? 50  LYS A CA   1 
ATOM   748  C C    . LYS A 1 50 ? 8.137   1.809   1.461   1.00 14.01 ? 50  LYS A C    1 
ATOM   749  O O    . LYS A 1 50 ? 7.734   0.953   0.688   1.00 15.18 ? 50  LYS A O    1 
ATOM   750  C CB   . LYS A 1 50 ? 10.231  1.839   0.123   1.00 13.50 ? 50  LYS A CB   1 
ATOM   751  C CG   . LYS A 1 50 ? 11.525  2.526   -0.286  1.00 16.82 ? 50  LYS A CG   1 
ATOM   752  C CD   . LYS A 1 50 ? 11.305  3.815   -1.004  1.00 16.70 ? 50  LYS A CD   1 
ATOM   753  C CE   . LYS A 1 50 ? 12.639  4.330   -1.500  1.00 21.55 ? 50  LYS A CE   1 
ATOM   754  N NZ   . LYS A 1 50 ? 12.715  5.763   -1.677  1.00 20.53 ? 50  LYS A NZ   1 
ATOM   755  H H    . LYS A 1 50 ? 10.471  3.686   2.412   1.00 14.10 ? 50  LYS A H    1 
ATOM   756  H HA   . LYS A 1 50 ? 9.146   3.451   0.762   1.00 15.59 ? 50  LYS A HA   1 
ATOM   757  H HB2  . LYS A 1 50 ? 10.461  0.972   0.491   1.00 16.20 ? 50  LYS A HB2  1 
ATOM   758  H HB3  . LYS A 1 50 ? 9.694   1.724   -0.676  1.00 16.20 ? 50  LYS A HB3  1 
ATOM   759  H HG2  . LYS A 1 50 ? 12.047  2.712   0.510   1.00 20.19 ? 50  LYS A HG2  1 
ATOM   760  H HG3  . LYS A 1 50 ? 12.021  1.935   -0.875  1.00 20.19 ? 50  LYS A HG3  1 
ATOM   761  H HD2  . LYS A 1 50 ? 10.723  3.671   -1.767  1.00 20.04 ? 50  LYS A HD2  1 
ATOM   762  H HD3  . LYS A 1 50 ? 10.924  4.468   -0.398  1.00 20.04 ? 50  LYS A HD3  1 
ATOM   763  H HE2  . LYS A 1 50 ? 13.323  4.079   -0.861  1.00 25.87 ? 50  LYS A HE2  1 
ATOM   764  H HE3  . LYS A 1 50 ? 12.829  3.919   -2.358  1.00 25.87 ? 50  LYS A HE3  1 
ATOM   765  H HZ1  . LYS A 1 50 ? 12.109  6.028   -2.272  1.00 24.64 ? 50  LYS A HZ1  1 
ATOM   766  H HZ2  . LYS A 1 50 ? 13.525  5.991   -1.969  1.00 24.64 ? 50  LYS A HZ2  1 
ATOM   767  H HZ3  . LYS A 1 50 ? 12.560  6.174   -0.903  1.00 24.64 ? 50  LYS A HZ3  1 
ATOM   768  N N    . THR A 1 51 ? 7.507   2.104   2.579   1.00 12.65 ? 51  THR A N    1 
ATOM   769  C CA   . THR A 1 51 ? 6.372   1.312   3.058   1.00 11.77 ? 51  THR A CA   1 
ATOM   770  C C    . THR A 1 51 ? 5.110   2.155   3.188   1.00 13.63 ? 51  THR A C    1 
ATOM   771  O O    . THR A 1 51 ? 5.102   3.196   3.862   1.00 11.65 ? 51  THR A O    1 
ATOM   772  C CB   . THR A 1 51 ? 6.679   0.676   4.421   1.00 16.03 ? 51  THR A CB   1 
ATOM   773  O OG1  . THR A 1 51 ? 7.842   -0.160  4.322   1.00 15.98 ? 51  THR A OG1  1 
ATOM   774  C CG2  . THR A 1 51 ? 5.513   -0.165  4.882   1.00 15.70 ? 51  THR A CG2  1 
ATOM   775  H H    . THR A 1 51 ? 7.712   2.764   3.092   1.00 15.18 ? 51  THR A H    1 
ATOM   776  H HA   . THR A 1 51 ? 6.194   0.599   2.425   1.00 14.12 ? 51  THR A HA   1 
ATOM   777  H HB   . THR A 1 51 ? 6.835   1.372   5.077   1.00 19.24 ? 51  THR A HB   1 
ATOM   778  H HG21 . THR A 1 51 ? 4.720   0.387   4.965   1.00 18.84 ? 51  THR A HG21 1 
ATOM   779  H HG22 . THR A 1 51 ? 5.712   -0.564  5.743   1.00 18.84 ? 51  THR A HG22 1 
ATOM   780  H HG23 . THR A 1 51 ? 5.339   -0.870  4.239   1.00 18.84 ? 51  THR A HG23 1 
ATOM   781  N N    . PHE A 1 52 ? 4.043   1.684   2.532   1.00 11.17 ? 52  PHE A N    1 
ATOM   782  C CA   . PHE A 1 52 ? 2.685   2.192   2.719   1.00 12.35 ? 52  PHE A CA   1 
ATOM   783  C C    . PHE A 1 52 ? 1.915   1.281   3.702   1.00 15.49 ? 52  PHE A C    1 
ATOM   784  O O    . PHE A 1 52 ? 2.157   0.061   3.767   1.00 12.85 ? 52  PHE A O    1 
ATOM   785  C CB   . PHE A 1 52 ? 1.905   2.132   1.408   1.00 12.15 ? 52  PHE A CB   1 
ATOM   786  C CG   . PHE A 1 52 ? 2.398   3.051   0.359   1.00 11.35 ? 52  PHE A CG   1 
ATOM   787  C CD1  . PHE A 1 52 ? 3.428   2.686   -0.477  1.00 14.35 ? 52  PHE A CD1  1 
ATOM   788  C CD2  . PHE A 1 52 ? 1.835   4.313   0.212   1.00 14.32 ? 52  PHE A CD2  1 
ATOM   789  C CE1  . PHE A 1 52 ? 3.878   3.542   -1.474  1.00 14.49 ? 52  PHE A CE1  1 
ATOM   790  C CE2  . PHE A 1 52 ? 2.282   5.185   -0.792  1.00 16.39 ? 52  PHE A CE2  1 
ATOM   791  C CZ   . PHE A 1 52 ? 3.309   4.788   -1.632  1.00 15.40 ? 52  PHE A CZ   1 
ATOM   792  H H    . PHE A 1 52 ? 4.086   1.047   1.956   1.00 13.40 ? 52  PHE A H    1 
ATOM   793  H HA   . PHE A 1 52 ? 2.699   3.102   3.054   1.00 14.83 ? 52  PHE A HA   1 
ATOM   794  H HB2  . PHE A 1 52 ? 1.957   1.230   1.056   1.00 14.58 ? 52  PHE A HB2  1 
ATOM   795  H HB3  . PHE A 1 52 ? 0.979   2.359   1.587   1.00 14.58 ? 52  PHE A HB3  1 
ATOM   796  H HD1  . PHE A 1 52 ? 3.812   1.843   -0.389  1.00 17.22 ? 52  PHE A HD1  1 
ATOM   797  H HD2  . PHE A 1 52 ? 1.136   4.572   0.768   1.00 17.18 ? 52  PHE A HD2  1 
ATOM   798  H HE1  . PHE A 1 52 ? 4.572   3.276   -2.033  1.00 17.39 ? 52  PHE A HE1  1 
ATOM   799  H HE2  . PHE A 1 52 ? 1.896   6.025   -0.888  1.00 19.66 ? 52  PHE A HE2  1 
ATOM   800  H HZ   . PHE A 1 52 ? 3.621   5.365   -2.291  1.00 18.48 ? 52  PHE A HZ   1 
ATOM   801  N N    . THR A 1 53 ? 0.999   1.882   4.456   1.00 13.39 ? 53  THR A N    1 
ATOM   802  C CA   . THR A 1 53 ? 0.004   1.125   5.183   1.00 12.39 ? 53  THR A CA   1 
ATOM   803  C C    . THR A 1 53 ? -1.378  1.621   4.821   1.00 13.72 ? 53  THR A C    1 
ATOM   804  O O    . THR A 1 53 ? -1.578  2.798   4.566   1.00 14.63 ? 53  THR A O    1 
ATOM   805  C CB   . THR A 1 53 ? 0.173   1.256   6.712   1.00 13.40 ? 53  THR A CB   1 
ATOM   806  O OG1  . THR A 1 53 ? 0.077   2.630   7.106   1.00 13.57 ? 53  THR A OG1  1 
ATOM   807  C CG2  . THR A 1 53 ? 1.515   0.734   7.119   1.00 13.59 ? 53  THR A CG2  1 
ATOM   808  H H    . THR A 1 53 ? 0.938   2.734   4.560   1.00 16.07 ? 53  THR A H    1 
ATOM   809  H HA   . THR A 1 53 ? 0.070   0.187   4.943   1.00 14.87 ? 53  THR A HA   1 
ATOM   810  H HB   . THR A 1 53 ? -0.511  0.738   7.163   1.00 16.08 ? 53  THR A HB   1 
ATOM   811  H HG21 . THR A 1 53 ? 1.597   -0.200  6.868   1.00 16.30 ? 53  THR A HG21 1 
ATOM   812  H HG22 . THR A 1 53 ? 1.625   0.815   8.078   1.00 16.30 ? 53  THR A HG22 1 
ATOM   813  H HG23 . THR A 1 53 ? 2.215   1.240   6.677   1.00 16.30 ? 53  THR A HG23 1 
ATOM   814  N N    . VAL A 1 54 ? -2.335  0.702   4.801   1.00 14.65 ? 54  VAL A N    1 
ATOM   815  C CA   . VAL A 1 54 ? -3.751  1.054   4.701   1.00 14.68 ? 54  VAL A CA   1 
ATOM   816  C C    . VAL A 1 54 ? -4.451  0.314   5.848   1.00 15.38 ? 54  VAL A C    1 
ATOM   817  O O    . VAL A 1 54 ? -4.266  -0.899  6.026   1.00 15.66 ? 54  VAL A O    1 
ATOM   818  C CB   . VAL A 1 54 ? -4.333  0.730   3.307   1.00 17.27 ? 54  VAL A CB   1 
ATOM   819  C CG1  . VAL A 1 54 ? -4.146  -0.723  2.946   1.00 12.03 ? 54  VAL A CG1  1 
ATOM   820  C CG2  . VAL A 1 54 ? -5.806  1.156   3.231   1.00 17.73 ? 54  VAL A CG2  1 
ATOM   821  H H    . VAL A 1 54 ? -2.191  -0.145  4.844   1.00 17.58 ? 54  VAL A H    1 
ATOM   822  H HA   . VAL A 1 54 ? -3.851  2.007   4.852   1.00 17.62 ? 54  VAL A HA   1 
ATOM   823  H HB   . VAL A 1 54 ? -3.850  1.253   2.648   1.00 20.72 ? 54  VAL A HB   1 
ATOM   824  H HG11 . VAL A 1 54 ? -3.197  -0.926  2.939   1.00 14.43 ? 54  VAL A HG11 1 
ATOM   825  H HG12 . VAL A 1 54 ? -4.525  -0.881  2.067   1.00 14.43 ? 54  VAL A HG12 1 
ATOM   826  H HG13 . VAL A 1 54 ? -4.597  -1.272  3.605   1.00 14.43 ? 54  VAL A HG13 1 
ATOM   827  H HG21 . VAL A 1 54 ? -6.308  0.675   3.908   1.00 21.27 ? 54  VAL A HG21 1 
ATOM   828  H HG22 . VAL A 1 54 ? -6.152  0.944   2.350   1.00 21.27 ? 54  VAL A HG22 1 
ATOM   829  H HG23 . VAL A 1 54 ? -5.867  2.111   3.390   1.00 21.27 ? 54  VAL A HG23 1 
ATOM   830  N N    . THR A 1 55 ? -5.211  1.058   6.646   1.00 15.64 ? 55  THR A N    1 
ATOM   831  C CA   . THR A 1 55 ? -5.775  0.544   7.889   1.00 15.68 ? 55  THR A CA   1 
ATOM   832  C C    . THR A 1 55 ? -7.242  0.898   7.999   1.00 16.06 ? 55  THR A C    1 
ATOM   833  O O    . THR A 1 55 ? -7.641  2.033   7.740   1.00 19.65 ? 55  THR A O    1 
ATOM   834  C CB   . THR A 1 55 ? -5.016  1.131   9.068   1.00 17.57 ? 55  THR A CB   1 
ATOM   835  O OG1  . THR A 1 55 ? -3.593  0.987   8.847   1.00 19.38 ? 55  THR A OG1  1 
ATOM   836  C CG2  . THR A 1 55 ? -5.448  0.441   10.324  1.00 20.46 ? 55  THR A CG2  1 
ATOM   837  H H    . THR A 1 55 ? -5.418  1.877   6.487   1.00 18.77 ? 55  THR A H    1 
ATOM   838  H HA   . THR A 1 55 ? -5.686  -0.422  7.913   1.00 18.82 ? 55  THR A HA   1 
ATOM   839  H HB   . THR A 1 55 ? -5.232  2.073   9.150   1.00 21.09 ? 55  THR A HB   1 
ATOM   840  H HG21 . THR A 1 55 ? -6.401  0.565   10.459  1.00 24.55 ? 55  THR A HG21 1 
ATOM   841  H HG22 . THR A 1 55 ? -4.971  0.806   11.085  1.00 24.55 ? 55  THR A HG22 1 
ATOM   842  H HG23 . THR A 1 55 ? -5.261  -0.509  10.261  1.00 24.55 ? 55  THR A HG23 1 
ATOM   843  N N    . GLU A 1 56 ? -8.051  -0.085  8.323   1.00 15.14 ? 56  GLU A N    1 
ATOM   844  C CA   . GLU A 1 56 ? -9.493  0.120   8.411   1.00 22.18 ? 56  GLU A CA   1 
ATOM   845  C C    . GLU A 1 56 ? -9.965  0.144   9.836   1.00 26.28 ? 56  GLU A C    1 
ATOM   846  O O    . GLU A 1 56 ? -9.576  -0.687  10.661  1.00 38.01 ? 56  GLU A O    1 
ATOM   847  C CB   . GLU A 1 56 ? -10.256 -1.009  7.723   1.00 24.01 ? 56  GLU A CB   1 
ATOM   848  C CG   . GLU A 1 56 ? -10.098 -1.031  6.264   1.00 20.58 ? 56  GLU A CG   1 
ATOM   849  C CD   . GLU A 1 56 ? -10.985 -2.060  5.599   1.00 21.56 ? 56  GLU A CD   1 
ATOM   850  O OE1  . GLU A 1 56 ? -10.926 -3.237  5.990   1.00 18.93 ? 56  GLU A OE1  1 
ATOM   851  O OE2  . GLU A 1 56 ? -11.730 -1.659  4.672   1.00 22.41 ? 56  GLU A OE2  1 
ATOM   852  O OXT  . GLU A 1 56 ? -10.825 0.963   10.130  1.00 34.47 ? 56  GLU A OXT  1 
ATOM   853  H H    . GLU A 1 56 ? -7.796  -0.888  8.500   1.00 18.17 ? 56  GLU A H    1 
ATOM   854  H HA   . GLU A 1 56 ? -9.730  0.961   7.989   1.00 26.62 ? 56  GLU A HA   1 
ATOM   855  H HB2  . GLU A 1 56 ? -9.938  -1.858  8.069   1.00 28.81 ? 56  GLU A HB2  1 
ATOM   856  H HB3  . GLU A 1 56 ? -11.202 -0.910  7.917   1.00 28.81 ? 56  GLU A HB3  1 
ATOM   857  H HG2  . GLU A 1 56 ? -10.329 -0.159  5.906   1.00 24.70 ? 56  GLU A HG2  1 
ATOM   858  H HG3  . GLU A 1 56 ? -9.176  -1.245  6.048   1.00 24.70 ? 56  GLU A HG3  1 
HETATM 859  O O1   A MTN B 2 .  ? 6.176   4.103   9.926   0.50 18.21 ? 101 MTN A O1   1 
HETATM 860  O O1   B MTN B 2 .  ? 6.095   3.887   9.952   0.50 18.53 ? 101 MTN A O1   1 
HETATM 861  N N1   A MTN B 2 .  ? 4.963   4.081   9.733   0.50 17.93 ? 101 MTN A N1   1 
HETATM 862  N N1   B MTN B 2 .  ? 4.876   3.882   9.761   0.50 18.09 ? 101 MTN A N1   1 
HETATM 863  C C1   A MTN B 2 .  ? 4.332   3.323   8.654   0.50 15.50 ? 101 MTN A C1   1 
HETATM 864  C C1   B MTN B 2 .  ? 4.252   3.164   8.656   0.50 15.49 ? 101 MTN A C1   1 
HETATM 865  C C2   A MTN B 2 .  ? 2.880   3.616   8.912   0.50 17.06 ? 101 MTN A C2   1 
HETATM 866  C C2   B MTN B 2 .  ? 2.800   3.461   8.926   0.50 16.95 ? 101 MTN A C2   1 
HETATM 867  C C3   A MTN B 2 .  ? 2.713   4.398   9.988   0.50 16.49 ? 101 MTN A C3   1 
HETATM 868  C C3   B MTN B 2 .  ? 2.612   4.229   10.017  0.50 16.40 ? 101 MTN A C3   1 
HETATM 869  C C4   A MTN B 2 .  ? 1.390   4.879   10.500  0.50 15.44 ? 101 MTN A C4   1 
HETATM 870  C C4   B MTN B 2 .  ? 1.261   4.698   10.517  0.50 15.51 ? 101 MTN A C4   1 
HETATM 871  S S1   A MTN B 2 .  ? 1.153   6.593   10.071  0.50 16.65 ? 101 MTN A S1   1 
HETATM 872  S S1   B MTN B 2 .  ? 0.861   6.381   10.053  0.50 17.66 ? 101 MTN A S1   1 
HETATM 873  C C5   A MTN B 2 .  ? 4.025   4.715   10.653  0.50 17.10 ? 101 MTN A C5   1 
HETATM 874  C C5   B MTN B 2 .  ? 3.936   4.513   10.685  0.50 16.96 ? 101 MTN A C5   1 
HETATM 875  C C6   A MTN B 2 .  ? 4.263   6.208   10.821  0.50 16.33 ? 101 MTN A C6   1 
HETATM 876  C C6   B MTN B 2 .  ? 4.196   6.002   10.834  0.50 16.24 ? 101 MTN A C6   1 
HETATM 877  C C7   A MTN B 2 .  ? 4.150   3.942   11.970  0.50 17.16 ? 101 MTN A C7   1 
HETATM 878  C C7   B MTN B 2 .  ? 4.094   3.749   12.004  0.50 17.01 ? 101 MTN A C7   1 
HETATM 879  C C8   A MTN B 2 .  ? 4.776   3.817   7.286   0.50 15.32 ? 101 MTN A C8   1 
HETATM 880  C C8   B MTN B 2 .  ? 4.704   3.713   7.310   0.50 15.31 ? 101 MTN A C8   1 
HETATM 881  C C9   A MTN B 2 .  ? 4.657   1.848   8.820   0.50 17.00 ? 101 MTN A C9   1 
HETATM 882  C C9   B MTN B 2 .  ? 4.616   1.687   8.738   0.50 17.01 ? 101 MTN A C9   1 
HETATM 883  H H2   A MTN B 2 .  ? 2.074   3.256   8.298   0.50 20.48 ? 101 MTN A H2   1 
HETATM 884  H H2   B MTN B 2 .  ? 1.997   3.122   8.293   0.50 20.34 ? 101 MTN A H2   1 
HETATM 885  H H41  A MTN B 2 .  ? 1.353   4.763   11.585  0.50 18.53 ? 101 MTN A H41  1 
HETATM 886  H H41  B MTN B 2 .  ? 1.241   4.617   11.606  0.50 18.61 ? 101 MTN A H41  1 
HETATM 887  H H42  A MTN B 2 .  ? 0.589   4.277   10.067  0.50 18.53 ? 101 MTN A H42  1 
HETATM 888  H H42  B MTN B 2 .  ? 0.489   4.031   10.127  0.50 18.61 ? 101 MTN A H42  1 
HETATM 889  H H61  A MTN B 2 .  ? 3.501   6.621   11.430  0.50 19.60 ? 101 MTN A H61  1 
HETATM 890  H H61  B MTN B 2 .  ? 3.443   6.432   11.442  0.50 19.48 ? 101 MTN A H61  1 
HETATM 891  H H62  A MTN B 2 .  ? 4.249   6.677   9.872   0.50 19.60 ? 101 MTN A H62  1 
HETATM 892  H H62  B MTN B 2 .  ? 4.184   6.460   9.879   0.50 19.48 ? 101 MTN A H62  1 
HETATM 893  H H63  A MTN B 2 .  ? 5.205   6.366   11.279  0.50 19.60 ? 101 MTN A H63  1 
HETATM 894  H H63  B MTN B 2 .  ? 5.142   6.153   11.285  0.50 19.48 ? 101 MTN A H63  1 
HETATM 895  H H71  A MTN B 2 .  ? 3.820   2.947   11.826  0.50 20.60 ? 101 MTN A H71  1 
HETATM 896  H H71  B MTN B 2 .  ? 3.780   2.746   11.871  0.50 20.41 ? 101 MTN A H71  1 
HETATM 897  H H72  A MTN B 2 .  ? 3.554   4.409   12.710  0.50 20.60 ? 101 MTN A H72  1 
HETATM 898  H H72  B MTN B 2 .  ? 3.502   4.208   12.751  0.50 20.41 ? 101 MTN A H72  1 
HETATM 899  H H73  A MTN B 2 .  ? 5.162   3.937   12.281  0.50 20.60 ? 101 MTN A H73  1 
HETATM 900  H H73  B MTN B 2 .  ? 5.111   3.763   12.301  0.50 20.41 ? 101 MTN A H73  1 
HETATM 901  H H81  A MTN B 2 .  ? 4.554   4.848   7.194   0.50 18.39 ? 101 MTN A H81  1 
HETATM 902  H H81  B MTN B 2 .  ? 4.492   4.750   7.263   0.50 18.37 ? 101 MTN A H81  1 
HETATM 903  H H82  A MTN B 2 .  ? 5.819   3.670   7.179   0.50 18.39 ? 101 MTN A H82  1 
HETATM 904  H H82  B MTN B 2 .  ? 5.746   3.560   7.198   0.50 18.37 ? 101 MTN A H82  1 
HETATM 905  H H83  A MTN B 2 .  ? 4.264   3.277   6.533   0.50 18.39 ? 101 MTN A H83  1 
HETATM 906  H H83  B MTN B 2 .  ? 4.187   3.213   6.534   0.50 18.37 ? 101 MTN A H83  1 
HETATM 907  H H91  A MTN B 2 .  ? 4.019   1.274   8.198   0.50 20.40 ? 101 MTN A H91  1 
HETATM 908  H H91  B MTN B 2 .  ? 3.991   1.133   8.087   0.50 20.41 ? 101 MTN A H91  1 
HETATM 909  H H92  A MTN B 2 .  ? 4.513   1.565   9.829   0.50 20.40 ? 101 MTN A H92  1 
HETATM 910  H H92  B MTN B 2 .  ? 4.483   1.345   9.732   0.50 20.41 ? 101 MTN A H92  1 
HETATM 911  H H93  A MTN B 2 .  ? 5.665   1.675   8.545   0.50 20.40 ? 101 MTN A H93  1 
HETATM 912  H H93  B MTN B 2 .  ? 5.628   1.556   8.453   0.50 20.41 ? 101 MTN A H93  1 
HETATM 913  O O    . HOH C 3 .  ? -2.490  -0.886  -10.874 1.00 33.75 ? 201 HOH A O    1 
HETATM 914  O O    . HOH C 3 .  ? -10.865 3.428   -0.621  1.00 32.90 ? 202 HOH A O    1 
HETATM 915  O O    . HOH C 3 .  ? -7.892  -2.223  10.896  1.00 31.77 ? 203 HOH A O    1 
HETATM 916  O O    . HOH C 3 .  ? -2.030  10.715  -1.753  1.00 34.31 ? 204 HOH A O    1 
HETATM 917  O O    . HOH C 3 .  ? -7.812  9.095   9.716   1.00 28.80 ? 205 HOH A O    1 
HETATM 918  O O    . HOH C 3 .  ? -15.261 2.388   4.239   1.00 40.46 ? 206 HOH A O    1 
HETATM 919  O O    . HOH C 3 .  ? 7.719   -6.046  -6.365  1.00 30.62 ? 207 HOH A O    1 
HETATM 920  O O    . HOH C 3 .  ? -6.720  -4.734  -10.875 1.00 28.53 ? 208 HOH A O    1 
HETATM 921  O O    . HOH C 3 .  ? 2.607   9.063   -2.690  1.00 32.58 ? 209 HOH A O    1 
HETATM 922  O O    . HOH C 3 .  ? 0.255   -3.101  10.932  1.00 22.02 ? 210 HOH A O    1 
HETATM 923  O O    . HOH C 3 .  ? 10.910  -7.523  -0.778  1.00 39.86 ? 211 HOH A O    1 
HETATM 924  O O    . HOH C 3 .  ? 3.986   -1.140  -10.386 1.00 32.59 ? 212 HOH A O    1 
HETATM 925  O O    . HOH C 3 .  ? 1.515   -10.351 -3.149  1.00 16.09 ? 213 HOH A O    1 
HETATM 926  O O    . HOH C 3 .  ? 8.283   3.096   8.389   1.00 15.31 ? 214 HOH A O    1 
HETATM 927  O O    . HOH C 3 .  ? 10.872  8.736   7.887   1.00 14.83 ? 215 HOH A O    1 
HETATM 928  O O    . HOH C 3 .  ? 10.933  -2.170  -0.591  1.00 23.27 ? 216 HOH A O    1 
HETATM 929  O O    . HOH C 3 .  ? -0.528  8.926   -6.496  1.00 23.37 ? 217 HOH A O    1 
HETATM 930  O O    . HOH C 3 .  ? -3.660  8.372   0.684   1.00 31.61 ? 218 HOH A O    1 
HETATM 931  O O    . HOH C 3 .  ? -9.834  -2.868  -10.501 1.00 25.91 ? 219 HOH A O    1 
HETATM 932  O O    . HOH C 3 .  ? 14.279  8.182   1.152   1.00 23.76 ? 220 HOH A O    1 
HETATM 933  O O    . HOH C 3 .  ? -0.889  -11.452 7.389   1.00 30.24 ? 221 HOH A O    1 
HETATM 934  O O    . HOH C 3 .  ? -2.820  5.111   10.013  1.00 16.94 ? 222 HOH A O    1 
HETATM 935  O O    . HOH C 3 .  ? 1.475   9.565   0.180   1.00 35.29 ? 223 HOH A O    1 
HETATM 936  O O    . HOH C 3 .  ? -8.418  1.410   0.674   1.00 30.96 ? 224 HOH A O    1 
HETATM 937  O O    . HOH C 3 .  ? -13.346 -3.767  4.119   1.00 24.34 ? 225 HOH A O    1 
HETATM 938  O O    . HOH C 3 .  ? 14.639  7.375   -2.699  1.00 20.91 ? 226 HOH A O    1 
HETATM 939  O O    . HOH C 3 .  ? -5.533  5.764   13.289  1.00 27.62 ? 227 HOH A O    1 
HETATM 940  O O    . HOH C 3 .  ? 10.429  6.934   -3.365  1.00 17.35 ? 228 HOH A O    1 
HETATM 941  O O    . HOH C 3 .  ? 14.195  4.668   1.562   1.00 17.19 ? 229 HOH A O    1 
HETATM 942  O O    . HOH C 3 .  ? -5.292  3.889   -7.749  1.00 23.67 ? 230 HOH A O    1 
HETATM 943  O O    . HOH C 3 .  ? 15.965  5.124   4.331   1.00 15.60 ? 231 HOH A O    1 
HETATM 944  O O    . HOH C 3 .  ? -8.533  3.391   9.939   1.00 35.26 ? 232 HOH A O    1 
HETATM 945  O O    . HOH C 3 .  ? 12.803  9.306   -2.340  1.00 28.69 ? 233 HOH A O    1 
HETATM 946  O O    . HOH C 3 .  ? 1.360   -6.073  -5.183  1.00 19.40 ? 234 HOH A O    1 
HETATM 947  O O    . HOH C 3 .  ? 13.474  3.273   -9.630  1.00 22.54 ? 235 HOH A O    1 
HETATM 948  O O    . HOH C 3 .  ? -2.818  -2.878  -8.153  1.00 19.81 ? 236 HOH A O    1 
HETATM 949  O O    . HOH C 3 .  ? 8.387   -1.720  6.560   1.00 18.93 ? 237 HOH A O    1 
HETATM 950  O O    . HOH C 3 .  ? -2.522  3.390   7.900   1.00 15.13 ? 238 HOH A O    1 
HETATM 951  O O    . HOH C 3 .  ? -2.939  9.750   4.290   1.00 33.63 ? 239 HOH A O    1 
HETATM 952  O O    . HOH C 3 .  ? 12.938  5.896   -10.322 1.00 18.60 ? 240 HOH A O    1 
HETATM 953  O O    . HOH C 3 .  ? -13.844 -6.277  5.624   1.00 25.08 ? 241 HOH A O    1 
HETATM 954  O O    . HOH C 3 .  ? -4.707  -4.975  -7.782  1.00 23.12 ? 242 HOH A O    1 
HETATM 955  O O    . HOH C 3 .  ? 11.279  8.711   -7.468  1.00 23.54 ? 243 HOH A O    1 
HETATM 956  O O    . HOH C 3 .  ? -10.447 -5.869  5.078   1.00 14.86 ? 244 HOH A O    1 
HETATM 957  O O    . HOH C 3 .  ? -8.107  -10.578 9.470   1.00 25.39 ? 245 HOH A O    1 
HETATM 958  O O    . HOH C 3 .  ? -13.798 0.053   5.610   1.00 30.53 ? 246 HOH A O    1 
HETATM 959  O O    . HOH C 3 .  ? 14.865  3.092   7.375   1.00 25.47 ? 247 HOH A O    1 
HETATM 960  O O    . HOH C 3 .  ? -3.799  -5.241  10.967  1.00 33.96 ? 248 HOH A O    1 
HETATM 961  O O    . HOH C 3 .  ? -10.326 -9.677  0.024   1.00 21.26 ? 249 HOH A O    1 
HETATM 962  O O    . HOH C 3 .  ? -5.878  8.237   4.313   1.00 25.61 ? 250 HOH A O    1 
HETATM 963  O O    . HOH C 3 .  ? 7.664   -9.398  -2.476  1.00 33.08 ? 251 HOH A O    1 
HETATM 964  O O    . HOH C 3 .  ? 6.156   10.628  -5.750  1.00 22.52 ? 252 HOH A O    1 
HETATM 965  O O    . HOH C 3 .  ? -12.872 1.536   8.186   1.00 39.55 ? 253 HOH A O    1 
HETATM 966  O O    . HOH C 3 .  ? -8.541  3.577   0.884   1.00 29.45 ? 254 HOH A O    1 
HETATM 967  O O    . HOH C 3 .  ? 5.823   -4.698  -9.710  1.00 23.05 ? 255 HOH A O    1 
HETATM 968  O O    . HOH C 3 .  ? 2.309   8.815   -10.620 1.00 22.55 ? 256 HOH A O    1 
HETATM 969  O O    . HOH C 3 .  ? 8.517   5.089   11.376  1.00 22.09 ? 257 HOH A O    1 
HETATM 970  O O    . HOH C 3 .  ? -15.565 -6.031  7.225   1.00 30.64 ? 258 HOH A O    1 
HETATM 971  O O    . HOH C 3 .  ? -11.127 -6.875  2.736   1.00 15.47 ? 259 HOH A O    1 
HETATM 972  O O    . HOH C 3 .  ? -9.411  1.366   -7.354  1.00 34.58 ? 260 HOH A O    1 
HETATM 973  O O    . HOH C 3 .  ? -7.448  2.553   -1.777  1.00 29.78 ? 261 HOH A O    1 
HETATM 974  O O    . HOH C 3 .  ? -11.999 -2.405  -7.219  1.00 28.89 ? 262 HOH A O    1 
HETATM 975  O O    . HOH C 3 .  ? 9.486   8.985   -5.037  1.00 29.92 ? 263 HOH A O    1 
HETATM 976  O O    . HOH C 3 .  ? -8.993  4.887   -4.892  1.00 40.32 ? 264 HOH A O    1 
HETATM 977  O O    . HOH C 3 .  ? -4.943  -7.709  -6.162  1.00 24.30 ? 265 HOH A O    1 
HETATM 978  O O    . HOH C 3 .  ? -0.770  -6.686  8.557   1.00 28.94 ? 266 HOH A O    1 
HETATM 979  O O    . HOH C 3 .  ? 8.338   10.242  -1.650  1.00 26.95 ? 267 HOH A O    1 
HETATM 980  O O    . HOH C 3 .  ? -4.301  -4.553  -11.849 1.00 34.53 ? 268 HOH A O    1 
HETATM 981  O O    . HOH C 3 .  ? -9.244  0.205   -11.335 1.00 36.19 ? 269 HOH A O    1 
HETATM 982  O O    . HOH C 3 .  ? -7.952  7.191   -0.549  1.00 38.68 ? 270 HOH A O    1 
HETATM 983  O O    . HOH C 3 .  ? 0.646   3.215   -11.380 1.00 30.63 ? 271 HOH A O    1 
HETATM 984  O O    . HOH C 3 .  ? -8.876  -1.278  -13.714 1.00 31.29 ? 272 HOH A O    1 
HETATM 985  O O    . HOH C 3 .  ? 3.166   -6.180  -8.846  1.00 37.53 ? 273 HOH A O    1 
HETATM 986  O O    . HOH C 3 .  ? 10.033  -3.910  1.021   1.00 30.29 ? 274 HOH A O    1 
HETATM 987  O O    . HOH C 3 .  ? -7.932  3.083   -7.511  1.00 34.71 ? 275 HOH A O    1 
HETATM 988  O O    . HOH C 3 .  ? -3.112  1.790   -10.913 1.00 26.32 ? 276 HOH A O    1 
HETATM 989  O O    . HOH C 3 .  ? 6.140   -4.729  9.290   1.00 35.15 ? 277 HOH A O    1 
HETATM 990  O O    . HOH C 3 .  ? -8.381  4.976   -2.624  1.00 33.79 ? 278 HOH A O    1 
HETATM 991  O O    . HOH C 3 .  ? -8.665  1.118   -9.540  1.00 41.03 ? 279 HOH A O    1 
HETATM 992  O O    . HOH C 3 .  ? -3.093  7.631   -5.707  1.00 28.34 ? 280 HOH A O    1 
HETATM 993  O O    . HOH C 3 .  ? -8.843  -3.772  -12.456 1.00 31.52 ? 281 HOH A O    1 
HETATM 994  O O    . HOH C 3 .  ? 3.311   10.691  -0.995  1.00 36.64 ? 282 HOH A O    1 
HETATM 995  O O    . HOH C 3 .  ? 8.847   1.013   -13.004 1.00 30.82 ? 283 HOH A O    1 
HETATM 996  O O    . HOH C 3 .  ? -11.471 2.375   13.776  1.00 44.35 ? 284 HOH A O    1 
HETATM 997  O O    . HOH C 3 .  ? -12.112 -2.685  13.002  1.00 31.95 ? 285 HOH A O    1 
HETATM 998  O O    . HOH C 3 .  ? 9.601   -6.568  1.375   1.00 25.90 ? 286 HOH A O    1 
HETATM 999  O O    . HOH C 3 .  ? 9.224   1.128   10.023  1.00 20.77 ? 287 HOH A O    1 
HETATM 1000 O O    . HOH C 3 .  ? 8.549   10.981  -4.192  1.00 34.46 ? 288 HOH A O    1 
HETATM 1001 O O    . HOH C 3 .  ? 5.060   12.386  -4.780  1.00 25.66 ? 289 HOH A O    1 
HETATM 1002 O O    . HOH C 3 .  ? 15.307  7.806   3.721   1.00 19.71 ? 290 HOH A O    1 
HETATM 1003 O O    . HOH C 3 .  ? -6.696  -11.872 11.593  1.00 27.88 ? 291 HOH A O    1 
HETATM 1004 O O    . HOH C 3 .  ? -0.833  -4.135  -9.196  1.00 34.22 ? 292 HOH A O    1 
HETATM 1005 O O    . HOH C 3 .  ? 6.966   -0.376  10.596  1.00 27.89 ? 293 HOH A O    1 
HETATM 1006 O O    . HOH C 3 .  ? 6.817   -1.660  8.652   1.00 32.54 ? 294 HOH A O    1 
HETATM 1007 O O    . HOH C 3 .  ? -5.196  6.557   -6.778  1.00 24.90 ? 295 HOH A O    1 
HETATM 1008 O O    . HOH C 3 .  ? -7.467  6.339   -5.340  1.00 37.60 ? 296 HOH A O    1 
# 
